data_6IFK
#
_entry.id   6IFK
#
loop_
_entity.id
_entity.type
_entity.pdbx_description
1 polymer 'Type III-A CRISPR-associated protein Csm1'
2 polymer 'Type III-A CRISPR-associated protein Csm2'
3 polymer 'Type III-A CRISPR-associated RAMP protein Csm3'
4 polymer 'Type III-A CRISPR-associated RAMP protein Csm4'
5 polymer 'Type III-A CRISPR-associated RAMP protein Csm5'
6 polymer crRNA
7 polymer CTR1
8 non-polymer 'PHOSPHOAMINOPHOSPHONIC ACID-ADENYLATE ESTER'
9 non-polymer 'MAGNESIUM ION'
10 non-polymer 'ZINC ION'
#
loop_
_entity_poly.entity_id
_entity_poly.type
_entity_poly.pdbx_seq_one_letter_code
_entity_poly.pdbx_strand_id
1 'polypeptide(L)'
;MKKEKIDLFYGALLHNIGKVIQRATGERKKHALVGADWFDEIADNQVISDQIRYHMANYQSDKLGNDHLAYITYIADNIA
SGVDRRQSNEESDEDTSAKIWDTYTNQADIFNVFGAQTDKRYFKPTVLNLKSKPNFASATYEPFSKGDYAAIATRIKNEL
AEFEFNQVQIDSLLNLFEATLSFVPSSTNTKEIADISLADHSRLTAAFALAIYDYLEDKGRHNYKEDLFTKVSAFYEEEA
FLLASFDLSGIQDFIYNINIATNGAAKQLKARSLYLDFMSEYIADSLLDKLGLNRANMLYVGGGHAYFVLANTEKTVETL
VQFEKDFNQFLLANFQTRLYVAFGWGSFAAKDIMSELNSPESYRQVYQKASRMISKKKISRYDYQTLMLLNRGGKSSERE
CEICHSVENLVSYHDQKVCDICRGLYQFSKEIAHDHFIITENEGLPIGPNACLKGVAFEKLSQEAFSRVYVKNDYKAGTV
KATHVFVGDYQCDEIYNYAALSKNENGLGIKRLAVVRLDVDDLGAAFMAGFSQQGNGQYSTLSRSATFSRSMSLFFKVYI
NQFASDKKLSIIYAGGDDVFAIGSWQDIIAFTVELRENFIKWTNGKLTLSAGIGLFADKTPISLMAHQTGELEEAAKGNE
KDSISLFSSDYTFKFDRFITNVYDDKLEQIRYFFNHQDERGKNFIYKLIELLRNHDRMNMARLAYYLTRLEELTRETDRD
KFKTFKNLFYSWYTNKNDKDRKEAELALLLYIYEIRKD
;
A
2 'polypeptide(L)'
;MTILTDENYVDIAEKAILKLERNTRNRKNPDAFFLTTSKLRNLLSLTSTLFDESKVKEYDALLDRIAYLRVQFVYQAGRE
IAVKDLIEKAQILEALKEIKDRETLQRFCRYMEALVAYFKFYGGKD
;
D,C
3 'polypeptide(L)'
;MTFAKIKFSAQIRLETGLHIGGSDAFAAIGAINSPVIKDPITNLPIIPGSSLKGKMRTLLAKVYNEKVAEKPSDDSDILS
RLFGNSKDKRFKMGRLIFRDAFLSNADELDSLGVRSYTEVKFENTIDRITAEANPRQIERAIRNSTFDFELIYEITDENE
NQVEEDFKVIRDGLKLLELDYLGGSGSRGYGKVAFENLKATTVFGNYDVKTLNELLTAEV
;
G,F,E
4 'polypeptide(L)'
;MTYKLYIMTFQNAHFGSGTLDSSKLTFSADRIFSALVLEALKMGKLDAFLAEANQDKFTLTDAFPFQFGPFLPKPIGYPK
HDQIDQSVDVKEVRRQAKLSKKLQFLALENVDDYLNGELFENEEHAVIDTVTKNQPHKDDNLYQVATTRFSNDTSLYVIA
NESDLLNELMSSLQYSGLGGKRSSGFGRFELDIQNIPLELSDRLTKNHSDKVMSLTTALPVDADLEEAMEDGHYLLTKSS
GFAFSHATNENYRKQDLYKFASGSTFSKTFEGQIVDVRPLDFPHAVLNYAKPLFFKLEV
;
B
5 'polypeptide(L)'
;MKNDYRTFKLSLLTLAPIHIGNGEKYTSREFIYENKKFYFPDMGKFYNKMVEKRLAEKFEAFLIQTRPNARNNRLISFLN
DNRIAERSFGGYSISETGLESDKNPNSAGAINEVNKFIRDAFGNPYIPGSSLKGAIRTILMNTTPKWNNENAVNDFGRFP
KENKNLIPWGPKKGKEYDDLFNAIRVSDSKPFDNKSLILVQKWDYSAKTNKAKPLPLYRESISPLTKIEFEITTTTDEAG
RLIEELGKRAQAFYKDYKAFFLSEFPDDKIQANLQYPIYLGAGSGAWTKTLFKQADGILQRRYSRMKTKMVKKGVLKLTK
APLKTVKIPSGNHSLVKNHESFYEMGKANFMIKEIDK
;
H
6 'polyribonucleotide' ACGGAAACGCUUUCUAGCUCGCUAUAAUUACCCA N
7 'polyribonucleotide' GGUAGGAAUGGGUAAUUAUAGCGAGCUAGAAAGCCAAAGGUC J
#
loop_
_chem_comp.id
_chem_comp.type
_chem_comp.name
_chem_comp.formula
A RNA linking ADENOSINE-5'-MONOPHOSPHATE 'C10 H14 N5 O7 P'
ANP non-polymer 'PHOSPHOAMINOPHOSPHONIC ACID-ADENYLATE ESTER' 'C10 H17 N6 O12 P3'
C RNA linking CYTIDINE-5'-MONOPHOSPHATE 'C9 H14 N3 O8 P'
G RNA linking GUANOSINE-5'-MONOPHOSPHATE 'C10 H14 N5 O8 P'
MG non-polymer 'MAGNESIUM ION' 'Mg 2'
U RNA linking URIDINE-5'-MONOPHOSPHATE 'C9 H13 N2 O9 P'
ZN non-polymer 'ZINC ION' 'Zn 2'
#
# COMPACT_ATOMS: atom_id res chain seq x y z
N LYS A 2 -35.13 -20.66 -58.43
CA LYS A 2 -35.81 -21.14 -59.63
C LYS A 2 -36.72 -20.07 -60.21
N LYS A 3 -37.90 -20.49 -60.67
CA LYS A 3 -38.90 -19.57 -61.21
C LYS A 3 -40.19 -19.56 -60.40
N GLU A 4 -40.45 -20.60 -59.61
CA GLU A 4 -41.63 -20.65 -58.75
C GLU A 4 -41.28 -21.09 -57.35
N LYS A 5 -40.01 -20.93 -56.97
CA LYS A 5 -39.61 -20.93 -55.58
C LYS A 5 -39.79 -19.54 -54.97
N ILE A 6 -39.95 -18.53 -55.82
CA ILE A 6 -40.12 -17.15 -55.36
C ILE A 6 -41.49 -16.97 -54.72
N ASP A 7 -42.54 -17.26 -55.48
CA ASP A 7 -43.90 -17.05 -55.02
C ASP A 7 -44.27 -17.95 -53.86
N LEU A 8 -43.68 -19.15 -53.78
CA LEU A 8 -43.88 -19.98 -52.60
C LEU A 8 -43.23 -19.35 -51.38
N PHE A 9 -42.06 -18.72 -51.56
CA PHE A 9 -41.40 -18.02 -50.46
C PHE A 9 -42.25 -16.87 -49.96
N TYR A 10 -42.68 -15.97 -50.86
CA TYR A 10 -43.44 -14.80 -50.43
C TYR A 10 -44.82 -15.17 -49.90
N GLY A 11 -45.47 -16.16 -50.52
CA GLY A 11 -46.76 -16.58 -50.02
C GLY A 11 -46.70 -17.33 -48.72
N ALA A 12 -45.54 -17.86 -48.36
CA ALA A 12 -45.31 -18.40 -47.02
C ALA A 12 -44.65 -17.37 -46.12
N LEU A 13 -44.58 -16.12 -46.55
CA LEU A 13 -44.08 -15.01 -45.76
C LEU A 13 -45.08 -13.87 -45.66
N LEU A 14 -45.80 -13.58 -46.73
CA LEU A 14 -46.86 -12.57 -46.70
C LEU A 14 -48.19 -13.16 -46.27
N HIS A 15 -48.26 -14.45 -45.98
CA HIS A 15 -49.47 -14.97 -45.38
C HIS A 15 -49.46 -14.61 -43.91
N ASN A 16 -50.66 -14.66 -43.30
CA ASN A 16 -50.94 -14.08 -41.98
C ASN A 16 -50.48 -12.62 -41.90
N ILE A 17 -50.67 -11.88 -43.00
CA ILE A 17 -50.52 -10.43 -42.96
C ILE A 17 -51.85 -9.76 -42.69
N GLY A 18 -52.96 -10.47 -42.87
CA GLY A 18 -54.24 -10.06 -42.35
C GLY A 18 -54.31 -10.02 -40.85
N LYS A 19 -53.39 -10.71 -40.17
CA LYS A 19 -53.13 -10.57 -38.74
C LYS A 19 -52.43 -9.28 -38.37
N VAL A 20 -52.23 -8.35 -39.31
CA VAL A 20 -51.82 -6.99 -38.99
C VAL A 20 -52.98 -6.02 -39.24
N ILE A 21 -53.58 -6.09 -40.43
CA ILE A 21 -54.64 -5.16 -40.80
C ILE A 21 -55.91 -5.45 -40.00
N GLN A 22 -56.35 -6.71 -39.99
CA GLN A 22 -57.51 -7.11 -39.21
C GLN A 22 -57.27 -6.93 -37.72
N ARG A 23 -56.04 -7.13 -37.27
CA ARG A 23 -55.73 -6.94 -35.86
C ARG A 23 -55.65 -5.46 -35.50
N ALA A 24 -55.42 -4.59 -36.48
CA ALA A 24 -55.40 -3.15 -36.23
C ALA A 24 -56.80 -2.54 -36.26
N THR A 25 -57.51 -2.71 -37.38
CA THR A 25 -58.80 -2.04 -37.51
C THR A 25 -59.95 -2.82 -36.89
N GLY A 26 -59.71 -4.05 -36.43
CA GLY A 26 -60.74 -4.83 -35.79
C GLY A 26 -61.83 -5.29 -36.73
N GLU A 27 -61.48 -5.61 -37.96
CA GLU A 27 -62.46 -5.97 -38.98
C GLU A 27 -62.99 -7.38 -38.73
N ARG A 28 -64.25 -7.60 -39.11
CA ARG A 28 -64.92 -8.87 -38.87
C ARG A 28 -64.56 -9.95 -39.89
N LYS A 29 -63.87 -9.58 -40.97
CA LYS A 29 -63.46 -10.55 -41.97
C LYS A 29 -62.24 -11.33 -41.49
N LYS A 30 -62.19 -12.60 -41.88
CA LYS A 30 -61.11 -13.51 -41.48
C LYS A 30 -59.77 -13.04 -42.05
N HIS A 31 -58.70 -13.20 -41.25
CA HIS A 31 -57.37 -12.72 -41.60
C HIS A 31 -56.79 -13.42 -42.83
N ALA A 32 -57.31 -14.58 -43.18
CA ALA A 32 -56.96 -15.24 -44.43
C ALA A 32 -57.61 -14.59 -45.65
N LEU A 33 -58.40 -13.53 -45.44
CA LEU A 33 -59.01 -12.78 -46.53
C LEU A 33 -58.73 -11.29 -46.48
N VAL A 34 -58.45 -10.71 -45.31
CA VAL A 34 -58.24 -9.27 -45.18
C VAL A 34 -56.99 -8.84 -45.92
N GLY A 35 -55.83 -9.34 -45.50
CA GLY A 35 -54.61 -9.11 -46.23
C GLY A 35 -54.57 -9.75 -47.60
N ALA A 36 -55.34 -10.82 -47.79
CA ALA A 36 -55.37 -11.50 -49.08
C ALA A 36 -56.04 -10.65 -50.14
N ASP A 37 -57.08 -9.91 -49.77
CA ASP A 37 -57.71 -8.98 -50.70
C ASP A 37 -57.01 -7.64 -50.72
N TRP A 38 -56.33 -7.29 -49.63
CA TRP A 38 -55.51 -6.09 -49.60
C TRP A 38 -54.30 -6.21 -50.51
N PHE A 39 -53.80 -7.43 -50.72
CA PHE A 39 -52.58 -7.68 -51.49
C PHE A 39 -52.69 -7.25 -52.94
N ASP A 40 -53.90 -7.21 -53.49
CA ASP A 40 -54.10 -6.79 -54.87
C ASP A 40 -54.02 -5.28 -55.06
N GLU A 41 -53.96 -4.50 -53.98
CA GLU A 41 -53.89 -3.06 -54.11
C GLU A 41 -52.53 -2.59 -54.61
N ILE A 42 -51.48 -3.32 -54.26
CA ILE A 42 -50.11 -2.82 -54.40
C ILE A 42 -49.43 -3.38 -55.64
N ALA A 43 -49.76 -4.62 -56.00
CA ALA A 43 -49.15 -5.26 -57.16
C ALA A 43 -50.07 -6.35 -57.65
N ASP A 44 -49.85 -6.77 -58.89
CA ASP A 44 -50.65 -7.81 -59.54
C ASP A 44 -49.77 -9.05 -59.67
N ASN A 45 -49.99 -10.01 -58.77
CA ASN A 45 -49.30 -11.30 -58.85
C ASN A 45 -50.25 -12.33 -58.25
N GLN A 46 -50.95 -13.07 -59.13
CA GLN A 46 -51.96 -14.02 -58.69
C GLN A 46 -51.36 -15.22 -57.97
N VAL A 47 -50.08 -15.52 -58.22
CA VAL A 47 -49.48 -16.72 -57.67
C VAL A 47 -49.26 -16.60 -56.16
N ILE A 48 -48.76 -15.46 -55.71
CA ILE A 48 -48.62 -15.22 -54.28
C ILE A 48 -49.98 -15.03 -53.64
N SER A 49 -50.88 -14.35 -54.35
CA SER A 49 -52.19 -13.97 -53.82
C SER A 49 -53.04 -15.20 -53.54
N ASP A 50 -53.08 -16.14 -54.49
CA ASP A 50 -53.86 -17.37 -54.30
C ASP A 50 -53.26 -18.27 -53.22
N GLN A 51 -51.99 -18.07 -52.85
CA GLN A 51 -51.49 -18.71 -51.65
C GLN A 51 -51.97 -17.98 -50.41
N ILE A 52 -52.03 -16.64 -50.45
CA ILE A 52 -52.49 -15.89 -49.29
C ILE A 52 -54.00 -16.07 -49.12
N ARG A 53 -54.76 -16.18 -50.21
CA ARG A 53 -56.18 -16.48 -50.12
C ARG A 53 -56.48 -17.85 -49.52
N TYR A 54 -55.54 -18.79 -49.60
CA TYR A 54 -55.83 -20.17 -49.20
C TYR A 54 -54.77 -20.76 -48.27
N HIS A 55 -54.02 -19.94 -47.53
CA HIS A 55 -52.92 -20.47 -46.75
C HIS A 55 -53.41 -21.22 -45.52
N MET A 56 -54.58 -20.87 -44.99
CA MET A 56 -55.06 -21.55 -43.81
C MET A 56 -55.60 -22.93 -44.13
N ALA A 57 -56.14 -23.10 -45.35
CA ALA A 57 -56.73 -24.35 -45.84
C ALA A 57 -57.81 -24.87 -44.89
N ASN A 58 -58.60 -23.95 -44.34
CA ASN A 58 -59.67 -24.29 -43.42
C ASN A 58 -60.95 -23.59 -43.87
N TYR A 59 -60.81 -22.50 -44.61
CA TYR A 59 -61.95 -21.87 -45.25
C TYR A 59 -62.36 -22.65 -46.49
N GLN A 60 -61.38 -23.11 -47.27
CA GLN A 60 -61.63 -23.97 -48.42
C GLN A 60 -60.69 -25.17 -48.32
N SER A 61 -61.26 -26.33 -48.01
CA SER A 61 -60.44 -27.53 -47.83
C SER A 61 -59.87 -28.04 -49.15
N ASP A 62 -60.74 -28.38 -50.09
CA ASP A 62 -60.33 -28.83 -51.41
C ASP A 62 -61.00 -27.96 -52.46
N LYS A 63 -60.40 -26.80 -52.71
CA LYS A 63 -60.78 -25.93 -53.81
C LYS A 63 -59.60 -25.62 -54.73
N LEU A 64 -58.45 -25.27 -54.16
CA LEU A 64 -57.27 -24.88 -54.92
C LEU A 64 -56.62 -26.07 -55.61
N ASP A 67 -52.91 -29.20 -58.24
CA ASP A 67 -51.76 -28.86 -57.42
C ASP A 67 -51.85 -27.41 -56.99
N HIS A 68 -51.40 -27.14 -55.76
CA HIS A 68 -51.34 -25.79 -55.25
C HIS A 68 -50.31 -25.75 -54.13
N LEU A 69 -49.72 -24.57 -53.91
CA LEU A 69 -48.58 -24.44 -53.02
C LEU A 69 -48.95 -23.95 -51.63
N ALA A 70 -50.24 -23.83 -51.31
CA ALA A 70 -50.60 -23.47 -49.95
C ALA A 70 -50.62 -24.66 -49.00
N TYR A 71 -50.49 -25.87 -49.53
CA TYR A 71 -50.31 -27.03 -48.66
C TYR A 71 -48.95 -26.97 -47.97
N ILE A 72 -47.92 -26.62 -48.73
CA ILE A 72 -46.59 -26.39 -48.17
C ILE A 72 -46.63 -25.27 -47.16
N THR A 73 -47.37 -24.20 -47.46
CA THR A 73 -47.48 -23.06 -46.56
C THR A 73 -48.18 -23.43 -45.27
N TYR A 74 -49.23 -24.26 -45.35
CA TYR A 74 -49.94 -24.65 -44.14
C TYR A 74 -49.13 -25.61 -43.29
N ILE A 75 -48.43 -26.57 -43.91
CA ILE A 75 -47.62 -27.49 -43.11
C ILE A 75 -46.42 -26.77 -42.51
N ALA A 76 -45.84 -25.79 -43.22
CA ALA A 76 -44.75 -25.03 -42.65
C ALA A 76 -45.23 -24.07 -41.58
N ASP A 77 -46.49 -23.63 -41.64
CA ASP A 77 -47.04 -22.78 -40.62
C ASP A 77 -47.37 -23.58 -39.36
N ASN A 78 -47.74 -24.86 -39.53
CA ASN A 78 -47.87 -25.73 -38.36
C ASN A 78 -46.52 -26.03 -37.73
N ILE A 79 -45.51 -26.31 -38.56
CA ILE A 79 -44.21 -26.74 -38.04
C ILE A 79 -43.48 -25.57 -37.40
N ALA A 80 -43.54 -24.39 -38.01
CA ALA A 80 -42.82 -23.23 -37.51
C ALA A 80 -43.39 -22.69 -36.21
N SER A 81 -44.60 -23.09 -35.82
CA SER A 81 -45.15 -22.76 -34.52
C SER A 81 -44.62 -23.73 -33.46
N GLY A 82 -45.13 -23.57 -32.25
CA GLY A 82 -44.82 -24.50 -31.18
C GLY A 82 -45.87 -25.56 -30.94
N VAL A 83 -46.92 -25.59 -31.75
CA VAL A 83 -48.01 -26.55 -31.57
C VAL A 83 -48.60 -26.83 -32.95
N ASP A 84 -49.80 -27.41 -32.96
CA ASP A 84 -50.55 -27.67 -34.19
C ASP A 84 -51.58 -26.56 -34.33
N ARG A 85 -51.16 -25.45 -34.95
CA ARG A 85 -52.01 -24.28 -35.11
C ARG A 85 -52.79 -24.35 -36.41
N THR A 103 -58.37 -13.55 -26.89
CA THR A 103 -57.95 -13.12 -28.23
C THR A 103 -57.44 -11.69 -28.20
N TYR A 104 -57.17 -11.20 -26.99
CA TYR A 104 -56.85 -9.78 -26.78
C TYR A 104 -55.64 -9.64 -25.86
N THR A 105 -54.58 -10.39 -26.16
CA THR A 105 -53.33 -10.29 -25.43
C THR A 105 -52.22 -9.86 -26.38
N ASN A 106 -51.31 -9.02 -25.87
CA ASN A 106 -50.14 -8.61 -26.63
C ASN A 106 -49.12 -9.74 -26.68
N GLN A 107 -47.99 -9.50 -27.33
CA GLN A 107 -46.95 -10.52 -27.39
C GLN A 107 -46.28 -10.67 -26.04
N ALA A 108 -46.22 -11.90 -25.56
CA ALA A 108 -45.56 -12.20 -24.31
C ALA A 108 -44.05 -12.02 -24.43
N ASP A 109 -43.40 -11.89 -23.28
CA ASP A 109 -41.95 -11.84 -23.27
C ASP A 109 -41.40 -13.23 -23.55
N ILE A 110 -40.19 -13.27 -24.10
CA ILE A 110 -39.55 -14.54 -24.43
C ILE A 110 -39.23 -15.30 -23.16
N PHE A 111 -38.94 -14.56 -22.09
CA PHE A 111 -38.49 -15.14 -20.83
C PHE A 111 -39.64 -15.46 -19.89
N ASN A 112 -40.88 -15.45 -20.37
CA ASN A 112 -41.98 -15.95 -19.57
C ASN A 112 -41.95 -17.47 -19.48
N VAL A 113 -41.55 -18.15 -20.56
CA VAL A 113 -41.48 -19.60 -20.59
C VAL A 113 -40.06 -20.09 -20.34
N PHE A 114 -39.22 -19.28 -19.73
CA PHE A 114 -37.80 -19.57 -19.59
C PHE A 114 -37.50 -19.92 -18.14
N GLY A 115 -36.89 -21.08 -17.92
CA GLY A 115 -36.19 -21.34 -16.67
C GLY A 115 -37.12 -21.49 -15.49
N ALA A 116 -36.81 -20.77 -14.42
CA ALA A 116 -37.70 -20.71 -13.27
C ALA A 116 -38.91 -19.83 -13.59
N GLN A 117 -39.89 -19.84 -12.71
CA GLN A 117 -41.10 -19.09 -12.96
C GLN A 117 -41.02 -17.73 -12.27
N THR A 118 -41.40 -16.69 -13.00
CA THR A 118 -41.48 -15.32 -12.50
C THR A 118 -42.77 -14.73 -13.03
N ASP A 119 -42.87 -13.41 -13.00
CA ASP A 119 -44.05 -12.71 -13.50
C ASP A 119 -44.19 -12.85 -15.02
N LYS A 120 -45.43 -12.73 -15.47
CA LYS A 120 -45.72 -12.75 -16.90
C LYS A 120 -45.56 -11.35 -17.47
N ARG A 121 -44.61 -11.18 -18.38
CA ARG A 121 -44.29 -9.88 -18.94
C ARG A 121 -44.66 -9.85 -20.42
N TYR A 122 -45.00 -8.66 -20.92
CA TYR A 122 -45.58 -8.51 -22.24
C TYR A 122 -44.94 -7.32 -22.94
N PHE A 123 -44.77 -7.42 -24.24
CA PHE A 123 -44.17 -6.34 -24.99
C PHE A 123 -45.20 -5.32 -25.43
N LYS A 124 -44.77 -4.07 -25.46
CA LYS A 124 -45.52 -3.04 -26.14
C LYS A 124 -45.12 -3.05 -27.61
N PRO A 125 -46.07 -3.22 -28.54
CA PRO A 125 -45.70 -3.33 -29.95
C PRO A 125 -45.15 -2.03 -30.55
N THR A 126 -43.87 -2.04 -30.87
CA THR A 126 -43.18 -0.88 -31.42
C THR A 126 -42.41 -1.29 -32.67
N VAL A 127 -41.96 -0.29 -33.42
CA VAL A 127 -40.99 -0.50 -34.47
C VAL A 127 -39.59 -0.42 -33.87
N LEU A 128 -38.58 -0.55 -34.71
CA LEU A 128 -37.19 -0.52 -34.27
C LEU A 128 -36.45 0.62 -34.94
N ASN A 129 -35.40 1.09 -34.27
CA ASN A 129 -34.54 2.14 -34.81
C ASN A 129 -33.19 2.05 -34.12
N LEU A 130 -32.19 2.67 -34.74
CA LEU A 130 -30.88 2.75 -34.11
C LEU A 130 -30.88 3.74 -32.96
N LYS A 131 -31.77 4.72 -33.00
CA LYS A 131 -31.87 5.74 -31.97
C LYS A 131 -32.98 5.46 -30.97
N SER A 132 -33.78 4.43 -31.21
CA SER A 132 -34.87 4.11 -30.31
C SER A 132 -34.35 3.52 -29.02
N LYS A 133 -34.91 3.98 -27.91
CA LYS A 133 -34.72 3.32 -26.64
C LYS A 133 -35.36 1.92 -26.70
N PRO A 134 -34.85 0.95 -25.92
CA PRO A 134 -35.37 -0.42 -26.03
C PRO A 134 -36.82 -0.60 -25.62
N ASN A 135 -37.31 -1.82 -25.78
CA ASN A 135 -38.74 -2.09 -25.72
C ASN A 135 -39.01 -3.06 -24.59
N PHE A 136 -38.51 -2.73 -23.40
CA PHE A 136 -38.54 -3.63 -22.23
C PHE A 136 -39.96 -4.03 -21.87
N ALA A 137 -40.16 -5.33 -21.70
CA ALA A 137 -41.48 -5.85 -21.37
C ALA A 137 -41.84 -5.50 -19.93
N SER A 138 -43.13 -5.62 -19.64
CA SER A 138 -43.64 -5.40 -18.28
C SER A 138 -44.94 -6.16 -18.13
N ALA A 139 -45.29 -6.44 -16.87
CA ALA A 139 -46.52 -7.14 -16.56
C ALA A 139 -47.76 -6.26 -16.70
N THR A 140 -47.58 -4.96 -16.90
CA THR A 140 -48.69 -4.01 -17.02
C THR A 140 -49.10 -3.80 -18.47
N TYR A 141 -48.86 -4.78 -19.34
CA TYR A 141 -49.31 -4.75 -20.73
C TYR A 141 -50.17 -5.96 -21.04
N GLU A 142 -50.81 -6.52 -20.02
CA GLU A 142 -51.83 -7.55 -20.21
C GLU A 142 -52.96 -7.20 -21.17
N PRO A 143 -53.57 -5.99 -21.17
CA PRO A 143 -54.59 -5.72 -22.19
C PRO A 143 -53.97 -5.55 -23.57
N PHE A 144 -54.82 -5.65 -24.57
CA PHE A 144 -54.39 -5.61 -25.95
C PHE A 144 -54.12 -4.17 -26.38
N SER A 145 -53.00 -3.96 -27.07
CA SER A 145 -52.62 -2.64 -27.57
C SER A 145 -53.01 -2.57 -29.04
N LYS A 146 -54.01 -1.76 -29.35
CA LYS A 146 -54.53 -1.61 -30.70
C LYS A 146 -54.08 -0.32 -31.38
N GLY A 147 -54.05 0.78 -30.63
CA GLY A 147 -53.68 2.07 -31.20
C GLY A 147 -52.22 2.19 -31.60
N ASP A 148 -51.37 1.26 -31.14
CA ASP A 148 -49.97 1.26 -31.52
C ASP A 148 -49.72 0.63 -32.88
N TYR A 149 -50.74 0.04 -33.51
CA TYR A 149 -50.58 -0.62 -34.79
C TYR A 149 -50.72 0.31 -35.98
N ALA A 150 -51.40 1.44 -35.82
CA ALA A 150 -51.61 2.34 -36.94
C ALA A 150 -50.31 3.01 -37.37
N ALA A 151 -49.38 3.19 -36.44
CA ALA A 151 -48.02 3.58 -36.82
C ALA A 151 -47.26 2.44 -37.48
N ILE A 152 -47.57 1.20 -37.09
CA ILE A 152 -46.85 0.05 -37.63
C ILE A 152 -47.34 -0.28 -39.02
N ALA A 153 -48.66 -0.47 -39.18
CA ALA A 153 -49.22 -1.04 -40.41
C ALA A 153 -49.04 -0.12 -41.60
N THR A 154 -49.23 1.19 -41.40
CA THR A 154 -48.95 2.14 -42.47
C THR A 154 -47.48 2.16 -42.84
N ARG A 155 -46.60 1.94 -41.85
CA ARG A 155 -45.18 1.76 -42.11
C ARG A 155 -44.93 0.52 -42.98
N ILE A 156 -45.79 -0.49 -42.87
CA ILE A 156 -45.79 -1.58 -43.83
C ILE A 156 -46.21 -1.07 -45.20
N LYS A 157 -47.30 -0.29 -45.25
CA LYS A 157 -47.97 -0.04 -46.52
C LYS A 157 -47.25 1.00 -47.37
N ASN A 158 -46.16 1.59 -46.92
CA ASN A 158 -45.43 2.52 -47.76
C ASN A 158 -44.48 1.78 -48.71
N GLU A 159 -43.47 1.12 -48.15
CA GLU A 159 -42.44 0.49 -48.98
C GLU A 159 -42.95 -0.77 -49.67
N LEU A 160 -44.01 -1.38 -49.15
CA LEU A 160 -44.64 -2.49 -49.85
C LEU A 160 -45.55 -2.00 -50.96
N ALA A 161 -45.85 -0.70 -51.02
CA ALA A 161 -46.70 -0.16 -52.08
C ALA A 161 -46.01 -0.17 -53.44
N GLU A 162 -44.68 -0.21 -53.47
CA GLU A 162 -43.91 -0.33 -54.71
C GLU A 162 -42.80 -1.34 -54.42
N PHE A 163 -43.03 -2.59 -54.77
CA PHE A 163 -42.13 -3.67 -54.40
C PHE A 163 -42.06 -4.68 -55.55
N GLU A 164 -40.91 -5.34 -55.68
CA GLU A 164 -40.69 -6.30 -56.75
C GLU A 164 -40.41 -7.68 -56.16
N PHE A 165 -41.07 -8.69 -56.71
CA PHE A 165 -41.12 -10.04 -56.15
C PHE A 165 -40.09 -10.92 -56.86
N ASN A 166 -38.82 -10.76 -56.47
CA ASN A 166 -37.73 -11.52 -57.09
C ASN A 166 -36.54 -11.56 -56.13
N GLN A 167 -35.40 -12.04 -56.65
CA GLN A 167 -34.17 -12.12 -55.86
C GLN A 167 -33.52 -10.76 -55.63
N VAL A 168 -33.92 -9.74 -56.39
CA VAL A 168 -33.39 -8.41 -56.21
C VAL A 168 -33.78 -7.87 -54.84
N GLN A 169 -35.00 -8.15 -54.42
CA GLN A 169 -35.53 -7.72 -53.13
C GLN A 169 -36.04 -8.89 -52.32
N ILE A 170 -35.35 -10.03 -52.41
CA ILE A 170 -35.71 -11.21 -51.64
C ILE A 170 -35.27 -11.08 -50.20
N ASP A 171 -34.39 -10.11 -49.92
CA ASP A 171 -33.79 -9.92 -48.61
C ASP A 171 -34.19 -8.58 -48.00
N SER A 172 -34.69 -7.64 -48.79
CA SER A 172 -35.08 -6.35 -48.26
C SER A 172 -36.42 -6.40 -47.55
N LEU A 173 -37.29 -7.37 -47.88
CA LEU A 173 -38.57 -7.49 -47.19
C LEU A 173 -38.39 -8.09 -45.81
N LEU A 174 -37.31 -8.87 -45.62
CA LEU A 174 -37.08 -9.48 -44.31
C LEU A 174 -36.74 -8.44 -43.25
N ASN A 175 -35.99 -7.40 -43.61
CA ASN A 175 -35.81 -6.32 -42.65
C ASN A 175 -37.07 -5.49 -42.51
N LEU A 176 -37.88 -5.38 -43.57
CA LEU A 176 -39.15 -4.67 -43.48
C LEU A 176 -40.10 -5.34 -42.49
N PHE A 177 -40.04 -6.66 -42.38
CA PHE A 177 -40.77 -7.30 -41.29
C PHE A 177 -40.05 -7.17 -39.96
N GLU A 178 -38.75 -7.44 -39.93
CA GLU A 178 -38.04 -7.49 -38.66
C GLU A 178 -37.80 -6.12 -38.05
N ALA A 179 -37.99 -5.04 -38.80
CA ALA A 179 -37.99 -3.71 -38.18
C ALA A 179 -39.29 -3.45 -37.44
N THR A 180 -40.40 -3.89 -38.01
CA THR A 180 -41.72 -3.48 -37.60
C THR A 180 -42.53 -4.57 -36.91
N LEU A 181 -42.38 -5.82 -37.33
CA LEU A 181 -43.16 -6.92 -36.78
C LEU A 181 -42.40 -7.68 -35.71
N SER A 182 -41.35 -7.09 -35.14
CA SER A 182 -40.53 -7.81 -34.17
C SER A 182 -41.21 -7.94 -32.82
N PHE A 183 -42.14 -7.05 -32.50
CA PHE A 183 -42.85 -7.11 -31.23
C PHE A 183 -44.34 -7.19 -31.48
N VAL A 184 -44.74 -8.04 -32.42
CA VAL A 184 -46.13 -8.22 -32.81
C VAL A 184 -46.47 -9.69 -32.62
N PRO A 185 -47.51 -10.04 -31.87
CA PRO A 185 -47.80 -11.46 -31.62
C PRO A 185 -48.35 -12.19 -32.83
N SER A 186 -48.65 -13.48 -32.65
CA SER A 186 -49.22 -14.29 -33.71
C SER A 186 -50.35 -15.13 -33.14
N SER A 187 -51.57 -14.88 -33.63
CA SER A 187 -52.79 -15.62 -33.27
C SER A 187 -53.07 -15.55 -31.77
N THR A 188 -53.41 -14.33 -31.33
CA THR A 188 -53.68 -14.04 -29.93
C THR A 188 -54.80 -14.91 -29.33
N ASN A 189 -55.73 -15.41 -30.16
CA ASN A 189 -56.73 -16.37 -29.73
C ASN A 189 -56.06 -17.73 -29.55
N THR A 190 -55.36 -17.89 -28.43
CA THR A 190 -54.55 -19.06 -28.17
C THR A 190 -54.49 -19.31 -26.68
N LYS A 191 -53.72 -20.32 -26.30
CA LYS A 191 -53.46 -20.65 -24.91
C LYS A 191 -51.99 -20.52 -24.55
N GLU A 192 -51.08 -21.01 -25.38
CA GLU A 192 -49.67 -21.10 -25.03
C GLU A 192 -48.78 -20.20 -25.87
N ILE A 193 -48.84 -20.35 -27.19
CA ILE A 193 -47.92 -19.66 -28.10
C ILE A 193 -48.24 -18.17 -28.15
N ALA A 194 -47.43 -17.39 -27.47
CA ALA A 194 -47.61 -15.95 -27.48
C ALA A 194 -46.32 -15.19 -27.78
N ASP A 195 -45.19 -15.66 -27.27
CA ASP A 195 -43.96 -14.90 -27.40
C ASP A 195 -43.23 -15.12 -28.71
N ILE A 196 -43.76 -15.95 -29.60
CA ILE A 196 -43.23 -16.06 -30.94
C ILE A 196 -43.76 -14.88 -31.75
N SER A 197 -42.87 -13.99 -32.15
CA SER A 197 -43.27 -12.80 -32.88
C SER A 197 -43.70 -13.15 -34.29
N LEU A 198 -44.36 -12.20 -34.94
CA LEU A 198 -44.84 -12.43 -36.29
C LEU A 198 -43.73 -12.35 -37.31
N ALA A 199 -42.71 -11.53 -37.05
CA ALA A 199 -41.54 -11.47 -37.91
C ALA A 199 -40.63 -12.68 -37.76
N ASP A 200 -40.80 -13.47 -36.71
CA ASP A 200 -40.12 -14.74 -36.57
C ASP A 200 -40.97 -15.93 -36.98
N HIS A 201 -42.27 -15.88 -36.71
CA HIS A 201 -43.15 -16.95 -37.16
C HIS A 201 -43.25 -17.00 -38.68
N SER A 202 -43.41 -15.84 -39.32
CA SER A 202 -43.40 -15.80 -40.78
C SER A 202 -42.04 -16.16 -41.35
N ARG A 203 -40.96 -15.79 -40.66
CA ARG A 203 -39.61 -16.11 -41.10
C ARG A 203 -39.35 -17.61 -41.08
N LEU A 204 -39.70 -18.26 -39.98
CA LEU A 204 -39.49 -19.70 -39.90
C LEU A 204 -40.46 -20.45 -40.79
N THR A 205 -41.65 -19.90 -41.05
CA THR A 205 -42.55 -20.54 -42.01
C THR A 205 -41.97 -20.50 -43.40
N ALA A 206 -41.44 -19.34 -43.81
CA ALA A 206 -40.76 -19.24 -45.10
C ALA A 206 -39.46 -20.02 -45.13
N ALA A 207 -38.87 -20.29 -43.96
CA ALA A 207 -37.66 -21.09 -43.89
C ALA A 207 -37.95 -22.57 -44.07
N PHE A 208 -39.00 -23.06 -43.44
CA PHE A 208 -39.36 -24.46 -43.63
C PHE A 208 -39.91 -24.70 -45.01
N ALA A 209 -40.81 -23.83 -45.50
CA ALA A 209 -41.55 -24.08 -46.74
C ALA A 209 -40.66 -24.27 -47.96
N LEU A 210 -39.53 -23.55 -48.05
CA LEU A 210 -38.60 -23.81 -49.13
C LEU A 210 -37.87 -25.15 -48.96
N ALA A 211 -37.62 -25.56 -47.71
CA ALA A 211 -36.99 -26.85 -47.50
C ALA A 211 -37.94 -27.99 -47.81
N ILE A 212 -39.23 -27.83 -47.50
CA ILE A 212 -40.25 -28.80 -47.93
C ILE A 212 -40.33 -28.82 -49.45
N TYR A 213 -40.21 -27.64 -50.09
CA TYR A 213 -40.22 -27.58 -51.54
C TYR A 213 -39.03 -28.32 -52.16
N ASP A 214 -37.85 -28.18 -51.56
CA ASP A 214 -36.70 -28.93 -52.06
C ASP A 214 -36.83 -30.43 -51.80
N TYR A 215 -37.32 -30.82 -50.62
CA TYR A 215 -37.46 -32.23 -50.29
C TYR A 215 -38.53 -32.90 -51.14
N LEU A 216 -39.51 -32.14 -51.60
CA LEU A 216 -40.59 -32.67 -52.42
C LEU A 216 -40.26 -32.62 -53.91
N GLU A 217 -39.53 -31.59 -54.35
CA GLU A 217 -39.15 -31.51 -55.76
C GLU A 217 -38.00 -32.43 -56.09
N ASP A 218 -37.20 -32.83 -55.10
CA ASP A 218 -36.16 -33.82 -55.37
C ASP A 218 -36.74 -35.22 -55.47
N LYS A 219 -37.71 -35.55 -54.64
CA LYS A 219 -38.27 -36.89 -54.59
C LYS A 219 -39.43 -37.08 -55.56
N GLY A 220 -39.60 -36.18 -56.52
CA GLY A 220 -40.49 -36.39 -57.64
C GLY A 220 -41.97 -36.23 -57.37
N ARG A 221 -42.37 -35.92 -56.14
CA ARG A 221 -43.79 -35.79 -55.83
C ARG A 221 -44.34 -34.48 -56.38
N HIS A 222 -45.59 -34.51 -56.84
CA HIS A 222 -46.24 -33.33 -57.40
C HIS A 222 -47.50 -32.94 -56.66
N ASN A 223 -48.39 -33.88 -56.38
CA ASN A 223 -49.64 -33.59 -55.69
C ASN A 223 -49.44 -33.69 -54.19
N TYR A 224 -49.95 -32.68 -53.47
CA TYR A 224 -49.53 -32.42 -52.10
C TYR A 224 -50.60 -32.75 -51.05
N LYS A 225 -51.88 -32.74 -51.43
CA LYS A 225 -52.96 -32.94 -50.46
C LYS A 225 -53.00 -34.34 -49.89
N GLU A 226 -52.43 -35.33 -50.56
CA GLU A 226 -52.40 -36.69 -50.07
C GLU A 226 -51.14 -37.00 -49.26
N ASP A 227 -50.25 -36.04 -49.11
CA ASP A 227 -49.05 -36.21 -48.31
C ASP A 227 -48.89 -35.12 -47.26
N LEU A 228 -49.52 -33.96 -47.44
CA LEU A 228 -49.32 -32.84 -46.55
C LEU A 228 -50.57 -32.46 -45.77
N PHE A 229 -51.75 -32.97 -46.16
CA PHE A 229 -53.00 -32.61 -45.52
C PHE A 229 -53.70 -33.80 -44.87
N THR A 230 -53.86 -34.91 -45.59
CA THR A 230 -54.46 -36.09 -44.98
C THR A 230 -53.44 -37.09 -44.45
N LYS A 231 -52.22 -37.11 -45.00
CA LYS A 231 -51.15 -37.91 -44.43
C LYS A 231 -50.23 -37.02 -43.59
N VAL A 232 -50.82 -36.46 -42.53
CA VAL A 232 -50.10 -35.52 -41.68
C VAL A 232 -49.02 -36.24 -40.87
N SER A 233 -49.35 -37.40 -40.33
CA SER A 233 -48.37 -38.17 -39.56
C SER A 233 -47.36 -38.90 -40.43
N ALA A 234 -47.54 -38.90 -41.75
CA ALA A 234 -46.54 -39.47 -42.63
C ALA A 234 -45.34 -38.54 -42.78
N PHE A 235 -45.60 -37.28 -43.14
CA PHE A 235 -44.53 -36.29 -43.22
C PHE A 235 -44.11 -35.80 -41.85
N TYR A 236 -45.00 -35.84 -40.87
CA TYR A 236 -44.72 -35.37 -39.52
C TYR A 236 -43.65 -36.20 -38.83
N GLU A 237 -43.45 -37.45 -39.25
CA GLU A 237 -42.40 -38.30 -38.68
C GLU A 237 -41.46 -38.82 -39.76
N GLU A 238 -41.32 -38.10 -40.86
CA GLU A 238 -40.38 -38.42 -41.93
C GLU A 238 -39.16 -37.52 -41.82
N GLU A 239 -37.98 -38.11 -41.70
CA GLU A 239 -36.74 -37.35 -41.49
C GLU A 239 -36.42 -36.59 -42.76
N ALA A 240 -36.80 -35.31 -42.79
CA ALA A 240 -36.86 -34.54 -44.02
C ALA A 240 -36.25 -33.15 -43.91
N PHE A 241 -35.52 -32.85 -42.85
CA PHE A 241 -34.84 -31.57 -42.77
C PHE A 241 -33.42 -31.79 -42.29
N LEU A 242 -32.55 -30.85 -42.61
CA LEU A 242 -31.21 -30.80 -42.04
C LEU A 242 -31.08 -29.54 -41.22
N LEU A 243 -30.56 -29.69 -40.02
CA LEU A 243 -30.06 -28.55 -39.26
C LEU A 243 -28.57 -28.54 -39.54
N ALA A 244 -28.16 -27.66 -40.42
CA ALA A 244 -26.74 -27.49 -40.63
C ALA A 244 -26.19 -26.53 -39.60
N SER A 245 -24.87 -26.42 -39.61
CA SER A 245 -24.18 -25.38 -38.86
C SER A 245 -22.84 -25.16 -39.54
N PHE A 246 -22.06 -24.25 -38.97
CA PHE A 246 -20.62 -24.28 -39.15
C PHE A 246 -19.97 -23.59 -37.98
N ASP A 247 -18.65 -23.62 -38.00
CA ASP A 247 -17.85 -23.19 -36.86
C ASP A 247 -16.53 -22.72 -37.45
N LEU A 248 -16.40 -21.41 -37.61
CA LEU A 248 -15.17 -20.84 -38.14
C LEU A 248 -14.13 -20.90 -37.03
N SER A 249 -13.24 -21.88 -37.08
CA SER A 249 -12.31 -22.09 -36.00
C SER A 249 -11.16 -21.09 -36.06
N GLY A 250 -10.49 -20.89 -34.93
CA GLY A 250 -9.33 -20.03 -34.89
C GLY A 250 -9.63 -18.57 -34.98
N ILE A 251 -10.82 -18.15 -34.54
CA ILE A 251 -11.19 -16.74 -34.60
C ILE A 251 -10.43 -15.94 -33.55
N GLN A 252 -10.39 -16.46 -32.32
CA GLN A 252 -9.81 -15.72 -31.20
C GLN A 252 -8.32 -15.51 -31.36
N ASP A 253 -7.60 -16.53 -31.83
CA ASP A 253 -6.15 -16.40 -32.03
C ASP A 253 -5.85 -15.39 -33.13
N PHE A 254 -6.62 -15.44 -34.22
CA PHE A 254 -6.43 -14.50 -35.32
C PHE A 254 -6.72 -13.08 -34.90
N ILE A 255 -7.74 -12.87 -34.07
CA ILE A 255 -8.08 -11.51 -33.66
C ILE A 255 -7.08 -10.98 -32.65
N TYR A 256 -6.77 -11.75 -31.61
CA TYR A 256 -5.83 -11.30 -30.61
C TYR A 256 -4.40 -11.68 -30.94
N ASN A 257 -4.10 -11.86 -32.23
CA ASN A 257 -2.76 -11.94 -32.76
C ASN A 257 -1.99 -10.63 -32.60
N ILE A 258 -2.68 -9.52 -32.32
CA ILE A 258 -2.01 -8.28 -31.97
C ILE A 258 -1.19 -8.47 -30.69
N ASN A 259 -0.03 -7.83 -30.63
CA ASN A 259 0.84 -7.95 -29.46
C ASN A 259 1.39 -6.57 -29.11
N ILE A 260 2.33 -6.53 -28.16
CA ILE A 260 3.05 -5.30 -27.87
C ILE A 260 3.90 -4.92 -29.08
N ALA A 261 4.07 -3.61 -29.28
CA ALA A 261 4.73 -3.01 -30.44
C ALA A 261 4.08 -3.45 -31.75
N THR A 262 2.81 -3.08 -31.90
CA THR A 262 2.04 -3.35 -33.11
C THR A 262 1.68 -2.01 -33.75
N ASN A 263 1.68 -1.97 -35.08
CA ASN A 263 1.43 -0.73 -35.81
C ASN A 263 0.02 -0.23 -35.59
N GLY A 264 -0.97 -1.12 -35.62
CA GLY A 264 -2.36 -0.73 -35.44
C GLY A 264 -2.76 -0.85 -33.98
N ALA A 265 -3.42 0.18 -33.48
CA ALA A 265 -3.76 0.21 -32.06
C ALA A 265 -4.99 -0.68 -31.77
N ALA A 266 -6.13 -0.27 -32.28
CA ALA A 266 -7.33 -1.07 -32.20
C ALA A 266 -8.08 -1.06 -33.50
N LYS A 267 -7.71 -0.21 -34.46
CA LYS A 267 -8.23 -0.31 -35.80
C LYS A 267 -7.85 -1.63 -36.43
N GLN A 268 -6.66 -2.13 -36.13
CA GLN A 268 -6.20 -3.46 -36.49
C GLN A 268 -6.84 -4.54 -35.62
N LEU A 269 -7.69 -4.15 -34.67
CA LEU A 269 -8.46 -5.07 -33.87
C LEU A 269 -9.97 -4.93 -34.08
N LYS A 270 -10.47 -3.69 -34.20
CA LYS A 270 -11.84 -3.44 -34.66
C LYS A 270 -12.06 -4.02 -36.03
N ALA A 271 -11.22 -3.61 -36.99
CA ALA A 271 -11.31 -4.02 -38.38
C ALA A 271 -10.95 -5.46 -38.60
N ARG A 272 -10.45 -6.15 -37.59
CA ARG A 272 -10.14 -7.55 -37.67
C ARG A 272 -11.24 -8.42 -37.07
N SER A 273 -11.87 -7.97 -35.99
CA SER A 273 -13.02 -8.71 -35.49
C SER A 273 -14.30 -8.38 -36.25
N LEU A 274 -14.28 -7.30 -37.02
CA LEU A 274 -15.40 -7.01 -37.91
C LEU A 274 -15.29 -7.81 -39.19
N TYR A 275 -14.06 -8.00 -39.67
CA TYR A 275 -13.82 -8.72 -40.92
C TYR A 275 -14.20 -10.18 -40.83
N LEU A 276 -13.86 -10.84 -39.73
CA LEU A 276 -14.29 -12.22 -39.57
C LEU A 276 -15.79 -12.33 -39.38
N ASP A 277 -16.45 -11.28 -38.92
CA ASP A 277 -17.89 -11.33 -38.81
C ASP A 277 -18.56 -11.17 -40.18
N PHE A 278 -17.96 -10.38 -41.07
CA PHE A 278 -18.42 -10.39 -42.45
C PHE A 278 -18.09 -11.69 -43.15
N MET A 279 -16.99 -12.34 -42.77
CA MET A 279 -16.71 -13.66 -43.32
C MET A 279 -17.72 -14.69 -42.84
N SER A 280 -18.11 -14.62 -41.57
CA SER A 280 -19.14 -15.49 -41.04
C SER A 280 -20.50 -15.17 -41.64
N GLU A 281 -20.73 -13.91 -41.99
CA GLU A 281 -21.95 -13.54 -42.68
C GLU A 281 -21.95 -14.07 -44.11
N TYR A 282 -20.80 -14.04 -44.77
CA TYR A 282 -20.74 -14.38 -46.18
C TYR A 282 -20.67 -15.88 -46.42
N ILE A 283 -20.09 -16.65 -45.50
CA ILE A 283 -20.20 -18.11 -45.60
C ILE A 283 -21.66 -18.51 -45.53
N ALA A 284 -22.40 -17.92 -44.59
CA ALA A 284 -23.82 -18.16 -44.44
C ALA A 284 -24.60 -17.72 -45.67
N ASP A 285 -24.23 -16.58 -46.26
CA ASP A 285 -24.96 -16.10 -47.43
C ASP A 285 -24.67 -16.94 -48.66
N SER A 286 -23.38 -17.10 -49.00
CA SER A 286 -22.99 -17.82 -50.20
C SER A 286 -23.20 -19.32 -50.09
N LEU A 287 -23.43 -19.85 -48.89
CA LEU A 287 -23.87 -21.23 -48.80
C LEU A 287 -25.32 -21.35 -49.22
N LEU A 288 -26.11 -20.30 -49.02
CA LEU A 288 -27.54 -20.41 -49.28
C LEU A 288 -27.90 -20.19 -50.74
N ASP A 289 -26.98 -19.69 -51.56
CA ASP A 289 -27.24 -19.60 -52.99
C ASP A 289 -26.44 -20.60 -53.80
N LYS A 290 -25.54 -21.36 -53.17
CA LYS A 290 -25.18 -22.66 -53.73
C LYS A 290 -26.35 -23.61 -53.64
N LEU A 291 -27.16 -23.47 -52.60
CA LEU A 291 -28.47 -24.08 -52.53
C LEU A 291 -29.47 -23.15 -53.23
N GLY A 292 -30.76 -23.37 -53.04
CA GLY A 292 -31.71 -22.46 -53.63
C GLY A 292 -32.32 -21.51 -52.62
N LEU A 293 -31.66 -21.31 -51.49
CA LEU A 293 -32.30 -20.73 -50.34
C LEU A 293 -31.93 -19.26 -50.16
N ASN A 294 -32.33 -18.70 -49.03
CA ASN A 294 -32.11 -17.30 -48.71
C ASN A 294 -32.08 -17.15 -47.18
N ARG A 295 -32.16 -15.90 -46.72
CA ARG A 295 -31.82 -15.56 -45.34
C ARG A 295 -32.81 -16.09 -44.32
N ALA A 296 -34.00 -16.52 -44.75
CA ALA A 296 -34.97 -17.06 -43.81
C ALA A 296 -34.50 -18.37 -43.20
N ASN A 297 -33.84 -19.21 -44.01
CA ASN A 297 -33.41 -20.53 -43.58
C ASN A 297 -32.30 -20.49 -42.54
N MET A 298 -31.61 -19.38 -42.39
CA MET A 298 -30.57 -19.25 -41.39
C MET A 298 -31.20 -18.91 -40.05
N LEU A 299 -31.03 -19.79 -39.07
CA LEU A 299 -31.63 -19.57 -37.75
C LEU A 299 -30.89 -18.50 -36.98
N TYR A 300 -29.58 -18.47 -37.11
CA TYR A 300 -28.72 -17.59 -36.33
C TYR A 300 -27.43 -17.41 -37.12
N VAL A 301 -26.78 -16.27 -36.93
CA VAL A 301 -25.37 -16.11 -37.29
C VAL A 301 -24.74 -15.29 -36.19
N GLY A 302 -23.51 -15.60 -35.86
CA GLY A 302 -22.83 -14.96 -34.75
C GLY A 302 -21.35 -15.02 -34.91
N GLY A 303 -20.66 -15.33 -33.82
CA GLY A 303 -19.21 -15.34 -33.85
C GLY A 303 -18.62 -16.56 -34.52
N GLY A 304 -18.82 -16.67 -35.83
CA GLY A 304 -18.41 -17.84 -36.58
C GLY A 304 -19.42 -18.96 -36.58
N HIS A 305 -20.34 -18.99 -35.64
CA HIS A 305 -21.37 -20.02 -35.60
C HIS A 305 -22.59 -19.53 -36.36
N ALA A 306 -23.20 -20.43 -37.12
CA ALA A 306 -24.42 -20.08 -37.85
C ALA A 306 -25.22 -21.33 -38.13
N TYR A 307 -26.40 -21.42 -37.54
CA TYR A 307 -27.26 -22.60 -37.63
C TYR A 307 -28.31 -22.38 -38.71
N PHE A 308 -28.62 -23.44 -39.45
CA PHE A 308 -29.47 -23.33 -40.62
C PHE A 308 -30.59 -24.35 -40.55
N VAL A 309 -31.51 -24.25 -41.49
CA VAL A 309 -32.54 -25.25 -41.74
C VAL A 309 -32.48 -25.54 -43.24
N LEU A 310 -32.07 -26.75 -43.59
CA LEU A 310 -31.90 -27.11 -45.00
C LEU A 310 -32.77 -28.33 -45.28
N ALA A 311 -32.63 -28.86 -46.50
CA ALA A 311 -33.41 -30.02 -46.92
C ALA A 311 -32.58 -31.28 -46.79
N ASN A 312 -33.20 -32.34 -46.28
CA ASN A 312 -32.54 -33.63 -46.12
C ASN A 312 -32.60 -34.36 -47.47
N THR A 313 -31.72 -33.95 -48.37
CA THR A 313 -31.59 -34.64 -49.65
C THR A 313 -30.14 -34.57 -50.11
N GLU A 314 -29.84 -35.45 -51.07
CA GLU A 314 -28.46 -35.73 -51.46
C GLU A 314 -27.82 -34.59 -52.22
N LYS A 315 -28.59 -33.89 -53.06
CA LYS A 315 -28.08 -32.75 -53.79
C LYS A 315 -27.76 -31.57 -52.90
N THR A 316 -28.33 -31.52 -51.69
CA THR A 316 -27.92 -30.52 -50.72
C THR A 316 -26.71 -30.93 -49.93
N VAL A 317 -26.60 -32.21 -49.56
CA VAL A 317 -25.47 -32.67 -48.75
C VAL A 317 -24.18 -32.62 -49.55
N GLU A 318 -24.25 -33.01 -50.83
CA GLU A 318 -23.07 -32.90 -51.68
C GLU A 318 -22.69 -31.45 -51.95
N THR A 319 -23.69 -30.55 -52.01
CA THR A 319 -23.40 -29.12 -52.10
C THR A 319 -22.71 -28.62 -50.83
N LEU A 320 -23.16 -29.11 -49.66
CA LEU A 320 -22.53 -28.76 -48.40
C LEU A 320 -21.07 -29.18 -48.35
N VAL A 321 -20.79 -30.42 -48.74
CA VAL A 321 -19.42 -30.94 -48.69
C VAL A 321 -18.53 -30.22 -49.70
N GLN A 322 -19.06 -29.96 -50.91
CA GLN A 322 -18.24 -29.32 -51.93
C GLN A 322 -17.98 -27.85 -51.59
N PHE A 323 -18.97 -27.16 -51.02
CA PHE A 323 -18.76 -25.78 -50.62
C PHE A 323 -17.83 -25.68 -49.41
N GLU A 324 -17.89 -26.66 -48.51
CA GLU A 324 -16.96 -26.72 -47.39
C GLU A 324 -15.53 -26.89 -47.89
N LYS A 325 -15.32 -27.77 -48.87
CA LYS A 325 -13.98 -27.93 -49.42
C LYS A 325 -13.53 -26.68 -50.17
N ASP A 326 -14.44 -26.01 -50.88
CA ASP A 326 -14.11 -24.75 -51.56
C ASP A 326 -13.65 -23.69 -50.58
N PHE A 327 -14.39 -23.49 -49.50
CA PHE A 327 -14.01 -22.42 -48.59
C PHE A 327 -12.77 -22.77 -47.79
N ASN A 328 -12.54 -24.06 -47.51
CA ASN A 328 -11.30 -24.43 -46.85
C ASN A 328 -10.10 -24.31 -47.77
N GLN A 329 -10.28 -24.52 -49.09
CA GLN A 329 -9.21 -24.17 -50.02
C GLN A 329 -8.94 -22.67 -50.01
N PHE A 330 -9.99 -21.86 -49.92
CA PHE A 330 -9.77 -20.42 -49.81
C PHE A 330 -9.02 -20.04 -48.55
N LEU A 331 -9.38 -20.64 -47.41
CA LEU A 331 -8.68 -20.31 -46.17
C LEU A 331 -7.25 -20.83 -46.18
N LEU A 332 -6.99 -21.93 -46.86
CA LEU A 332 -5.61 -22.38 -46.98
C LEU A 332 -4.81 -21.52 -47.93
N ALA A 333 -5.46 -20.89 -48.89
CA ALA A 333 -4.74 -20.05 -49.85
C ALA A 333 -4.14 -18.83 -49.18
N ASN A 334 -4.81 -18.24 -48.18
CA ASN A 334 -4.25 -17.03 -47.59
C ASN A 334 -4.45 -16.90 -46.08
N PHE A 335 -4.68 -17.98 -45.35
CA PHE A 335 -4.65 -17.93 -43.88
C PHE A 335 -3.87 -19.05 -43.22
N GLN A 336 -3.57 -20.14 -43.94
CA GLN A 336 -2.58 -21.16 -43.57
C GLN A 336 -2.91 -21.81 -42.22
N THR A 337 -4.05 -22.51 -42.21
CA THR A 337 -4.57 -23.32 -41.10
C THR A 337 -4.80 -22.52 -39.84
N ARG A 338 -4.95 -21.21 -39.91
CA ARG A 338 -5.38 -20.44 -38.76
C ARG A 338 -6.89 -20.33 -38.69
N LEU A 339 -7.56 -20.45 -39.83
CA LEU A 339 -9.01 -20.46 -39.91
C LEU A 339 -9.45 -21.74 -40.58
N TYR A 340 -10.43 -22.41 -39.99
CA TYR A 340 -10.97 -23.63 -40.56
C TYR A 340 -12.46 -23.64 -40.30
N VAL A 341 -13.25 -23.69 -41.36
CA VAL A 341 -14.70 -23.79 -41.23
C VAL A 341 -15.08 -25.27 -41.35
N ALA A 342 -15.94 -25.73 -40.45
CA ALA A 342 -16.30 -27.14 -40.36
C ALA A 342 -17.81 -27.24 -40.37
N PHE A 343 -18.36 -27.84 -41.41
CA PHE A 343 -19.81 -27.96 -41.46
C PHE A 343 -20.26 -29.12 -40.60
N GLY A 344 -21.58 -29.28 -40.50
CA GLY A 344 -22.13 -30.38 -39.76
C GLY A 344 -23.64 -30.30 -39.81
N TRP A 345 -24.31 -31.43 -40.02
CA TRP A 345 -25.74 -31.38 -40.27
C TRP A 345 -26.44 -32.57 -39.62
N GLY A 346 -27.55 -32.27 -38.95
CA GLY A 346 -28.38 -33.29 -38.35
C GLY A 346 -29.71 -33.46 -39.05
N SER A 347 -30.03 -34.67 -39.44
CA SER A 347 -31.29 -34.95 -40.11
C SER A 347 -32.41 -35.10 -39.09
N PHE A 348 -33.52 -34.40 -39.30
CA PHE A 348 -34.61 -34.45 -38.35
C PHE A 348 -35.95 -34.32 -39.06
N ALA A 349 -36.94 -35.03 -38.53
CA ALA A 349 -38.33 -34.95 -38.94
C ALA A 349 -38.97 -33.75 -38.25
N ALA A 350 -40.30 -33.67 -38.26
CA ALA A 350 -40.99 -32.63 -37.50
C ALA A 350 -41.00 -32.99 -36.02
N LYS A 351 -39.81 -32.95 -35.43
CA LYS A 351 -39.56 -33.39 -34.06
C LYS A 351 -39.10 -32.26 -33.16
N ASP A 352 -39.07 -31.04 -33.67
CA ASP A 352 -38.91 -29.83 -32.86
C ASP A 352 -40.26 -29.27 -32.46
N ILE A 353 -41.12 -30.15 -31.95
CA ILE A 353 -42.54 -29.87 -31.69
C ILE A 353 -42.91 -30.61 -30.41
N MET A 354 -43.56 -29.90 -29.49
CA MET A 354 -44.08 -30.51 -28.27
C MET A 354 -45.22 -31.48 -28.58
N ASN A 358 -41.77 -39.26 -26.31
CA ASN A 358 -40.71 -38.83 -27.22
C ASN A 358 -40.68 -37.32 -27.35
N SER A 359 -41.26 -36.63 -26.38
CA SER A 359 -41.20 -35.18 -26.38
C SER A 359 -39.89 -34.61 -25.81
N PRO A 360 -39.36 -35.04 -24.59
CA PRO A 360 -38.11 -34.42 -24.14
C PRO A 360 -36.88 -34.77 -24.96
N GLU A 361 -36.62 -36.05 -25.21
CA GLU A 361 -35.37 -36.46 -25.86
C GLU A 361 -35.52 -36.56 -27.38
N SER A 362 -36.01 -35.52 -28.00
CA SER A 362 -36.05 -35.50 -29.46
C SER A 362 -35.49 -34.22 -30.06
N TYR A 363 -35.70 -33.07 -29.42
CA TYR A 363 -35.29 -31.80 -30.03
C TYR A 363 -33.80 -31.54 -29.92
N ARG A 364 -33.29 -31.42 -28.69
CA ARG A 364 -31.88 -31.10 -28.49
C ARG A 364 -30.99 -32.25 -28.91
N GLN A 365 -31.54 -33.47 -28.87
CA GLN A 365 -30.80 -34.67 -29.27
C GLN A 365 -30.48 -34.69 -30.76
N VAL A 366 -31.15 -33.88 -31.57
CA VAL A 366 -30.78 -33.74 -32.97
C VAL A 366 -30.14 -32.38 -33.27
N TYR A 367 -30.31 -31.39 -32.40
CA TYR A 367 -29.54 -30.16 -32.50
C TYR A 367 -28.08 -30.43 -32.16
N GLN A 368 -27.83 -31.44 -31.31
CA GLN A 368 -26.49 -31.83 -30.90
C GLN A 368 -25.85 -32.77 -31.91
N LYS A 369 -26.65 -33.37 -32.81
CA LYS A 369 -26.14 -34.25 -33.85
C LYS A 369 -25.26 -33.49 -34.84
N ALA A 370 -25.52 -32.21 -35.04
CA ALA A 370 -24.65 -31.40 -35.90
C ALA A 370 -23.38 -30.99 -35.17
N SER A 371 -23.48 -30.67 -33.88
CA SER A 371 -22.31 -30.33 -33.09
C SER A 371 -21.35 -31.49 -32.96
N ARG A 372 -21.85 -32.72 -32.92
CA ARG A 372 -20.96 -33.87 -32.92
C ARG A 372 -20.22 -34.01 -34.24
N MET A 373 -20.87 -33.72 -35.36
CA MET A 373 -20.19 -33.79 -36.65
C MET A 373 -19.19 -32.65 -36.80
N ILE A 374 -19.48 -31.49 -36.21
CA ILE A 374 -18.51 -30.40 -36.19
C ILE A 374 -17.30 -30.78 -35.38
N SER A 375 -17.51 -31.31 -34.16
CA SER A 375 -16.41 -31.70 -33.29
C SER A 375 -15.59 -32.84 -33.87
N LYS A 376 -16.22 -33.70 -34.67
CA LYS A 376 -15.49 -34.73 -35.38
C LYS A 376 -14.70 -34.15 -36.56
N LYS A 377 -15.24 -33.16 -37.26
CA LYS A 377 -14.52 -32.56 -38.37
C LYS A 377 -13.53 -31.48 -37.96
N LYS A 378 -13.71 -30.88 -36.79
CA LYS A 378 -12.76 -29.92 -36.25
C LYS A 378 -11.50 -30.61 -35.76
N ILE A 379 -11.54 -31.93 -35.62
CA ILE A 379 -10.48 -32.66 -34.95
C ILE A 379 -9.65 -33.49 -35.93
N SER A 380 -10.11 -33.64 -37.17
CA SER A 380 -9.51 -34.47 -38.21
C SER A 380 -9.47 -33.70 -39.52
N ARG A 381 -8.88 -32.49 -39.47
CA ARG A 381 -9.05 -31.39 -40.41
C ARG A 381 -8.98 -31.72 -41.90
N TYR A 382 -7.83 -32.15 -42.39
CA TYR A 382 -7.60 -32.18 -43.82
C TYR A 382 -7.56 -33.60 -44.34
N ASP A 383 -7.18 -33.73 -45.60
CA ASP A 383 -6.98 -35.04 -46.22
C ASP A 383 -5.60 -35.12 -46.85
N TYR A 384 -5.39 -36.15 -47.68
CA TYR A 384 -4.06 -36.52 -48.17
C TYR A 384 -3.43 -35.43 -49.01
N GLN A 385 -4.12 -35.00 -50.08
CA GLN A 385 -3.51 -34.09 -51.05
C GLN A 385 -3.35 -32.70 -50.46
N THR A 386 -4.34 -32.25 -49.69
CA THR A 386 -4.32 -30.92 -49.15
C THR A 386 -3.40 -30.77 -47.95
N LEU A 387 -2.78 -31.85 -47.49
CA LEU A 387 -1.70 -31.76 -46.51
C LEU A 387 -0.35 -32.09 -47.10
N MET A 388 -0.30 -32.93 -48.15
CA MET A 388 0.94 -33.08 -48.90
C MET A 388 1.32 -31.82 -49.65
N LEU A 389 0.31 -31.05 -50.10
CA LEU A 389 0.60 -29.79 -50.75
C LEU A 389 1.05 -28.74 -49.75
N LEU A 390 0.62 -28.88 -48.49
CA LEU A 390 1.06 -28.00 -47.42
C LEU A 390 2.55 -28.05 -47.17
N ASN A 391 3.04 -29.19 -46.72
CA ASN A 391 4.46 -29.32 -46.40
C ASN A 391 5.22 -29.92 -47.59
N ARG A 392 5.14 -29.19 -48.71
CA ARG A 392 5.87 -29.54 -49.92
C ARG A 392 7.24 -28.89 -49.98
N GLY A 393 7.53 -27.95 -49.08
CA GLY A 393 8.79 -27.25 -49.13
C GLY A 393 8.82 -26.27 -50.29
N GLY A 394 10.04 -25.95 -50.71
CA GLY A 394 10.25 -25.12 -51.87
C GLY A 394 10.02 -23.64 -51.65
N LYS A 395 10.71 -23.06 -50.67
CA LYS A 395 10.59 -21.63 -50.42
C LYS A 395 11.83 -21.10 -49.73
N SER A 396 12.55 -20.20 -50.42
CA SER A 396 13.72 -19.54 -49.86
C SER A 396 13.33 -18.16 -49.33
N SER A 397 12.60 -18.18 -48.24
CA SER A 397 12.12 -16.95 -47.64
C SER A 397 13.19 -16.32 -46.75
N GLU A 398 13.43 -15.04 -46.94
CA GLU A 398 14.29 -14.25 -46.08
C GLU A 398 13.52 -13.50 -45.01
N ARG A 399 12.32 -13.03 -45.34
CA ARG A 399 11.50 -12.17 -44.49
C ARG A 399 10.13 -12.82 -44.27
N GLU A 400 9.31 -12.15 -43.47
CA GLU A 400 7.99 -12.66 -43.12
C GLU A 400 7.13 -11.49 -42.64
N CYS A 401 5.82 -11.71 -42.66
CA CYS A 401 4.89 -10.71 -42.13
C CYS A 401 5.01 -10.66 -40.63
N GLU A 402 5.50 -9.55 -40.09
CA GLU A 402 5.78 -9.51 -38.65
C GLU A 402 4.54 -9.47 -37.77
N ILE A 403 3.35 -9.42 -38.36
CA ILE A 403 2.12 -9.54 -37.58
C ILE A 403 1.76 -11.01 -37.37
N CYS A 404 1.59 -11.75 -38.46
CA CYS A 404 1.04 -13.10 -38.43
C CYS A 404 2.04 -14.18 -38.80
N HIS A 405 3.30 -13.82 -39.06
CA HIS A 405 4.40 -14.75 -39.39
C HIS A 405 4.14 -15.55 -40.64
N SER A 406 3.34 -15.00 -41.56
CA SER A 406 3.16 -15.58 -42.87
C SER A 406 4.28 -15.11 -43.79
N VAL A 407 4.34 -15.70 -44.98
CA VAL A 407 5.47 -15.55 -45.88
C VAL A 407 5.08 -14.93 -47.21
N GLU A 408 3.99 -15.40 -47.81
CA GLU A 408 3.64 -15.04 -49.17
C GLU A 408 3.16 -13.60 -49.29
N ASN A 409 3.56 -12.95 -50.40
CA ASN A 409 3.09 -11.62 -50.82
C ASN A 409 3.41 -10.56 -49.78
N LEU A 410 4.70 -10.33 -49.60
CA LEU A 410 5.18 -9.34 -48.65
C LEU A 410 5.28 -7.98 -49.30
N VAL A 411 4.76 -6.97 -48.62
CA VAL A 411 4.86 -5.58 -49.05
C VAL A 411 5.55 -4.80 -47.93
N SER A 412 5.68 -3.49 -48.11
CA SER A 412 6.36 -2.64 -47.14
C SER A 412 5.46 -1.49 -46.73
N TYR A 413 4.22 -1.81 -46.36
CA TYR A 413 3.24 -0.84 -45.89
C TYR A 413 3.71 -0.14 -44.62
N HIS A 414 4.01 1.16 -44.73
CA HIS A 414 4.60 1.99 -43.66
C HIS A 414 5.85 1.31 -43.09
N ASP A 415 6.81 1.07 -43.99
CA ASP A 415 8.13 0.45 -43.86
C ASP A 415 8.20 -0.69 -42.84
N GLN A 416 7.17 -1.52 -42.80
CA GLN A 416 7.19 -2.78 -42.09
C GLN A 416 6.76 -3.87 -43.06
N LYS A 417 7.31 -5.06 -42.89
CA LYS A 417 7.13 -6.11 -43.88
C LYS A 417 5.86 -6.85 -43.50
N VAL A 418 4.77 -6.59 -44.22
CA VAL A 418 3.48 -7.20 -43.92
C VAL A 418 2.94 -7.91 -45.16
N CYS A 419 1.89 -8.67 -44.95
CA CYS A 419 1.40 -9.60 -45.96
C CYS A 419 0.18 -9.03 -46.68
N ASP A 420 -0.45 -9.87 -47.49
CA ASP A 420 -1.58 -9.46 -48.29
C ASP A 420 -2.83 -9.22 -47.45
N ILE A 421 -3.05 -10.07 -46.45
CA ILE A 421 -4.24 -9.90 -45.62
C ILE A 421 -4.03 -8.75 -44.64
N CYS A 422 -2.86 -8.65 -44.07
CA CYS A 422 -2.57 -7.63 -43.08
C CYS A 422 -2.11 -6.31 -43.69
N ARG A 423 -2.34 -6.08 -44.98
CA ARG A 423 -2.40 -4.76 -45.57
C ARG A 423 -3.83 -4.41 -45.96
N GLY A 424 -4.58 -5.42 -46.39
CA GLY A 424 -6.01 -5.27 -46.58
C GLY A 424 -6.74 -4.91 -45.30
N LEU A 425 -6.22 -5.35 -44.15
CA LEU A 425 -6.87 -4.95 -42.90
C LEU A 425 -6.60 -3.50 -42.54
N TYR A 426 -5.45 -2.94 -42.90
CA TYR A 426 -5.30 -1.50 -42.72
C TYR A 426 -6.17 -0.73 -43.70
N GLN A 427 -6.33 -1.24 -44.92
CA GLN A 427 -7.23 -0.60 -45.85
C GLN A 427 -8.68 -0.68 -45.39
N PHE A 428 -9.07 -1.79 -44.77
CA PHE A 428 -10.40 -1.93 -44.20
C PHE A 428 -10.59 -1.09 -42.96
N SER A 429 -9.51 -0.85 -42.20
CA SER A 429 -9.60 0.06 -41.06
C SER A 429 -9.75 1.51 -41.49
N LYS A 430 -9.23 1.87 -42.66
CA LYS A 430 -9.58 3.19 -43.17
C LYS A 430 -11.02 3.24 -43.69
N GLU A 431 -11.59 2.09 -44.04
CA GLU A 431 -12.93 2.03 -44.61
C GLU A 431 -13.98 1.53 -43.62
N ILE A 432 -13.63 1.44 -42.34
CA ILE A 432 -14.51 0.79 -41.39
C ILE A 432 -15.73 1.65 -41.03
N ALA A 433 -15.64 2.96 -41.18
CA ALA A 433 -16.68 3.86 -40.68
C ALA A 433 -17.88 3.94 -41.61
N HIS A 434 -17.81 3.36 -42.80
CA HIS A 434 -18.90 3.45 -43.74
C HIS A 434 -20.06 2.57 -43.31
N ASP A 435 -21.22 2.80 -43.92
CA ASP A 435 -22.37 1.94 -43.70
C ASP A 435 -22.44 0.80 -44.70
N HIS A 436 -21.86 0.96 -45.88
CA HIS A 436 -22.04 0.02 -46.97
C HIS A 436 -20.75 -0.72 -47.25
N PHE A 437 -20.84 -2.04 -47.36
CA PHE A 437 -19.70 -2.89 -47.64
C PHE A 437 -20.09 -3.84 -48.76
N ILE A 438 -19.41 -3.72 -49.89
CA ILE A 438 -19.78 -4.46 -51.08
C ILE A 438 -18.78 -5.58 -51.32
N ILE A 439 -19.20 -6.59 -52.07
CA ILE A 439 -18.28 -7.68 -52.42
C ILE A 439 -17.97 -7.59 -53.92
N THR A 440 -16.73 -7.27 -54.21
CA THR A 440 -16.17 -7.27 -55.56
C THR A 440 -15.40 -8.57 -55.77
N GLU A 441 -14.62 -8.62 -56.83
CA GLU A 441 -13.78 -9.78 -57.09
C GLU A 441 -12.29 -9.53 -56.89
N ASN A 442 -11.85 -8.28 -56.95
CA ASN A 442 -10.41 -8.02 -56.93
C ASN A 442 -10.02 -6.82 -56.08
N GLU A 443 -10.84 -6.40 -55.12
CA GLU A 443 -10.59 -5.17 -54.38
C GLU A 443 -10.63 -5.48 -52.89
N GLY A 444 -9.55 -5.12 -52.19
CA GLY A 444 -9.55 -5.22 -50.74
C GLY A 444 -9.35 -6.63 -50.22
N LEU A 445 -9.92 -6.88 -49.05
CA LEU A 445 -9.76 -8.16 -48.36
C LEU A 445 -10.57 -9.25 -49.03
N PRO A 446 -9.97 -10.40 -49.33
CA PRO A 446 -10.74 -11.51 -49.86
C PRO A 446 -11.51 -12.24 -48.76
N ILE A 447 -12.77 -12.54 -49.05
CA ILE A 447 -13.62 -13.28 -48.12
C ILE A 447 -14.12 -14.59 -48.70
N GLY A 448 -13.67 -14.97 -49.88
CA GLY A 448 -14.05 -16.26 -50.40
C GLY A 448 -13.43 -16.60 -51.74
N PRO A 449 -13.92 -17.67 -52.35
CA PRO A 449 -13.52 -17.99 -53.73
C PRO A 449 -14.04 -16.97 -54.72
N ASN A 450 -13.11 -16.18 -55.31
CA ASN A 450 -13.42 -15.10 -56.25
C ASN A 450 -14.40 -14.09 -55.65
N ALA A 451 -14.14 -13.70 -54.41
CA ALA A 451 -15.06 -12.83 -53.69
C ALA A 451 -14.27 -12.06 -52.64
N CYS A 452 -14.17 -10.75 -52.81
CA CYS A 452 -13.39 -9.87 -51.95
C CYS A 452 -14.29 -8.78 -51.40
N LEU A 453 -13.90 -8.23 -50.25
CA LEU A 453 -14.71 -7.26 -49.53
C LEU A 453 -14.10 -5.88 -49.69
N LYS A 454 -14.96 -4.87 -49.84
CA LYS A 454 -14.50 -3.49 -49.90
C LYS A 454 -15.52 -2.59 -49.23
N GLY A 455 -15.05 -1.65 -48.41
CA GLY A 455 -15.93 -0.68 -47.79
C GLY A 455 -16.13 0.53 -48.69
N VAL A 456 -17.39 0.93 -48.84
CA VAL A 456 -17.75 1.89 -49.86
C VAL A 456 -18.64 2.97 -49.26
N ALA A 457 -18.54 4.18 -49.80
CA ALA A 457 -19.50 5.22 -49.47
C ALA A 457 -20.80 4.97 -50.24
N PHE A 458 -21.83 5.77 -49.92
CA PHE A 458 -23.14 5.53 -50.50
C PHE A 458 -23.18 5.88 -51.98
N GLU A 459 -22.71 7.08 -52.33
CA GLU A 459 -22.78 7.53 -53.70
C GLU A 459 -21.62 7.03 -54.56
N LYS A 460 -20.80 6.13 -54.03
CA LYS A 460 -19.76 5.48 -54.81
C LYS A 460 -20.21 4.12 -55.36
N LEU A 461 -21.46 3.75 -55.14
CA LEU A 461 -21.97 2.47 -55.65
C LEU A 461 -22.11 2.48 -57.16
N SER A 462 -22.33 3.64 -57.75
CA SER A 462 -22.35 3.74 -59.20
C SER A 462 -20.95 3.72 -59.78
N GLN A 463 -19.95 4.16 -59.01
CA GLN A 463 -18.57 4.07 -59.48
C GLN A 463 -18.06 2.64 -59.41
N GLU A 464 -18.23 1.99 -58.25
CA GLU A 464 -17.82 0.61 -58.07
C GLU A 464 -18.76 -0.33 -58.81
N ALA A 465 -18.32 -1.59 -58.93
CA ALA A 465 -19.09 -2.64 -59.60
C ALA A 465 -19.05 -3.88 -58.73
N PHE A 466 -20.19 -4.21 -58.11
CA PHE A 466 -20.25 -5.26 -57.11
C PHE A 466 -21.23 -6.35 -57.54
N SER A 467 -21.45 -7.29 -56.64
CA SER A 467 -22.42 -8.37 -56.79
C SER A 467 -23.41 -8.44 -55.64
N ARG A 468 -22.95 -8.23 -54.41
CA ARG A 468 -23.82 -8.20 -53.25
C ARG A 468 -23.36 -7.10 -52.32
N VAL A 469 -24.32 -6.38 -51.74
CA VAL A 469 -24.07 -5.21 -50.93
C VAL A 469 -24.63 -5.46 -49.53
N TYR A 470 -23.83 -5.15 -48.51
CA TYR A 470 -24.27 -5.18 -47.13
C TYR A 470 -24.38 -3.75 -46.62
N VAL A 471 -25.41 -3.51 -45.82
CA VAL A 471 -25.53 -2.23 -45.14
C VAL A 471 -25.60 -2.49 -43.64
N LYS A 472 -24.82 -1.73 -42.90
CA LYS A 472 -24.58 -1.96 -41.49
C LYS A 472 -25.39 -0.98 -40.66
N ASN A 473 -26.18 -1.50 -39.73
CA ASN A 473 -26.98 -0.74 -38.77
C ASN A 473 -27.95 0.19 -39.48
N ASP A 474 -28.91 -0.42 -40.18
CA ASP A 474 -29.93 0.35 -40.87
C ASP A 474 -31.21 -0.48 -40.92
N TYR A 475 -32.32 0.16 -40.62
CA TYR A 475 -33.63 -0.45 -40.77
C TYR A 475 -34.42 0.11 -41.95
N LYS A 476 -34.01 1.24 -42.50
CA LYS A 476 -34.58 1.70 -43.75
C LYS A 476 -34.12 0.81 -44.90
N ALA A 477 -34.96 0.69 -45.92
CA ALA A 477 -34.64 -0.21 -47.02
C ALA A 477 -33.55 0.36 -47.92
N GLY A 478 -33.44 1.67 -47.99
CA GLY A 478 -32.37 2.28 -48.75
C GLY A 478 -32.56 2.20 -50.26
N THR A 479 -31.47 2.45 -50.97
CA THR A 479 -31.48 2.47 -52.43
C THR A 479 -30.72 1.32 -53.07
N VAL A 480 -29.73 0.76 -52.39
CA VAL A 480 -28.91 -0.29 -52.98
C VAL A 480 -29.57 -1.66 -52.94
N LYS A 481 -30.67 -1.80 -52.17
CA LYS A 481 -31.42 -3.05 -51.98
C LYS A 481 -30.51 -4.16 -51.44
N ALA A 482 -30.04 -3.92 -50.23
CA ALA A 482 -28.90 -4.60 -49.66
C ALA A 482 -29.32 -5.69 -48.69
N THR A 483 -28.31 -6.36 -48.13
CA THR A 483 -28.46 -7.26 -47.01
C THR A 483 -28.11 -6.50 -45.75
N HIS A 484 -28.98 -6.56 -44.75
CA HIS A 484 -28.87 -5.72 -43.56
C HIS A 484 -28.13 -6.51 -42.48
N VAL A 485 -26.87 -6.15 -42.26
CA VAL A 485 -26.12 -6.70 -41.12
C VAL A 485 -26.21 -5.69 -39.98
N PHE A 486 -25.93 -6.17 -38.77
CA PHE A 486 -26.00 -5.32 -37.58
C PHE A 486 -24.80 -5.62 -36.70
N VAL A 487 -23.75 -4.84 -36.86
CA VAL A 487 -22.55 -4.94 -36.03
C VAL A 487 -22.54 -3.79 -35.05
N GLY A 488 -22.41 -4.11 -33.77
CA GLY A 488 -22.34 -3.08 -32.76
C GLY A 488 -21.03 -2.33 -32.77
N ASP A 489 -21.09 -1.02 -33.00
CA ASP A 489 -19.89 -0.19 -32.92
C ASP A 489 -20.25 1.22 -32.50
N TYR A 490 -19.28 1.89 -31.91
CA TYR A 490 -19.43 3.25 -31.42
C TYR A 490 -18.04 3.79 -31.21
N GLN A 491 -17.84 5.07 -31.52
CA GLN A 491 -16.59 5.76 -31.24
C GLN A 491 -16.94 7.18 -30.83
N CYS A 492 -16.74 7.52 -29.56
CA CYS A 492 -16.93 8.91 -29.18
C CYS A 492 -15.74 9.76 -29.61
N ASP A 493 -14.53 9.23 -29.45
CA ASP A 493 -13.32 9.94 -29.87
C ASP A 493 -12.27 8.89 -30.19
N GLU A 494 -11.07 9.33 -30.53
CA GLU A 494 -9.97 8.39 -30.69
C GLU A 494 -9.52 7.89 -29.33
N ILE A 495 -8.72 6.84 -29.34
CA ILE A 495 -8.41 6.09 -28.12
C ILE A 495 -7.56 6.91 -27.18
N TYR A 496 -6.57 7.64 -27.72
CA TYR A 496 -5.63 8.38 -26.90
C TYR A 496 -6.27 9.55 -26.15
N ASN A 497 -7.45 10.01 -26.55
CA ASN A 497 -8.11 11.06 -25.80
C ASN A 497 -8.87 10.52 -24.60
N TYR A 498 -9.10 9.20 -24.53
CA TYR A 498 -9.95 8.63 -23.50
C TYR A 498 -9.37 8.74 -22.10
N ALA A 499 -8.05 8.86 -21.99
CA ALA A 499 -7.49 9.26 -20.71
C ALA A 499 -7.71 10.73 -20.45
N ALA A 500 -7.43 11.58 -21.44
CA ALA A 500 -7.51 13.02 -21.25
C ALA A 500 -8.93 13.51 -21.06
N LEU A 501 -9.91 12.80 -21.60
CA LEU A 501 -11.31 13.12 -21.36
C LEU A 501 -11.85 12.47 -20.10
N SER A 502 -11.00 11.78 -19.34
CA SER A 502 -11.40 11.19 -18.07
C SER A 502 -11.60 12.22 -16.97
N LYS A 503 -11.15 13.45 -17.16
CA LYS A 503 -11.36 14.52 -16.19
C LYS A 503 -12.81 14.97 -16.21
N ASN A 504 -13.18 15.76 -15.20
CA ASN A 504 -14.43 16.50 -15.24
C ASN A 504 -14.19 17.84 -15.94
N GLU A 505 -15.17 18.73 -15.88
CA GLU A 505 -14.95 20.08 -16.39
C GLU A 505 -14.08 20.89 -15.45
N ASN A 506 -14.05 20.51 -14.17
CA ASN A 506 -13.19 21.14 -13.18
C ASN A 506 -11.79 20.54 -13.15
N GLY A 507 -11.56 19.46 -13.89
CA GLY A 507 -10.28 18.78 -13.86
C GLY A 507 -10.21 17.68 -12.83
N LEU A 508 -11.26 17.44 -12.07
CA LEU A 508 -11.26 16.37 -11.09
C LEU A 508 -11.53 15.03 -11.77
N GLY A 509 -10.73 14.03 -11.45
CA GLY A 509 -10.84 12.73 -12.06
C GLY A 509 -9.46 12.24 -12.45
N ILE A 510 -9.16 10.98 -12.16
CA ILE A 510 -7.86 10.42 -12.51
C ILE A 510 -7.80 10.22 -14.01
N LYS A 511 -6.62 10.43 -14.59
CA LYS A 511 -6.44 10.39 -16.04
C LYS A 511 -6.06 8.97 -16.46
N ARG A 512 -7.05 8.08 -16.37
CA ARG A 512 -6.90 6.69 -16.75
C ARG A 512 -7.98 6.34 -17.75
N LEU A 513 -7.76 5.28 -18.50
CA LEU A 513 -8.80 4.74 -19.36
C LEU A 513 -9.04 3.29 -18.98
N ALA A 514 -10.29 2.88 -19.03
CA ALA A 514 -10.65 1.53 -18.65
C ALA A 514 -11.00 0.72 -19.89
N VAL A 515 -10.87 -0.59 -19.74
CA VAL A 515 -11.30 -1.54 -20.75
C VAL A 515 -12.21 -2.53 -20.05
N VAL A 516 -13.38 -2.78 -20.62
CA VAL A 516 -14.25 -3.79 -20.07
C VAL A 516 -14.44 -4.90 -21.10
N ARG A 517 -14.41 -6.14 -20.63
CA ARG A 517 -14.81 -7.27 -21.45
C ARG A 517 -15.93 -7.99 -20.74
N LEU A 518 -17.02 -8.26 -21.46
CA LEU A 518 -18.20 -8.93 -20.90
C LEU A 518 -18.39 -10.30 -21.53
N ASP A 519 -19.28 -11.07 -20.92
CA ASP A 519 -19.76 -12.35 -21.45
C ASP A 519 -21.00 -12.74 -20.68
N VAL A 520 -22.07 -13.07 -21.39
CA VAL A 520 -23.24 -13.66 -20.76
C VAL A 520 -22.86 -15.04 -20.25
N ASP A 521 -23.06 -15.26 -18.96
CA ASP A 521 -22.65 -16.52 -18.37
C ASP A 521 -23.59 -17.63 -18.81
N ASP A 522 -23.00 -18.72 -19.30
CA ASP A 522 -23.68 -19.99 -19.56
C ASP A 522 -24.79 -19.83 -20.60
N LEU A 523 -24.44 -19.19 -21.72
CA LEU A 523 -25.43 -18.89 -22.75
C LEU A 523 -25.81 -20.13 -23.53
N GLY A 524 -24.84 -21.01 -23.81
CA GLY A 524 -25.16 -22.26 -24.48
C GLY A 524 -26.04 -23.16 -23.64
N ALA A 525 -25.82 -23.16 -22.33
CA ALA A 525 -26.72 -23.86 -21.43
C ALA A 525 -28.10 -23.21 -21.38
N ALA A 526 -28.15 -21.89 -21.48
CA ALA A 526 -29.41 -21.16 -21.49
C ALA A 526 -30.08 -21.18 -22.86
N PHE A 527 -29.43 -21.76 -23.86
CA PHE A 527 -29.99 -21.86 -25.19
C PHE A 527 -30.47 -23.28 -25.51
N MET A 528 -29.65 -24.29 -25.20
CA MET A 528 -30.05 -25.66 -25.47
C MET A 528 -31.11 -26.12 -24.49
N ALA A 529 -30.78 -26.19 -23.20
CA ALA A 529 -31.79 -26.54 -22.21
C ALA A 529 -32.84 -25.46 -22.12
N GLY A 530 -32.48 -24.31 -21.54
CA GLY A 530 -33.14 -23.06 -21.76
C GLY A 530 -34.55 -22.95 -21.24
N PHE A 531 -35.45 -23.66 -21.92
CA PHE A 531 -36.89 -23.57 -21.69
C PHE A 531 -37.43 -24.86 -21.12
N SER A 532 -36.55 -25.79 -20.76
CA SER A 532 -36.95 -27.14 -20.40
C SER A 532 -37.48 -27.25 -18.98
N GLN A 533 -37.36 -26.21 -18.17
CA GLN A 533 -37.77 -26.31 -16.78
C GLN A 533 -39.27 -26.06 -16.61
N GLN A 534 -39.80 -25.00 -17.23
CA GLN A 534 -41.24 -24.82 -17.16
C GLN A 534 -41.94 -25.79 -18.10
N GLY A 535 -43.21 -26.04 -17.79
CA GLY A 535 -43.92 -27.08 -18.50
C GLY A 535 -43.33 -28.43 -18.16
N ASN A 536 -43.41 -29.34 -19.12
CA ASN A 536 -42.85 -30.67 -18.98
C ASN A 536 -42.07 -31.04 -20.22
N GLY A 537 -41.22 -30.11 -20.67
CA GLY A 537 -40.60 -30.25 -21.97
C GLY A 537 -41.49 -29.81 -23.11
N GLN A 538 -42.49 -28.99 -22.82
CA GLN A 538 -43.46 -28.55 -23.82
C GLN A 538 -43.13 -27.21 -24.41
N TYR A 539 -42.12 -26.51 -23.89
CA TYR A 539 -41.72 -25.21 -24.39
C TYR A 539 -40.35 -25.26 -25.06
N SER A 540 -39.82 -26.46 -25.29
CA SER A 540 -38.48 -26.64 -25.83
C SER A 540 -38.49 -26.81 -27.34
N THR A 541 -39.09 -25.87 -28.05
CA THR A 541 -39.26 -26.03 -29.49
C THR A 541 -38.11 -25.37 -30.24
N LEU A 542 -38.22 -25.30 -31.55
CA LEU A 542 -37.25 -24.54 -32.33
C LEU A 542 -37.65 -23.07 -32.38
N SER A 543 -38.94 -22.77 -32.26
CA SER A 543 -39.39 -21.40 -32.32
C SER A 543 -38.96 -20.61 -31.09
N ARG A 544 -38.97 -21.24 -29.91
CA ARG A 544 -38.49 -20.56 -28.71
C ARG A 544 -37.00 -20.24 -28.82
N SER A 545 -36.20 -21.17 -29.32
CA SER A 545 -34.78 -20.91 -29.47
C SER A 545 -34.49 -19.93 -30.59
N ALA A 546 -35.33 -19.88 -31.63
CA ALA A 546 -35.13 -18.91 -32.69
C ALA A 546 -35.46 -17.51 -32.22
N THR A 547 -36.54 -17.36 -31.46
CA THR A 547 -36.86 -16.06 -30.89
C THR A 547 -35.86 -15.66 -29.81
N PHE A 548 -35.31 -16.64 -29.09
CA PHE A 548 -34.25 -16.37 -28.12
C PHE A 548 -32.99 -15.88 -28.81
N SER A 549 -32.64 -16.47 -29.94
CA SER A 549 -31.50 -15.99 -30.71
C SER A 549 -31.75 -14.59 -31.24
N ARG A 550 -32.98 -14.30 -31.67
CA ARG A 550 -33.29 -12.96 -32.13
C ARG A 550 -33.27 -11.95 -30.99
N SER A 551 -33.67 -12.37 -29.79
CA SER A 551 -33.63 -11.49 -28.62
C SER A 551 -32.20 -11.15 -28.24
N MET A 552 -31.36 -12.17 -28.09
CA MET A 552 -29.96 -11.94 -27.73
C MET A 552 -29.19 -11.22 -28.81
N SER A 553 -29.46 -11.50 -30.08
CA SER A 553 -28.82 -10.80 -31.17
C SER A 553 -29.29 -9.36 -31.25
N LEU A 554 -30.59 -9.12 -31.05
CA LEU A 554 -31.16 -7.80 -31.02
C LEU A 554 -30.53 -6.95 -29.94
N PHE A 555 -30.42 -7.50 -28.73
CA PHE A 555 -29.77 -6.81 -27.62
C PHE A 555 -28.32 -6.49 -27.97
N PHE A 556 -27.49 -7.52 -28.15
CA PHE A 556 -26.06 -7.29 -28.29
C PHE A 556 -25.63 -6.70 -29.62
N LYS A 557 -26.54 -6.49 -30.56
CA LYS A 557 -26.17 -5.86 -31.81
C LYS A 557 -26.91 -4.57 -32.09
N VAL A 558 -27.93 -4.22 -31.31
CA VAL A 558 -28.70 -3.01 -31.50
C VAL A 558 -28.66 -2.13 -30.25
N TYR A 559 -28.91 -2.72 -29.09
CA TYR A 559 -29.15 -1.93 -27.90
C TYR A 559 -27.88 -1.51 -27.21
N ILE A 560 -26.75 -2.14 -27.50
CA ILE A 560 -25.49 -1.73 -26.89
C ILE A 560 -25.08 -0.36 -27.44
N ASN A 561 -25.42 -0.08 -28.70
CA ASN A 561 -25.17 1.24 -29.23
C ASN A 561 -26.09 2.29 -28.62
N GLN A 562 -27.29 1.88 -28.21
CA GLN A 562 -28.15 2.76 -27.44
C GLN A 562 -27.55 3.04 -26.06
N PHE A 563 -26.93 2.02 -25.46
CA PHE A 563 -26.41 2.19 -24.11
C PHE A 563 -25.11 2.97 -24.12
N ALA A 564 -24.41 2.95 -25.25
CA ALA A 564 -23.16 3.68 -25.43
C ALA A 564 -23.39 5.00 -26.16
N SER A 565 -24.51 5.67 -25.88
CA SER A 565 -24.90 6.82 -26.69
C SER A 565 -24.13 8.08 -26.29
N ASP A 566 -24.32 8.53 -25.05
CA ASP A 566 -23.68 9.74 -24.58
C ASP A 566 -22.24 9.55 -24.14
N LYS A 567 -21.82 8.31 -23.92
CA LYS A 567 -20.61 8.04 -23.15
C LYS A 567 -19.37 8.10 -24.02
N LYS A 568 -18.24 8.34 -23.36
CA LYS A 568 -16.95 8.48 -24.01
C LYS A 568 -16.28 7.13 -23.99
N LEU A 569 -16.53 6.32 -25.01
CA LEU A 569 -15.98 4.99 -25.09
C LEU A 569 -15.84 4.59 -26.54
N SER A 570 -15.44 3.34 -26.76
CA SER A 570 -15.42 2.75 -28.09
C SER A 570 -15.73 1.27 -27.94
N ILE A 571 -16.76 0.80 -28.63
CA ILE A 571 -17.10 -0.62 -28.62
C ILE A 571 -16.24 -1.28 -29.69
N ILE A 572 -15.18 -1.96 -29.26
CA ILE A 572 -14.30 -2.62 -30.21
C ILE A 572 -14.95 -3.90 -30.73
N TYR A 573 -15.72 -4.59 -29.89
CA TYR A 573 -16.57 -5.65 -30.42
C TYR A 573 -17.83 -5.77 -29.60
N ALA A 574 -18.93 -6.03 -30.27
CA ALA A 574 -20.15 -6.44 -29.59
C ALA A 574 -20.87 -7.43 -30.48
N GLY A 575 -21.33 -8.50 -29.88
CA GLY A 575 -22.12 -9.48 -30.61
C GLY A 575 -21.97 -10.84 -29.99
N GLY A 576 -22.90 -11.73 -30.35
CA GLY A 576 -22.94 -13.04 -29.75
C GLY A 576 -23.34 -12.88 -28.31
N ASP A 577 -22.37 -12.99 -27.42
CA ASP A 577 -22.55 -12.52 -26.06
C ASP A 577 -21.34 -11.78 -25.52
N ASP A 578 -20.47 -11.28 -26.39
CA ASP A 578 -19.30 -10.51 -25.96
C ASP A 578 -19.51 -9.03 -26.20
N VAL A 579 -19.03 -8.23 -25.26
CA VAL A 579 -18.84 -6.79 -25.43
C VAL A 579 -17.44 -6.47 -24.95
N PHE A 580 -16.55 -6.15 -25.86
CA PHE A 580 -15.21 -5.66 -25.56
C PHE A 580 -15.20 -4.19 -25.90
N ALA A 581 -14.95 -3.34 -24.89
CA ALA A 581 -15.07 -1.91 -25.09
C ALA A 581 -14.01 -1.15 -24.32
N ILE A 582 -13.32 -0.25 -24.99
CA ILE A 582 -12.35 0.65 -24.38
C ILE A 582 -13.02 1.99 -24.16
N GLY A 583 -12.56 2.76 -23.17
CA GLY A 583 -13.02 4.12 -23.07
C GLY A 583 -12.58 4.78 -21.79
N SER A 584 -13.24 5.90 -21.49
CA SER A 584 -12.99 6.60 -20.25
C SER A 584 -13.61 5.84 -19.10
N TRP A 585 -12.94 5.84 -17.94
CA TRP A 585 -13.30 4.88 -16.92
C TRP A 585 -14.60 5.20 -16.19
N GLN A 586 -14.95 6.48 -16.02
CA GLN A 586 -16.29 6.81 -15.53
C GLN A 586 -17.35 6.30 -16.49
N ASP A 587 -17.12 6.47 -17.78
CA ASP A 587 -18.03 6.06 -18.82
C ASP A 587 -17.81 4.62 -19.26
N ILE A 588 -16.93 3.89 -18.61
CA ILE A 588 -16.90 2.44 -18.73
C ILE A 588 -17.65 1.78 -17.57
N ILE A 589 -17.45 2.28 -16.35
CA ILE A 589 -18.18 1.73 -15.20
C ILE A 589 -19.67 2.06 -15.32
N ALA A 590 -19.99 3.30 -15.72
CA ALA A 590 -21.37 3.66 -15.99
C ALA A 590 -21.96 2.87 -17.14
N PHE A 591 -21.15 2.59 -18.16
CA PHE A 591 -21.58 1.77 -19.28
C PHE A 591 -21.97 0.36 -18.85
N THR A 592 -21.15 -0.27 -18.02
CA THR A 592 -21.45 -1.65 -17.66
C THR A 592 -22.54 -1.78 -16.62
N VAL A 593 -22.62 -0.83 -15.69
CA VAL A 593 -23.76 -0.79 -14.78
C VAL A 593 -25.05 -0.60 -15.56
N GLU A 594 -25.05 0.31 -16.53
CA GLU A 594 -26.24 0.51 -17.37
C GLU A 594 -26.55 -0.70 -18.22
N LEU A 595 -25.52 -1.35 -18.77
CA LEU A 595 -25.71 -2.51 -19.64
C LEU A 595 -26.30 -3.67 -18.89
N ARG A 596 -25.80 -3.95 -17.68
CA ARG A 596 -26.39 -5.06 -16.96
C ARG A 596 -27.76 -4.71 -16.39
N GLU A 597 -27.95 -3.48 -15.89
CA GLU A 597 -29.26 -3.14 -15.36
C GLU A 597 -30.32 -3.05 -16.43
N ASN A 598 -29.93 -2.96 -17.70
CA ASN A 598 -30.87 -3.16 -18.79
C ASN A 598 -30.94 -4.61 -19.25
N PHE A 599 -29.88 -5.38 -19.10
CA PHE A 599 -29.91 -6.77 -19.56
C PHE A 599 -30.70 -7.66 -18.61
N ILE A 600 -30.76 -7.31 -17.32
CA ILE A 600 -31.54 -8.10 -16.39
C ILE A 600 -32.99 -7.66 -16.38
N LYS A 601 -33.30 -6.47 -16.91
CA LYS A 601 -34.68 -6.17 -17.26
C LYS A 601 -35.06 -6.85 -18.56
N TRP A 602 -34.10 -6.99 -19.47
CA TRP A 602 -34.35 -7.63 -20.76
C TRP A 602 -34.59 -9.12 -20.61
N THR A 603 -33.97 -9.75 -19.62
CA THR A 603 -34.07 -11.19 -19.45
C THR A 603 -34.83 -11.58 -18.20
N ASN A 604 -35.56 -10.65 -17.58
CA ASN A 604 -36.32 -10.84 -16.34
C ASN A 604 -35.44 -11.28 -15.17
N GLY A 605 -34.14 -11.04 -15.22
CA GLY A 605 -33.26 -11.50 -14.18
C GLY A 605 -32.66 -12.87 -14.41
N LYS A 606 -33.00 -13.53 -15.50
CA LYS A 606 -32.25 -14.70 -15.96
C LYS A 606 -31.00 -14.21 -16.67
N LEU A 607 -30.12 -15.16 -17.05
CA LEU A 607 -28.95 -14.91 -17.90
C LEU A 607 -28.00 -13.88 -17.27
N THR A 608 -27.29 -14.32 -16.25
CA THR A 608 -26.28 -13.45 -15.66
C THR A 608 -25.18 -13.14 -16.65
N LEU A 609 -24.70 -11.89 -16.64
CA LEU A 609 -23.49 -11.54 -17.35
C LEU A 609 -22.42 -11.11 -16.35
N SER A 610 -21.17 -11.23 -16.75
CA SER A 610 -20.09 -11.08 -15.79
C SER A 610 -18.87 -10.46 -16.45
N ALA A 611 -18.60 -9.21 -16.12
CA ALA A 611 -17.62 -8.38 -16.79
C ALA A 611 -16.31 -8.32 -16.03
N GLY A 612 -15.28 -7.87 -16.72
CA GLY A 612 -14.04 -7.49 -16.09
C GLY A 612 -13.64 -6.12 -16.59
N ILE A 613 -13.54 -5.16 -15.69
CA ILE A 613 -13.06 -3.82 -15.98
C ILE A 613 -11.61 -3.74 -15.50
N GLY A 614 -10.73 -3.18 -16.34
CA GLY A 614 -9.40 -2.86 -15.87
C GLY A 614 -8.99 -1.44 -16.18
N LEU A 615 -8.42 -0.74 -15.18
CA LEU A 615 -7.83 0.58 -15.37
C LEU A 615 -6.41 0.52 -15.91
N PHE A 616 -6.11 1.43 -16.82
CA PHE A 616 -4.81 1.52 -17.44
C PHE A 616 -4.46 2.98 -17.59
N ALA A 617 -3.18 3.30 -17.46
CA ALA A 617 -2.75 4.67 -17.69
C ALA A 617 -2.82 5.00 -19.17
N ASP A 618 -2.53 6.26 -19.50
CA ASP A 618 -2.45 6.60 -20.89
C ASP A 618 -1.17 6.01 -21.49
N LYS A 619 -1.18 5.84 -22.82
CA LYS A 619 -0.03 5.45 -23.62
C LYS A 619 0.47 4.04 -23.26
N THR A 620 -0.46 3.11 -23.10
CA THR A 620 -0.06 1.73 -22.88
C THR A 620 -0.56 0.85 -24.00
N PRO A 621 0.22 -0.15 -24.41
CA PRO A 621 -0.16 -0.96 -25.57
C PRO A 621 -1.39 -1.80 -25.33
N ILE A 622 -2.07 -2.11 -26.43
CA ILE A 622 -3.47 -2.51 -26.38
C ILE A 622 -3.59 -4.02 -26.12
N SER A 623 -2.57 -4.80 -26.45
CA SER A 623 -2.62 -6.21 -26.07
C SER A 623 -2.28 -6.40 -24.60
N LEU A 624 -1.31 -5.63 -24.10
CA LEU A 624 -0.97 -5.61 -22.69
C LEU A 624 -2.13 -5.15 -21.82
N MET A 625 -3.07 -4.42 -22.42
CA MET A 625 -4.31 -3.90 -21.89
C MET A 625 -5.44 -4.91 -21.95
N ALA A 626 -5.67 -5.49 -23.13
CA ALA A 626 -6.75 -6.41 -23.38
C ALA A 626 -6.55 -7.75 -22.69
N HIS A 627 -5.32 -8.24 -22.60
CA HIS A 627 -5.09 -9.51 -21.91
C HIS A 627 -5.32 -9.36 -20.41
N GLN A 628 -4.90 -8.25 -19.83
CA GLN A 628 -5.14 -8.03 -18.41
C GLN A 628 -6.60 -7.73 -18.12
N THR A 629 -7.35 -7.24 -19.10
CA THR A 629 -8.80 -7.16 -18.93
C THR A 629 -9.44 -8.54 -19.00
N GLY A 630 -9.02 -9.37 -19.94
CA GLY A 630 -9.58 -10.70 -20.08
C GLY A 630 -9.27 -11.63 -18.93
N GLU A 631 -8.12 -11.43 -18.28
CA GLU A 631 -7.85 -12.16 -17.05
C GLU A 631 -8.79 -11.76 -15.92
N LEU A 632 -9.18 -10.49 -15.85
CA LEU A 632 -10.16 -10.07 -14.87
C LEU A 632 -11.54 -10.62 -15.20
N GLU A 633 -11.84 -10.73 -16.50
CA GLU A 633 -13.10 -11.31 -16.91
C GLU A 633 -13.19 -12.78 -16.51
N GLU A 634 -12.13 -13.55 -16.74
CA GLU A 634 -12.16 -14.95 -16.32
C GLU A 634 -11.98 -15.12 -14.81
N ALA A 635 -11.40 -14.15 -14.12
CA ALA A 635 -11.38 -14.16 -12.67
C ALA A 635 -12.71 -13.78 -12.07
N ALA A 636 -13.58 -13.14 -12.84
CA ALA A 636 -14.95 -12.91 -12.45
C ALA A 636 -15.91 -13.99 -12.92
N LYS A 637 -15.49 -14.83 -13.88
CA LYS A 637 -16.30 -16.01 -14.20
C LYS A 637 -16.31 -16.99 -13.05
N GLY A 638 -15.21 -17.09 -12.33
CA GLY A 638 -15.12 -18.07 -11.27
C GLY A 638 -15.22 -17.52 -9.87
N ASN A 639 -15.83 -16.36 -9.69
CA ASN A 639 -16.15 -15.88 -8.35
C ASN A 639 -17.17 -16.82 -7.73
N GLU A 640 -18.41 -16.73 -8.21
CA GLU A 640 -19.31 -17.87 -8.22
C GLU A 640 -19.70 -18.16 -9.66
N LYS A 641 -20.46 -17.27 -10.31
CA LYS A 641 -20.44 -17.16 -11.76
C LYS A 641 -20.56 -15.69 -12.20
N ASP A 642 -21.39 -14.94 -11.50
CA ASP A 642 -21.94 -13.64 -11.92
C ASP A 642 -21.20 -12.55 -11.19
N SER A 643 -20.13 -12.03 -11.78
CA SER A 643 -19.39 -11.04 -11.02
C SER A 643 -18.73 -10.03 -11.92
N ILE A 644 -18.53 -8.87 -11.37
CA ILE A 644 -17.70 -7.85 -11.97
C ILE A 644 -16.38 -7.83 -11.22
N SER A 645 -15.29 -7.70 -11.95
CA SER A 645 -13.95 -7.73 -11.38
C SER A 645 -13.35 -6.36 -11.63
N LEU A 646 -13.48 -5.47 -10.64
CA LEU A 646 -12.99 -4.10 -10.79
C LEU A 646 -11.49 -4.09 -10.61
N PHE A 647 -10.77 -3.92 -11.70
CA PHE A 647 -9.44 -3.33 -11.82
C PHE A 647 -8.35 -4.28 -11.34
N SER A 648 -8.68 -5.40 -10.70
CA SER A 648 -7.70 -6.19 -9.97
C SER A 648 -8.34 -7.53 -9.61
N SER A 649 -7.49 -8.48 -9.21
CA SER A 649 -7.96 -9.83 -8.96
C SER A 649 -8.79 -9.93 -7.69
N ASP A 650 -8.63 -9.00 -6.75
CA ASP A 650 -9.31 -9.12 -5.48
C ASP A 650 -10.69 -8.45 -5.46
N TYR A 651 -10.85 -7.29 -6.10
CA TYR A 651 -12.15 -6.61 -6.10
C TYR A 651 -13.07 -7.36 -7.05
N THR A 652 -13.68 -8.42 -6.54
CA THR A 652 -14.50 -9.31 -7.35
C THR A 652 -15.85 -9.43 -6.66
N PHE A 653 -16.84 -8.70 -7.17
CA PHE A 653 -18.13 -8.56 -6.51
C PHE A 653 -19.20 -9.16 -7.38
N LYS A 654 -20.18 -9.84 -6.78
CA LYS A 654 -21.41 -10.10 -7.49
C LYS A 654 -22.06 -8.77 -7.85
N PHE A 655 -22.67 -8.70 -9.03
CA PHE A 655 -23.24 -7.45 -9.52
C PHE A 655 -24.39 -6.95 -8.64
N ASP A 656 -25.21 -7.85 -8.13
CA ASP A 656 -26.26 -7.47 -7.19
C ASP A 656 -25.70 -7.01 -5.87
N ARG A 657 -24.49 -7.46 -5.54
CA ARG A 657 -23.71 -7.03 -4.40
C ARG A 657 -22.78 -5.87 -4.75
N PHE A 658 -22.72 -5.48 -6.03
CA PHE A 658 -21.91 -4.34 -6.46
C PHE A 658 -22.74 -3.11 -6.79
N ILE A 659 -23.72 -3.22 -7.69
CA ILE A 659 -24.42 -2.05 -8.21
C ILE A 659 -25.30 -1.43 -7.13
N THR A 660 -25.96 -2.27 -6.32
CA THR A 660 -26.72 -1.74 -5.20
C THR A 660 -25.82 -1.25 -4.09
N ASN A 661 -24.91 -2.10 -3.62
CA ASN A 661 -24.15 -1.79 -2.42
C ASN A 661 -23.02 -0.81 -2.70
N VAL A 662 -22.10 -1.15 -3.59
CA VAL A 662 -20.91 -0.33 -3.78
C VAL A 662 -21.26 0.95 -4.52
N TYR A 663 -21.79 0.80 -5.72
CA TYR A 663 -21.82 1.90 -6.67
C TYR A 663 -22.92 2.91 -6.38
N ASP A 664 -24.00 2.49 -5.76
CA ASP A 664 -25.10 3.39 -5.47
C ASP A 664 -25.26 3.68 -3.98
N ASP A 665 -25.18 2.67 -3.12
CA ASP A 665 -25.34 2.94 -1.69
C ASP A 665 -24.08 3.58 -1.12
N LYS A 666 -22.96 2.85 -1.12
CA LYS A 666 -21.78 3.31 -0.38
C LYS A 666 -21.08 4.46 -1.07
N LEU A 667 -20.95 4.42 -2.40
CA LEU A 667 -20.24 5.48 -3.09
C LEU A 667 -20.99 6.80 -2.99
N GLU A 668 -22.31 6.78 -3.00
CA GLU A 668 -23.03 8.04 -2.89
C GLU A 668 -23.03 8.54 -1.45
N GLN A 669 -23.02 7.64 -0.45
CA GLN A 669 -22.86 8.07 0.94
C GLN A 669 -21.49 8.67 1.19
N ILE A 670 -20.44 8.09 0.60
CA ILE A 670 -19.10 8.64 0.75
C ILE A 670 -18.98 9.99 0.04
N ARG A 671 -19.53 10.10 -1.16
CA ARG A 671 -19.50 11.37 -1.88
C ARG A 671 -20.33 12.44 -1.18
N TYR A 672 -21.48 12.04 -0.64
CA TYR A 672 -22.37 12.93 0.09
C TYR A 672 -21.74 13.45 1.36
N PHE A 673 -20.97 12.60 2.06
CA PHE A 673 -20.27 13.10 3.23
C PHE A 673 -19.09 13.98 2.83
N PHE A 674 -18.30 13.56 1.85
CA PHE A 674 -17.05 14.26 1.58
C PHE A 674 -17.21 15.46 0.68
N ASN A 675 -18.41 15.80 0.23
CA ASN A 675 -18.60 17.10 -0.40
C ASN A 675 -19.31 18.13 0.46
N HIS A 676 -20.05 17.71 1.47
CA HIS A 676 -20.70 18.66 2.38
C HIS A 676 -19.86 18.93 3.62
N GLN A 677 -18.58 19.26 3.41
CA GLN A 677 -17.66 19.63 4.47
C GLN A 677 -16.38 20.17 3.84
N ASP A 678 -15.50 20.65 4.71
CA ASP A 678 -14.21 21.18 4.31
C ASP A 678 -13.03 20.69 5.15
N GLU A 679 -13.27 20.19 6.36
CA GLU A 679 -12.17 19.83 7.24
C GLU A 679 -11.51 18.54 6.81
N ARG A 680 -12.28 17.45 6.70
CA ARG A 680 -11.71 16.18 6.32
C ARG A 680 -11.34 16.20 4.84
N GLY A 681 -10.17 15.69 4.52
CA GLY A 681 -9.71 15.71 3.15
C GLY A 681 -9.37 14.34 2.63
N LYS A 682 -8.37 14.29 1.75
CA LYS A 682 -7.97 13.03 1.16
C LYS A 682 -7.02 12.25 2.04
N ASN A 683 -6.38 12.91 3.00
CA ASN A 683 -5.54 12.21 3.97
C ASN A 683 -6.38 11.28 4.84
N PHE A 684 -7.58 11.73 5.21
CA PHE A 684 -8.50 10.89 5.97
C PHE A 684 -8.98 9.71 5.14
N ILE A 685 -9.22 9.91 3.84
CA ILE A 685 -9.67 8.82 2.98
C ILE A 685 -8.55 7.81 2.78
N TYR A 686 -7.32 8.30 2.66
CA TYR A 686 -6.17 7.42 2.52
C TYR A 686 -5.93 6.59 3.77
N LYS A 687 -6.05 7.21 4.94
CA LYS A 687 -5.95 6.46 6.19
C LYS A 687 -7.11 5.52 6.41
N LEU A 688 -8.27 5.76 5.79
CA LEU A 688 -9.32 4.74 5.86
C LEU A 688 -9.04 3.58 4.91
N ILE A 689 -8.48 3.87 3.74
CA ILE A 689 -8.13 2.81 2.77
C ILE A 689 -7.06 1.89 3.33
N GLU A 690 -6.09 2.44 4.07
CA GLU A 690 -5.10 1.58 4.72
C GLU A 690 -5.71 0.68 5.78
N LEU A 691 -6.58 1.22 6.64
CA LEU A 691 -7.21 0.41 7.67
C LEU A 691 -8.19 -0.60 7.09
N LEU A 692 -8.74 -0.31 5.91
CA LEU A 692 -9.59 -1.30 5.24
C LEU A 692 -8.77 -2.37 4.54
N ARG A 693 -7.57 -2.06 4.07
CA ARG A 693 -6.84 -3.04 3.29
C ARG A 693 -6.06 -4.01 4.18
N ASN A 694 -5.45 -3.51 5.24
CA ASN A 694 -4.65 -4.41 6.08
C ASN A 694 -5.55 -5.28 6.95
N HIS A 695 -6.25 -4.67 7.89
CA HIS A 695 -7.40 -5.25 8.61
C HIS A 695 -7.08 -6.57 9.32
N ASP A 696 -6.39 -6.46 10.44
CA ASP A 696 -6.51 -7.52 11.41
C ASP A 696 -7.62 -7.14 12.40
N ARG A 697 -7.72 -7.87 13.52
CA ARG A 697 -8.63 -7.48 14.58
C ARG A 697 -8.16 -6.21 15.29
N MET A 698 -6.84 -5.95 15.25
CA MET A 698 -6.29 -4.76 15.92
C MET A 698 -6.72 -3.48 15.22
N ASN A 699 -6.87 -3.52 13.89
CA ASN A 699 -7.26 -2.30 13.22
C ASN A 699 -8.72 -1.94 13.45
N MET A 700 -9.54 -2.87 13.95
CA MET A 700 -10.87 -2.48 14.40
C MET A 700 -10.78 -1.55 15.61
N ALA A 701 -9.90 -1.85 16.56
CA ALA A 701 -9.68 -0.98 17.69
C ALA A 701 -9.00 0.33 17.27
N ARG A 702 -8.01 0.25 16.37
CA ARG A 702 -7.36 1.47 15.88
C ARG A 702 -8.30 2.35 15.08
N LEU A 703 -9.25 1.77 14.35
CA LEU A 703 -10.26 2.53 13.65
C LEU A 703 -11.26 3.14 14.61
N ALA A 704 -11.66 2.40 15.65
CA ALA A 704 -12.52 2.92 16.70
C ALA A 704 -11.89 4.06 17.47
N TYR A 705 -10.57 4.07 17.58
CA TYR A 705 -9.86 5.19 18.19
C TYR A 705 -9.71 6.37 17.26
N TYR A 706 -9.39 6.10 16.00
CA TYR A 706 -9.18 7.13 15.00
C TYR A 706 -10.43 7.95 14.73
N LEU A 707 -11.56 7.27 14.50
CA LEU A 707 -12.80 7.98 14.23
C LEU A 707 -13.35 8.68 15.47
N THR A 708 -13.02 8.21 16.66
CA THR A 708 -13.49 8.89 17.86
C THR A 708 -12.64 10.11 18.17
N ARG A 709 -11.34 10.03 17.88
CA ARG A 709 -10.50 11.22 17.89
C ARG A 709 -11.01 12.28 16.93
N LEU A 710 -11.33 11.88 15.70
CA LEU A 710 -11.79 12.86 14.74
C LEU A 710 -13.24 13.28 14.93
N GLU A 711 -14.01 12.53 15.72
CA GLU A 711 -15.36 12.98 16.04
C GLU A 711 -15.33 14.21 16.92
N GLU A 712 -14.42 14.23 17.89
CA GLU A 712 -14.30 15.35 18.80
C GLU A 712 -13.29 16.37 18.32
N LEU A 713 -12.82 16.26 17.09
CA LEU A 713 -11.98 17.30 16.50
C LEU A 713 -12.76 18.16 15.52
N THR A 714 -13.84 17.65 14.94
CA THR A 714 -14.68 18.45 14.07
C THR A 714 -15.49 19.45 14.87
N ARG A 715 -15.88 20.54 14.22
CA ARG A 715 -16.62 21.62 14.83
C ARG A 715 -18.04 21.17 15.21
N GLU A 716 -18.67 21.94 16.08
CA GLU A 716 -19.98 21.55 16.57
C GLU A 716 -21.10 21.79 15.58
N THR A 717 -20.84 22.52 14.49
CA THR A 717 -21.81 22.57 13.41
C THR A 717 -21.91 21.22 12.73
N ASP A 718 -20.79 20.72 12.22
CA ASP A 718 -20.72 19.40 11.62
C ASP A 718 -20.10 18.39 12.60
N ARG A 719 -20.91 17.96 13.55
CA ARG A 719 -20.51 16.84 14.39
C ARG A 719 -21.49 15.70 14.34
N ASP A 720 -22.79 15.97 14.28
CA ASP A 720 -23.73 14.89 13.99
C ASP A 720 -23.59 14.39 12.56
N LYS A 721 -23.13 15.26 11.65
CA LYS A 721 -22.77 14.83 10.30
C LYS A 721 -21.61 13.84 10.33
N PHE A 722 -20.63 14.08 11.20
CA PHE A 722 -19.52 13.15 11.29
C PHE A 722 -19.88 11.92 12.10
N LYS A 723 -20.76 12.08 13.09
CA LYS A 723 -21.18 10.94 13.90
C LYS A 723 -22.01 9.96 13.07
N THR A 724 -22.87 10.48 12.20
CA THR A 724 -23.64 9.61 11.31
C THR A 724 -22.80 9.04 10.17
N PHE A 725 -21.56 9.49 10.01
CA PHE A 725 -20.62 8.86 9.09
C PHE A 725 -19.72 7.85 9.78
N LYS A 726 -19.24 8.13 11.00
CA LYS A 726 -18.40 7.18 11.69
C LYS A 726 -19.19 6.00 12.26
N ASN A 727 -20.44 6.21 12.67
CA ASN A 727 -21.30 5.09 13.06
C ASN A 727 -21.80 4.30 11.87
N LEU A 728 -21.51 4.79 10.68
CA LEU A 728 -21.85 4.12 9.43
C LEU A 728 -20.66 3.43 8.80
N PHE A 729 -19.45 3.95 9.03
CA PHE A 729 -18.21 3.30 8.57
C PHE A 729 -17.73 2.23 9.54
N TYR A 730 -17.72 2.51 10.85
CA TYR A 730 -17.37 1.51 11.84
C TYR A 730 -18.37 0.37 11.87
N SER A 731 -19.61 0.61 11.45
CA SER A 731 -20.63 -0.42 11.46
C SER A 731 -20.36 -1.47 10.40
N TRP A 732 -19.98 -1.06 9.20
CA TRP A 732 -19.68 -2.09 8.21
C TRP A 732 -18.25 -2.60 8.31
N TYR A 733 -17.34 -1.85 8.91
CA TYR A 733 -15.98 -2.33 9.11
C TYR A 733 -15.95 -3.55 10.00
N THR A 734 -16.80 -3.59 11.01
CA THR A 734 -16.83 -4.65 12.01
C THR A 734 -18.06 -5.52 11.83
N ASN A 735 -18.43 -5.81 10.59
CA ASN A 735 -19.71 -6.43 10.29
C ASN A 735 -19.68 -7.94 10.46
N LYS A 736 -18.51 -8.57 10.22
CA LYS A 736 -18.33 -10.03 10.24
C LYS A 736 -19.30 -10.71 9.27
N ASN A 737 -19.21 -10.29 8.01
CA ASN A 737 -19.73 -11.07 6.90
C ASN A 737 -18.82 -11.04 5.67
N ASP A 738 -17.84 -10.11 5.64
CA ASP A 738 -16.74 -9.96 4.68
C ASP A 738 -17.24 -9.42 3.33
N LYS A 739 -18.55 -9.37 3.13
CA LYS A 739 -19.14 -8.79 1.93
C LYS A 739 -19.59 -7.37 2.16
N ASP A 740 -19.00 -6.69 3.13
CA ASP A 740 -19.36 -5.32 3.43
C ASP A 740 -18.16 -4.42 3.63
N ARG A 741 -17.01 -4.97 4.00
CA ARG A 741 -15.73 -4.30 4.18
C ARG A 741 -14.96 -4.19 2.88
N LYS A 742 -15.05 -5.22 2.05
CA LYS A 742 -14.39 -5.22 0.74
C LYS A 742 -15.06 -4.25 -0.21
N GLU A 743 -16.37 -4.07 -0.07
CA GLU A 743 -17.11 -3.10 -0.86
C GLU A 743 -16.68 -1.67 -0.55
N ALA A 744 -16.40 -1.38 0.72
CA ALA A 744 -16.03 -0.04 1.14
C ALA A 744 -14.69 0.38 0.60
N GLU A 745 -13.77 -0.57 0.44
CA GLU A 745 -12.47 -0.25 -0.12
C GLU A 745 -12.58 0.14 -1.59
N LEU A 746 -13.41 -0.57 -2.34
CA LEU A 746 -13.61 -0.23 -3.74
C LEU A 746 -14.36 1.08 -3.87
N ALA A 747 -15.29 1.36 -2.95
CA ALA A 747 -15.99 2.63 -2.97
C ALA A 747 -15.06 3.79 -2.68
N LEU A 748 -14.14 3.64 -1.73
CA LEU A 748 -13.19 4.70 -1.46
C LEU A 748 -12.14 4.84 -2.55
N LEU A 749 -11.76 3.74 -3.23
CA LEU A 749 -10.90 3.86 -4.41
C LEU A 749 -11.58 4.66 -5.49
N LEU A 750 -12.87 4.41 -5.73
CA LEU A 750 -13.57 5.16 -6.75
C LEU A 750 -13.76 6.62 -6.34
N TYR A 751 -13.97 6.90 -5.06
CA TYR A 751 -14.10 8.30 -4.68
C TYR A 751 -12.76 9.04 -4.76
N ILE A 752 -11.63 8.37 -4.49
CA ILE A 752 -10.35 9.03 -4.68
C ILE A 752 -10.06 9.22 -6.16
N TYR A 753 -10.43 8.25 -6.99
CA TYR A 753 -10.26 8.39 -8.43
C TYR A 753 -11.16 9.46 -9.03
N GLU A 754 -12.28 9.78 -8.38
CA GLU A 754 -13.13 10.85 -8.88
C GLU A 754 -12.56 12.24 -8.62
N ILE A 755 -11.83 12.44 -7.53
CA ILE A 755 -11.45 13.77 -7.08
C ILE A 755 -9.94 14.01 -7.25
N ARG A 756 -9.27 13.17 -8.02
CA ARG A 756 -7.85 13.35 -8.31
C ARG A 756 -7.63 14.62 -9.14
N LYS A 757 -6.60 15.39 -8.78
CA LYS A 757 -6.27 16.59 -9.55
C LYS A 757 -5.46 16.23 -10.80
N ILE B 3 21.77 -10.38 46.59
CA ILE B 3 21.86 -9.98 45.19
C ILE B 3 20.47 -9.94 44.58
N LEU B 4 20.23 -8.97 43.71
CA LEU B 4 18.98 -8.83 42.99
C LEU B 4 19.29 -8.53 41.54
N THR B 5 18.64 -9.27 40.63
CA THR B 5 18.86 -9.11 39.21
C THR B 5 17.54 -8.76 38.51
N ASP B 6 17.56 -8.71 37.18
CA ASP B 6 16.49 -8.08 36.42
C ASP B 6 15.23 -8.90 36.43
N GLU B 7 15.34 -10.22 36.37
CA GLU B 7 14.16 -11.06 36.31
C GLU B 7 13.53 -11.32 37.67
N ASN B 8 14.09 -10.80 38.76
CA ASN B 8 13.50 -11.13 40.05
C ASN B 8 13.34 -10.00 41.06
N TYR B 9 13.87 -8.79 40.82
CA TYR B 9 13.92 -7.79 41.89
C TYR B 9 12.54 -7.27 42.26
N VAL B 10 11.62 -7.25 41.30
CA VAL B 10 10.26 -6.84 41.62
C VAL B 10 9.58 -7.89 42.46
N ASP B 11 9.88 -9.15 42.23
CA ASP B 11 9.32 -10.23 43.04
C ASP B 11 9.93 -10.27 44.42
N ILE B 12 11.23 -9.97 44.52
CA ILE B 12 11.90 -9.84 45.82
C ILE B 12 11.26 -8.71 46.62
N ALA B 13 10.95 -7.59 45.96
CA ALA B 13 10.26 -6.49 46.64
C ALA B 13 8.84 -6.87 47.06
N GLU B 14 8.13 -7.61 46.20
CA GLU B 14 6.78 -8.05 46.53
C GLU B 14 6.76 -8.95 47.75
N LYS B 15 7.62 -9.96 47.77
CA LYS B 15 7.66 -10.83 48.94
C LYS B 15 8.34 -10.18 50.13
N ALA B 16 9.08 -9.08 49.92
CA ALA B 16 9.57 -8.32 51.05
C ALA B 16 8.43 -7.62 51.77
N ILE B 17 7.57 -6.93 51.01
CA ILE B 17 6.49 -6.13 51.61
C ILE B 17 5.47 -7.02 52.31
N LEU B 18 5.24 -8.24 51.81
CA LEU B 18 4.35 -9.17 52.48
C LEU B 18 4.93 -9.71 53.79
N LYS B 19 6.24 -9.56 53.99
CA LYS B 19 6.94 -10.14 55.13
C LYS B 19 7.18 -9.12 56.24
N LEU B 20 6.94 -7.84 56.00
CA LEU B 20 6.91 -6.85 57.07
C LEU B 20 5.78 -7.15 58.04
N GLU B 21 6.07 -7.06 59.33
CA GLU B 21 5.06 -7.39 60.32
C GLU B 21 4.06 -6.25 60.45
N ARG B 22 2.90 -6.60 61.00
CA ARG B 22 1.76 -5.71 61.05
C ARG B 22 1.42 -5.36 62.49
N ASN B 23 0.39 -4.53 62.66
CA ASN B 23 -0.23 -4.33 63.95
C ASN B 23 -0.96 -5.61 64.33
N THR B 24 -0.36 -6.40 65.24
CA THR B 24 -1.05 -7.56 65.77
C THR B 24 -2.19 -7.16 66.70
N ARG B 25 -1.94 -6.15 67.54
CA ARG B 25 -3.00 -5.46 68.24
C ARG B 25 -3.53 -4.36 67.33
N ASN B 26 -4.30 -3.42 67.90
CA ASN B 26 -4.92 -2.29 67.19
C ASN B 26 -5.83 -2.78 66.06
N ARG B 27 -6.92 -3.44 66.48
CA ARG B 27 -7.90 -4.00 65.54
C ARG B 27 -8.90 -2.94 65.07
N LYS B 28 -8.34 -1.86 64.50
CA LYS B 28 -9.09 -0.78 63.87
C LYS B 28 -8.47 -0.62 62.49
N ASN B 29 -9.14 -1.17 61.47
CA ASN B 29 -8.61 -1.43 60.13
C ASN B 29 -7.31 -2.22 60.24
N PRO B 30 -7.37 -3.54 60.52
CA PRO B 30 -6.15 -4.32 60.73
C PRO B 30 -5.35 -4.57 59.45
N ASP B 31 -4.33 -5.44 59.58
CA ASP B 31 -3.29 -5.69 58.56
C ASP B 31 -2.55 -4.42 58.18
N ALA B 32 -2.39 -3.52 59.14
CA ALA B 32 -1.70 -2.26 58.92
C ALA B 32 -0.26 -2.40 59.39
N PHE B 33 0.67 -1.95 58.57
CA PHE B 33 2.09 -2.10 58.84
C PHE B 33 2.53 -1.21 59.99
N PHE B 34 3.61 -1.62 60.65
CA PHE B 34 4.35 -0.68 61.50
C PHE B 34 4.97 0.41 60.65
N LEU B 35 5.54 0.03 59.52
CA LEU B 35 6.17 0.96 58.60
C LEU B 35 5.11 1.80 57.90
N THR B 36 5.45 3.06 57.65
CA THR B 36 4.52 4.03 57.10
C THR B 36 5.02 4.55 55.77
N THR B 37 4.16 5.31 55.09
CA THR B 37 4.50 5.81 53.77
C THR B 37 5.58 6.87 53.84
N SER B 38 5.60 7.65 54.93
CA SER B 38 6.57 8.74 55.05
C SER B 38 7.98 8.22 55.27
N LYS B 39 8.15 7.26 56.18
CA LYS B 39 9.47 6.73 56.45
C LYS B 39 10.01 5.87 55.32
N LEU B 40 9.15 5.46 54.39
CA LEU B 40 9.62 4.73 53.22
C LEU B 40 9.94 5.67 52.07
N ARG B 41 9.18 6.76 51.93
CA ARG B 41 9.59 7.75 50.95
C ARG B 41 10.82 8.54 51.39
N ASN B 42 11.11 8.60 52.69
CA ASN B 42 12.40 9.11 53.12
C ASN B 42 13.54 8.18 52.71
N LEU B 43 13.26 6.90 52.49
CA LEU B 43 14.29 6.00 51.98
C LEU B 43 14.42 6.11 50.48
N LEU B 44 13.30 6.25 49.78
CA LEU B 44 13.36 6.42 48.33
C LEU B 44 13.95 7.77 47.94
N SER B 45 13.81 8.79 48.79
CA SER B 45 14.39 10.09 48.47
C SER B 45 15.91 10.11 48.59
N LEU B 46 16.51 9.10 49.22
CA LEU B 46 17.97 9.01 49.24
C LEU B 46 18.50 8.64 47.86
N THR B 47 17.83 7.70 47.20
CA THR B 47 18.28 7.17 45.92
C THR B 47 17.64 7.86 44.73
N SER B 48 16.62 8.69 44.94
CA SER B 48 15.99 9.37 43.82
C SER B 48 16.89 10.42 43.19
N THR B 49 17.83 10.98 43.93
CA THR B 49 18.79 11.88 43.32
C THR B 49 19.85 11.13 42.53
N LEU B 50 20.38 10.05 43.12
CA LEU B 50 21.39 9.25 42.44
C LEU B 50 20.86 8.50 41.24
N PHE B 51 19.57 8.26 41.17
CA PHE B 51 19.05 7.55 40.01
C PHE B 51 19.12 8.41 38.75
N ASP B 52 18.90 9.70 38.88
CA ASP B 52 18.96 10.60 37.73
C ASP B 52 20.26 11.38 37.66
N GLU B 53 21.14 11.22 38.63
CA GLU B 53 22.54 11.57 38.40
C GLU B 53 23.33 10.43 37.79
N SER B 54 22.76 9.23 37.74
CA SER B 54 23.48 8.10 37.17
C SER B 54 23.40 8.11 35.65
N LYS B 55 22.35 8.71 35.09
CA LYS B 55 22.19 8.73 33.64
C LYS B 55 23.17 9.69 32.98
N VAL B 56 23.49 10.80 33.65
CA VAL B 56 24.33 11.83 33.07
C VAL B 56 25.79 11.58 33.41
N LYS B 57 26.09 11.46 34.69
CA LYS B 57 27.47 11.33 35.12
C LYS B 57 27.98 9.90 34.93
N GLU B 58 29.30 9.78 34.84
CA GLU B 58 29.96 8.49 34.92
C GLU B 58 29.80 7.90 36.31
N TYR B 59 29.96 6.58 36.39
CA TYR B 59 29.90 5.93 37.70
C TYR B 59 31.14 6.22 38.53
N ASP B 60 32.29 6.40 37.89
CA ASP B 60 33.53 6.62 38.62
C ASP B 60 33.61 8.03 39.21
N ALA B 61 32.89 8.99 38.65
CA ALA B 61 32.79 10.32 39.21
C ALA B 61 31.57 10.49 40.11
N LEU B 62 31.01 9.38 40.60
CA LEU B 62 29.75 9.40 41.33
C LEU B 62 29.78 8.55 42.60
N LEU B 63 30.72 7.63 42.75
CA LEU B 63 30.55 6.52 43.68
C LEU B 63 30.78 6.91 45.14
N ASP B 64 31.23 8.12 45.44
CA ASP B 64 31.32 8.53 46.84
C ASP B 64 29.94 8.79 47.43
N ARG B 65 28.99 9.23 46.62
CA ARG B 65 27.61 9.31 47.07
C ARG B 65 27.03 7.93 47.32
N ILE B 66 27.40 6.95 46.49
CA ILE B 66 26.93 5.57 46.70
C ILE B 66 27.60 4.99 47.95
N ALA B 67 28.81 5.44 48.27
CA ALA B 67 29.43 5.05 49.53
C ALA B 67 28.69 5.65 50.73
N TYR B 68 28.36 6.95 50.67
CA TYR B 68 27.69 7.59 51.79
C TYR B 68 26.25 7.14 51.95
N LEU B 69 25.62 6.67 50.86
CA LEU B 69 24.22 6.27 50.93
C LEU B 69 24.02 4.99 51.72
N ARG B 70 25.06 4.16 51.86
CA ARG B 70 24.99 3.05 52.81
C ARG B 70 24.83 3.56 54.24
N VAL B 71 25.60 4.58 54.61
CA VAL B 71 25.51 5.18 55.94
C VAL B 71 24.17 5.87 56.11
N GLN B 72 23.63 6.44 55.04
CA GLN B 72 22.29 7.03 55.09
C GLN B 72 21.22 5.99 55.40
N PHE B 73 21.28 4.83 54.74
CA PHE B 73 20.36 3.75 55.08
C PHE B 73 20.59 3.19 56.48
N VAL B 74 21.83 3.18 56.95
CA VAL B 74 22.12 2.77 58.33
C VAL B 74 21.47 3.71 59.32
N TYR B 75 21.67 5.01 59.14
CA TYR B 75 21.13 6.00 60.07
C TYR B 75 19.62 6.09 60.00
N GLN B 76 19.03 5.93 58.82
CA GLN B 76 17.57 5.85 58.76
C GLN B 76 17.05 4.54 59.35
N ALA B 77 17.89 3.52 59.40
CA ALA B 77 17.50 2.28 60.06
C ALA B 77 17.64 2.36 61.58
N GLY B 78 18.68 3.03 62.08
CA GLY B 78 18.97 3.09 63.49
C GLY B 78 18.12 4.01 64.31
N ARG B 79 17.03 4.52 63.76
CA ARG B 79 16.13 5.43 64.45
C ARG B 79 14.78 4.80 64.75
N GLU B 80 14.18 4.12 63.80
CA GLU B 80 12.91 3.46 63.97
C GLU B 80 13.11 1.95 63.82
N ILE B 81 12.44 1.18 64.67
CA ILE B 81 12.47 -0.27 64.54
C ILE B 81 11.65 -0.78 63.38
N ALA B 82 10.77 0.03 62.81
CA ALA B 82 10.02 -0.37 61.63
C ALA B 82 10.77 -0.12 60.34
N VAL B 83 11.93 0.54 60.40
CA VAL B 83 12.78 0.71 59.25
C VAL B 83 14.00 -0.20 59.32
N LYS B 84 14.53 -0.45 60.52
CA LYS B 84 15.55 -1.48 60.70
C LYS B 84 15.01 -2.86 60.37
N ASP B 85 13.71 -3.07 60.58
CA ASP B 85 13.05 -4.28 60.11
C ASP B 85 13.00 -4.34 58.59
N LEU B 86 12.78 -3.20 57.92
CA LEU B 86 12.63 -3.19 56.47
C LEU B 86 13.93 -3.47 55.76
N ILE B 87 15.04 -2.92 56.25
CA ILE B 87 16.31 -3.02 55.56
C ILE B 87 16.95 -4.39 55.77
N GLU B 88 16.32 -5.24 56.57
CA GLU B 88 16.74 -6.62 56.75
C GLU B 88 15.80 -7.63 56.13
N LYS B 89 14.50 -7.33 56.04
CA LYS B 89 13.59 -8.14 55.25
C LYS B 89 13.98 -8.08 53.77
N ALA B 90 13.95 -6.89 53.21
CA ALA B 90 14.58 -6.64 51.92
C ALA B 90 16.05 -6.39 52.15
N GLN B 91 16.92 -7.20 51.55
CA GLN B 91 18.35 -7.10 51.84
C GLN B 91 18.94 -5.85 51.18
N ILE B 92 18.63 -4.70 51.78
CA ILE B 92 19.05 -3.41 51.23
C ILE B 92 20.53 -3.18 51.49
N LEU B 93 20.96 -3.38 52.73
CA LEU B 93 22.37 -3.20 53.07
C LEU B 93 23.25 -4.23 52.39
N GLU B 94 22.73 -5.43 52.16
CA GLU B 94 23.49 -6.45 51.45
C GLU B 94 23.59 -6.13 49.97
N ALA B 95 22.59 -5.44 49.41
CA ALA B 95 22.63 -5.09 47.99
C ALA B 95 23.33 -3.77 47.72
N LEU B 96 23.53 -2.95 48.74
CA LEU B 96 24.30 -1.71 48.56
C LEU B 96 25.78 -2.00 48.33
N LYS B 97 26.29 -3.07 48.91
CA LYS B 97 27.70 -3.39 48.74
C LYS B 97 27.95 -3.96 47.35
N GLU B 98 26.97 -4.63 46.77
CA GLU B 98 27.07 -5.21 45.43
C GLU B 98 26.34 -4.30 44.45
N ILE B 99 26.96 -3.16 44.13
CA ILE B 99 26.41 -2.32 43.08
C ILE B 99 27.43 -2.19 41.95
N LYS B 100 28.56 -1.52 42.21
CA LYS B 100 29.79 -1.60 41.42
C LYS B 100 29.72 -1.19 39.94
N ASP B 101 28.57 -0.76 39.43
CA ASP B 101 28.46 -0.22 38.08
C ASP B 101 27.21 0.65 37.98
N ARG B 102 26.80 0.97 36.75
CA ARG B 102 25.60 1.75 36.52
C ARG B 102 24.34 0.89 36.45
N GLU B 103 24.43 -0.29 35.84
CA GLU B 103 23.24 -1.12 35.65
C GLU B 103 22.80 -1.81 36.92
N THR B 104 23.56 -1.74 38.01
CA THR B 104 23.06 -2.18 39.30
C THR B 104 22.71 -1.01 40.20
N LEU B 105 23.29 0.16 39.95
CA LEU B 105 22.81 1.37 40.61
C LEU B 105 21.40 1.70 40.17
N GLN B 106 21.14 1.63 38.87
CA GLN B 106 19.81 1.81 38.34
C GLN B 106 18.93 0.58 38.48
N ARG B 107 19.41 -0.47 39.14
CA ARG B 107 18.55 -1.56 39.57
C ARG B 107 18.25 -1.48 41.05
N PHE B 108 19.17 -0.98 41.88
CA PHE B 108 18.88 -0.75 43.28
C PHE B 108 17.94 0.43 43.47
N CYS B 109 18.22 1.53 42.76
CA CYS B 109 17.36 2.70 42.85
C CYS B 109 15.99 2.42 42.25
N ARG B 110 15.90 1.41 41.39
CA ARG B 110 14.65 0.93 40.84
C ARG B 110 13.97 -0.08 41.78
N TYR B 111 14.76 -0.83 42.54
CA TYR B 111 14.24 -1.74 43.54
C TYR B 111 13.58 -1.01 44.70
N MET B 112 14.13 0.14 45.09
CA MET B 112 13.46 0.95 46.10
C MET B 112 12.11 1.46 45.61
N GLU B 113 12.04 1.81 44.32
CA GLU B 113 10.77 2.17 43.70
C GLU B 113 9.80 1.01 43.70
N ALA B 114 10.30 -0.21 43.49
CA ALA B 114 9.46 -1.40 43.59
C ALA B 114 8.93 -1.62 44.99
N LEU B 115 9.76 -1.36 46.00
CA LEU B 115 9.33 -1.48 47.39
C LEU B 115 8.23 -0.49 47.73
N VAL B 116 8.40 0.76 47.31
CA VAL B 116 7.36 1.78 47.50
C VAL B 116 6.08 1.42 46.75
N ALA B 117 6.22 0.87 45.54
CA ALA B 117 5.06 0.51 44.74
C ALA B 117 4.24 -0.60 45.39
N TYR B 118 4.91 -1.66 45.87
CA TYR B 118 4.14 -2.71 46.54
C TYR B 118 3.65 -2.30 47.92
N PHE B 119 4.34 -1.40 48.61
CA PHE B 119 3.82 -0.94 49.89
C PHE B 119 2.60 -0.05 49.68
N LYS B 120 2.57 0.73 48.61
CA LYS B 120 1.39 1.52 48.29
C LYS B 120 0.27 0.62 47.81
N PHE B 121 0.61 -0.48 47.16
CA PHE B 121 -0.39 -1.40 46.62
C PHE B 121 -1.10 -2.16 47.73
N TYR B 122 -0.37 -2.51 48.80
CA TYR B 122 -0.92 -3.22 49.94
C TYR B 122 -1.08 -2.24 51.10
N GLY B 123 -2.28 -1.70 51.26
CA GLY B 123 -2.55 -0.78 52.35
C GLY B 123 -3.11 0.55 51.89
N ILE C 3 -4.49 -14.80 30.65
CA ILE C 3 -3.61 -15.07 29.52
C ILE C 3 -4.20 -14.39 28.28
N LEU C 4 -3.33 -13.96 27.37
CA LEU C 4 -3.75 -13.41 26.08
C LEU C 4 -2.94 -14.04 24.96
N THR C 5 -3.65 -14.40 23.89
CA THR C 5 -3.08 -15.03 22.70
C THR C 5 -3.19 -14.08 21.52
N ASP C 6 -2.71 -14.52 20.36
CA ASP C 6 -2.71 -13.66 19.17
C ASP C 6 -4.09 -13.48 18.55
N GLU C 7 -5.07 -14.27 18.96
CA GLU C 7 -6.40 -14.21 18.37
C GLU C 7 -7.41 -13.50 19.25
N ASN C 8 -7.08 -13.23 20.51
CA ASN C 8 -8.11 -12.75 21.44
C ASN C 8 -7.66 -11.60 22.32
N TYR C 9 -6.51 -10.98 22.07
CA TYR C 9 -6.10 -9.92 22.96
C TYR C 9 -6.87 -8.64 22.74
N VAL C 10 -7.44 -8.44 21.55
CA VAL C 10 -8.25 -7.25 21.34
C VAL C 10 -9.63 -7.42 21.94
N ASP C 11 -10.16 -8.64 21.92
CA ASP C 11 -11.50 -8.88 22.46
C ASP C 11 -11.52 -8.80 23.98
N ILE C 12 -10.44 -9.18 24.65
CA ILE C 12 -10.38 -9.02 26.10
C ILE C 12 -10.31 -7.55 26.46
N ALA C 13 -9.58 -6.75 25.68
CA ALA C 13 -9.57 -5.31 25.91
C ALA C 13 -10.89 -4.65 25.56
N GLU C 14 -11.66 -5.23 24.65
CA GLU C 14 -13.02 -4.78 24.43
C GLU C 14 -13.90 -5.06 25.64
N LYS C 15 -13.96 -6.32 26.06
CA LYS C 15 -14.88 -6.72 27.12
C LYS C 15 -14.38 -6.34 28.51
N ALA C 16 -13.17 -5.79 28.64
CA ALA C 16 -12.68 -5.31 29.92
C ALA C 16 -13.00 -3.85 30.17
N ILE C 17 -13.09 -3.04 29.12
CA ILE C 17 -13.63 -1.70 29.27
C ILE C 17 -15.12 -1.78 29.62
N LEU C 18 -15.82 -2.77 29.06
CA LEU C 18 -17.23 -2.95 29.37
C LEU C 18 -17.46 -3.54 30.74
N LYS C 19 -16.45 -4.17 31.34
CA LYS C 19 -16.57 -4.68 32.69
C LYS C 19 -16.13 -3.67 33.73
N LEU C 20 -15.40 -2.63 33.31
CA LEU C 20 -15.01 -1.54 34.18
C LEU C 20 -16.25 -0.71 34.52
N GLU C 21 -16.53 -0.52 35.80
CA GLU C 21 -17.77 0.15 36.17
C GLU C 21 -17.65 1.67 36.01
N ARG C 22 -18.75 2.27 35.59
CA ARG C 22 -18.79 3.66 35.21
C ARG C 22 -19.35 4.49 36.36
N ASN C 23 -19.57 5.78 36.10
CA ASN C 23 -20.17 6.65 37.10
C ASN C 23 -21.69 6.45 37.05
N THR C 24 -22.21 5.74 38.04
CA THR C 24 -23.65 5.49 38.09
C THR C 24 -24.41 6.75 38.45
N ARG C 25 -23.91 7.49 39.42
CA ARG C 25 -24.50 8.75 39.86
C ARG C 25 -23.86 9.91 39.10
N ASN C 26 -24.11 11.13 39.57
CA ASN C 26 -23.56 12.39 39.04
C ASN C 26 -23.94 12.59 37.56
N ARG C 27 -25.25 12.82 37.37
CA ARG C 27 -25.85 12.91 36.03
C ARG C 27 -25.44 14.23 35.37
N LYS C 28 -24.24 14.22 34.80
CA LYS C 28 -23.76 15.28 33.93
C LYS C 28 -22.84 14.58 32.94
N ASN C 29 -23.39 14.26 31.76
CA ASN C 29 -22.93 13.23 30.84
C ASN C 29 -22.71 11.92 31.61
N PRO C 30 -23.80 11.21 32.00
CA PRO C 30 -23.64 10.00 32.82
C PRO C 30 -23.05 8.82 32.06
N ASP C 31 -22.83 7.72 32.78
CA ASP C 31 -22.01 6.58 32.34
C ASP C 31 -20.65 7.03 31.81
N ALA C 32 -20.03 7.96 32.52
CA ALA C 32 -18.62 8.26 32.35
C ALA C 32 -17.83 7.35 33.27
N PHE C 33 -16.57 7.13 32.94
CA PHE C 33 -15.76 6.25 33.76
C PHE C 33 -15.19 7.00 34.96
N PHE C 34 -15.01 6.28 36.07
CA PHE C 34 -14.20 6.80 37.16
C PHE C 34 -12.75 6.95 36.72
N LEU C 35 -12.28 6.02 35.90
CA LEU C 35 -10.93 6.06 35.37
C LEU C 35 -10.82 7.21 34.38
N THR C 36 -9.80 8.03 34.54
CA THR C 36 -9.59 9.17 33.66
C THR C 36 -8.58 8.82 32.58
N THR C 37 -8.59 9.61 31.51
CA THR C 37 -7.74 9.37 30.36
C THR C 37 -6.26 9.47 30.71
N SER C 38 -5.90 10.45 31.52
CA SER C 38 -4.49 10.71 31.78
C SER C 38 -3.90 9.78 32.82
N LYS C 39 -4.71 9.00 33.52
CA LYS C 39 -4.22 7.89 34.33
C LYS C 39 -4.09 6.63 33.51
N LEU C 40 -4.34 6.71 32.23
CA LEU C 40 -4.29 5.58 31.32
C LEU C 40 -3.32 5.80 30.19
N ARG C 41 -3.17 7.04 29.72
CA ARG C 41 -2.13 7.38 28.77
C ARG C 41 -0.75 7.37 29.41
N ASN C 42 -0.66 7.49 30.73
CA ASN C 42 0.64 7.33 31.39
C ASN C 42 1.10 5.88 31.35
N LEU C 43 0.18 4.95 31.52
CA LEU C 43 0.54 3.53 31.47
C LEU C 43 0.84 3.09 30.04
N LEU C 44 0.08 3.61 29.06
CA LEU C 44 0.41 3.39 27.66
C LEU C 44 1.71 4.08 27.27
N SER C 45 2.09 5.14 27.97
CA SER C 45 3.32 5.85 27.63
C SER C 45 4.56 5.03 27.89
N LEU C 46 4.45 3.99 28.71
CA LEU C 46 5.53 3.02 28.91
C LEU C 46 5.55 1.99 27.79
N THR C 47 4.40 1.36 27.54
CA THR C 47 4.34 0.26 26.61
C THR C 47 4.48 0.71 25.17
N SER C 48 4.18 1.98 24.89
CA SER C 48 4.41 2.52 23.56
C SER C 48 5.89 2.71 23.29
N THR C 49 6.66 3.07 24.31
CA THR C 49 8.10 3.22 24.14
C THR C 49 8.85 1.94 24.42
N LEU C 50 8.14 0.87 24.81
CA LEU C 50 8.69 -0.48 24.63
C LEU C 50 8.33 -1.10 23.32
N PHE C 51 7.16 -0.80 22.77
CA PHE C 51 6.76 -1.34 21.48
C PHE C 51 7.60 -0.75 20.36
N ASP C 52 8.15 0.44 20.55
CA ASP C 52 9.02 1.05 19.57
C ASP C 52 10.49 0.70 19.77
N GLU C 53 10.86 0.18 20.93
CA GLU C 53 12.20 -0.34 21.15
C GLU C 53 12.29 -1.83 20.92
N SER C 54 11.19 -2.56 20.97
CA SER C 54 11.22 -3.98 20.72
C SER C 54 11.37 -4.30 19.24
N LYS C 55 11.09 -3.33 18.37
CA LYS C 55 11.25 -3.53 16.95
C LYS C 55 12.71 -3.49 16.53
N VAL C 56 13.57 -2.90 17.34
CA VAL C 56 14.99 -2.78 17.05
C VAL C 56 15.81 -3.62 18.01
N LYS C 57 15.77 -3.27 19.29
CA LYS C 57 16.63 -3.89 20.28
C LYS C 57 16.15 -5.29 20.62
N GLU C 58 17.09 -6.14 20.97
CA GLU C 58 16.77 -7.51 21.32
C GLU C 58 16.16 -7.56 22.71
N TYR C 59 15.43 -8.66 22.96
CA TYR C 59 14.68 -8.80 24.21
C TYR C 59 15.59 -8.89 25.42
N ASP C 60 16.83 -9.33 25.24
CA ASP C 60 17.80 -9.40 26.31
C ASP C 60 18.48 -8.06 26.59
N ALA C 61 17.98 -6.97 26.01
CA ALA C 61 18.40 -5.63 26.34
C ALA C 61 17.27 -4.77 26.87
N LEU C 62 16.02 -5.23 26.76
CA LEU C 62 14.86 -4.50 27.23
C LEU C 62 14.34 -5.01 28.56
N LEU C 63 14.99 -5.99 29.16
CA LEU C 63 14.47 -6.58 30.39
C LEU C 63 14.66 -5.68 31.60
N ASP C 64 15.28 -4.51 31.46
CA ASP C 64 15.26 -3.52 32.52
C ASP C 64 13.98 -2.68 32.52
N ARG C 65 13.39 -2.45 31.35
CA ARG C 65 12.14 -1.68 31.28
C ARG C 65 10.93 -2.59 31.46
N ILE C 66 11.03 -3.82 30.97
CA ILE C 66 9.94 -4.78 31.08
C ILE C 66 9.73 -5.17 32.53
N ALA C 67 10.80 -5.19 33.33
CA ALA C 67 10.66 -5.39 34.76
C ALA C 67 10.01 -4.20 35.45
N TYR C 68 10.08 -3.01 34.87
CA TYR C 68 9.57 -1.82 35.53
C TYR C 68 8.14 -1.50 35.15
N LEU C 69 7.65 -2.08 34.05
CA LEU C 69 6.21 -2.07 33.81
C LEU C 69 5.45 -2.73 34.97
N ARG C 70 5.98 -3.82 35.50
CA ARG C 70 5.40 -4.49 36.66
C ARG C 70 5.41 -3.61 37.90
N VAL C 71 6.35 -2.67 37.99
CA VAL C 71 6.38 -1.72 39.11
C VAL C 71 5.36 -0.62 38.89
N GLN C 72 5.30 -0.09 37.68
CA GLN C 72 4.46 1.09 37.41
C GLN C 72 2.98 0.77 37.44
N PHE C 73 2.56 -0.39 36.92
CA PHE C 73 1.15 -0.75 37.01
C PHE C 73 0.71 -0.97 38.46
N VAL C 74 1.56 -1.61 39.26
CA VAL C 74 1.33 -1.79 40.69
C VAL C 74 1.25 -0.44 41.40
N TYR C 75 2.12 0.48 41.07
CA TYR C 75 2.16 1.77 41.77
C TYR C 75 0.97 2.64 41.41
N GLN C 76 0.68 2.78 40.11
CA GLN C 76 -0.47 3.54 39.67
C GLN C 76 -1.79 2.94 40.14
N ALA C 77 -1.86 1.63 40.34
CA ALA C 77 -3.04 1.04 40.95
C ALA C 77 -3.09 1.29 42.45
N GLY C 78 -1.94 1.37 43.10
CA GLY C 78 -1.94 1.67 44.52
C GLY C 78 -2.31 3.09 44.84
N ARG C 79 -2.05 4.02 43.92
CA ARG C 79 -2.44 5.40 44.17
C ARG C 79 -3.95 5.58 44.08
N GLU C 80 -4.54 5.33 42.91
CA GLU C 80 -5.95 5.56 42.68
C GLU C 80 -6.67 4.22 42.54
N ILE C 81 -7.88 4.14 43.11
CA ILE C 81 -8.71 2.95 43.03
C ILE C 81 -9.23 2.65 41.63
N ALA C 82 -9.26 3.65 40.75
CA ALA C 82 -9.79 3.42 39.41
C ALA C 82 -8.80 2.65 38.55
N VAL C 83 -7.50 2.89 38.71
CA VAL C 83 -6.50 2.13 37.98
C VAL C 83 -6.40 0.72 38.56
N LYS C 84 -6.68 0.57 39.86
CA LYS C 84 -6.80 -0.75 40.47
C LYS C 84 -7.96 -1.53 39.88
N ASP C 85 -9.10 -0.87 39.73
CA ASP C 85 -10.27 -1.43 39.07
C ASP C 85 -10.02 -1.71 37.61
N LEU C 86 -9.12 -0.97 36.97
CA LEU C 86 -8.70 -1.34 35.62
C LEU C 86 -7.90 -2.63 35.62
N ILE C 87 -6.75 -2.62 36.31
CA ILE C 87 -5.80 -3.71 36.12
C ILE C 87 -6.17 -4.96 36.90
N GLU C 88 -7.26 -4.93 37.67
CA GLU C 88 -7.85 -6.16 38.17
C GLU C 88 -8.96 -6.70 37.29
N LYS C 89 -9.76 -5.83 36.66
CA LYS C 89 -10.71 -6.26 35.64
C LYS C 89 -9.99 -6.82 34.43
N ALA C 90 -9.19 -5.98 33.79
CA ALA C 90 -8.28 -6.43 32.73
C ALA C 90 -7.05 -6.99 33.41
N GLN C 91 -6.82 -8.30 33.28
CA GLN C 91 -5.77 -8.95 34.06
C GLN C 91 -4.39 -8.57 33.50
N ILE C 92 -3.97 -7.36 33.85
CA ILE C 92 -2.72 -6.78 33.35
C ILE C 92 -1.53 -7.30 34.15
N LEU C 93 -1.69 -7.46 35.46
CA LEU C 93 -0.60 -8.02 36.25
C LEU C 93 -0.39 -9.51 35.98
N GLU C 94 -1.40 -10.20 35.50
CA GLU C 94 -1.22 -11.57 35.04
C GLU C 94 -0.87 -11.67 33.57
N ALA C 95 -0.97 -10.57 32.82
CA ALA C 95 -0.39 -10.51 31.48
C ALA C 95 1.05 -10.05 31.49
N LEU C 96 1.46 -9.28 32.50
CA LEU C 96 2.87 -8.93 32.65
C LEU C 96 3.70 -10.10 33.13
N LYS C 97 3.07 -11.11 33.74
CA LYS C 97 3.80 -12.28 34.21
C LYS C 97 4.33 -13.11 33.05
N GLU C 98 3.71 -13.00 31.88
CA GLU C 98 4.00 -13.84 30.72
C GLU C 98 4.47 -12.94 29.59
N ILE C 99 5.77 -12.68 29.49
CA ILE C 99 6.26 -11.94 28.34
C ILE C 99 7.35 -12.73 27.61
N LYS C 100 8.49 -12.96 28.25
CA LYS C 100 9.44 -14.02 27.89
C LYS C 100 10.12 -13.94 26.51
N ASP C 101 9.66 -13.07 25.61
CA ASP C 101 10.24 -12.90 24.27
C ASP C 101 9.64 -11.64 23.64
N ARG C 102 10.06 -11.36 22.40
CA ARG C 102 9.59 -10.18 21.69
C ARG C 102 8.13 -10.27 21.31
N GLU C 103 7.65 -11.46 20.95
CA GLU C 103 6.32 -11.61 20.38
C GLU C 103 5.22 -11.36 21.39
N THR C 104 5.34 -11.97 22.57
CA THR C 104 4.37 -11.72 23.62
C THR C 104 4.50 -10.33 24.21
N LEU C 105 5.70 -9.75 24.19
CA LEU C 105 5.88 -8.36 24.58
C LEU C 105 5.10 -7.42 23.68
N GLN C 106 5.25 -7.58 22.37
CA GLN C 106 4.50 -6.73 21.45
C GLN C 106 3.01 -7.03 21.50
N ARG C 107 2.63 -8.26 21.80
CA ARG C 107 1.22 -8.59 22.00
C ARG C 107 0.64 -7.84 23.19
N PHE C 108 1.38 -7.80 24.31
CA PHE C 108 0.93 -7.04 25.47
C PHE C 108 0.91 -5.54 25.19
N CYS C 109 1.88 -5.04 24.44
CA CYS C 109 1.92 -3.62 24.15
C CYS C 109 0.81 -3.21 23.19
N ARG C 110 0.35 -4.13 22.34
CA ARG C 110 -0.85 -3.85 21.55
C ARG C 110 -2.11 -4.00 22.38
N TYR C 111 -2.10 -4.89 23.36
CA TYR C 111 -3.22 -5.04 24.28
C TYR C 111 -3.46 -3.76 25.09
N MET C 112 -2.37 -3.16 25.56
CA MET C 112 -2.47 -1.90 26.29
C MET C 112 -2.99 -0.77 25.42
N GLU C 113 -2.77 -0.84 24.11
CA GLU C 113 -3.31 0.16 23.20
C GLU C 113 -4.76 -0.11 22.88
N ALA C 114 -5.15 -1.37 22.77
CA ALA C 114 -6.54 -1.70 22.53
C ALA C 114 -7.42 -1.32 23.70
N LEU C 115 -6.88 -1.43 24.92
CA LEU C 115 -7.56 -0.90 26.11
C LEU C 115 -7.85 0.59 25.96
N VAL C 116 -6.87 1.35 25.50
CA VAL C 116 -7.03 2.80 25.39
C VAL C 116 -7.95 3.16 24.22
N ALA C 117 -7.88 2.39 23.14
CA ALA C 117 -8.75 2.63 22.00
C ALA C 117 -10.20 2.41 22.35
N TYR C 118 -10.49 1.34 23.08
CA TYR C 118 -11.86 1.09 23.52
C TYR C 118 -12.24 1.93 24.71
N PHE C 119 -11.28 2.52 25.40
CA PHE C 119 -11.62 3.51 26.42
C PHE C 119 -12.03 4.81 25.78
N LYS C 120 -11.38 5.17 24.67
CA LYS C 120 -11.72 6.37 23.94
C LYS C 120 -13.03 6.20 23.20
N PHE C 121 -13.28 4.99 22.68
CA PHE C 121 -14.46 4.73 21.86
C PHE C 121 -15.74 4.74 22.70
N TYR C 122 -15.67 4.32 23.96
CA TYR C 122 -16.81 4.35 24.86
C TYR C 122 -16.63 5.52 25.82
N GLY C 123 -17.39 6.58 25.62
CA GLY C 123 -17.31 7.72 26.51
C GLY C 123 -16.09 8.57 26.28
N THR D 2 20.63 35.48 -8.83
CA THR D 2 21.78 35.23 -7.96
C THR D 2 21.35 34.50 -6.68
N PHE D 3 22.30 33.82 -6.05
CA PHE D 3 22.03 33.04 -4.85
C PHE D 3 23.01 33.45 -3.77
N ALA D 4 22.48 33.64 -2.56
CA ALA D 4 23.29 33.92 -1.38
C ALA D 4 22.64 33.23 -0.21
N LYS D 5 23.44 33.00 0.82
CA LYS D 5 22.96 32.31 2.02
C LYS D 5 23.75 32.85 3.19
N ILE D 6 23.07 33.50 4.12
CA ILE D 6 23.72 34.20 5.21
C ILE D 6 23.39 33.52 6.52
N LYS D 7 24.08 33.93 7.58
CA LYS D 7 23.98 33.22 8.85
C LYS D 7 23.95 34.23 9.99
N PHE D 8 23.10 33.98 10.98
CA PHE D 8 22.99 34.84 12.17
C PHE D 8 23.52 34.08 13.37
N SER D 9 24.62 34.56 13.93
CA SER D 9 25.18 33.97 15.13
C SER D 9 24.69 34.75 16.34
N ALA D 10 24.38 34.04 17.41
CA ALA D 10 23.92 34.67 18.64
C ALA D 10 24.24 33.73 19.80
N GLN D 11 23.96 34.22 21.01
CA GLN D 11 24.13 33.45 22.23
C GLN D 11 22.84 33.60 23.01
N ILE D 12 22.16 32.50 23.27
CA ILE D 12 20.91 32.54 24.03
C ILE D 12 21.32 32.41 25.49
N ARG D 13 21.70 33.52 26.10
CA ARG D 13 22.03 33.53 27.51
C ARG D 13 20.74 33.40 28.31
N LEU D 14 20.64 32.38 29.14
CA LEU D 14 19.45 32.27 29.95
C LEU D 14 19.50 33.27 31.09
N GLU D 15 18.33 33.64 31.56
CA GLU D 15 18.14 34.49 32.72
C GLU D 15 16.97 33.85 33.43
N THR D 16 17.20 33.18 34.57
CA THR D 16 16.24 32.31 35.24
C THR D 16 15.77 31.19 34.31
N GLY D 17 16.69 30.25 34.08
CA GLY D 17 16.64 29.20 33.06
C GLY D 17 15.40 28.37 32.87
N LEU D 18 15.35 27.66 31.73
CA LEU D 18 14.09 27.31 31.10
C LEU D 18 13.86 25.80 31.09
N HIS D 19 12.60 25.44 30.94
CA HIS D 19 12.12 24.07 30.81
C HIS D 19 11.58 23.89 29.41
N ILE D 20 12.04 22.87 28.70
CA ILE D 20 11.44 22.47 27.44
C ILE D 20 11.20 20.97 27.54
N GLY D 21 9.94 20.57 27.59
CA GLY D 21 9.59 19.29 28.17
C GLY D 21 10.02 18.10 27.34
N GLY D 22 10.47 17.06 28.03
CA GLY D 22 11.05 15.89 27.41
C GLY D 22 10.04 14.82 27.17
N SER D 23 10.49 13.56 27.29
CA SER D 23 9.68 12.48 26.75
C SER D 23 9.52 11.24 27.62
N ASP D 24 10.41 10.92 28.56
CA ASP D 24 10.44 9.54 29.06
C ASP D 24 9.32 9.26 30.06
N ALA D 25 8.71 8.09 29.90
CA ALA D 25 7.79 7.58 30.88
C ALA D 25 8.47 6.68 31.89
N PHE D 26 9.67 6.21 31.55
CA PHE D 26 10.48 5.39 32.45
C PHE D 26 11.33 6.28 33.35
N ALA D 27 10.68 7.19 34.05
CA ALA D 27 11.42 8.15 34.86
C ALA D 27 11.75 7.58 36.22
N ALA D 28 10.74 7.48 37.10
CA ALA D 28 10.96 7.25 38.53
C ALA D 28 9.66 7.14 39.30
N ILE D 29 9.78 7.13 40.62
CA ILE D 29 8.67 7.40 41.51
C ILE D 29 8.85 8.74 42.22
N GLY D 30 10.02 9.00 42.76
CA GLY D 30 10.21 10.23 43.48
C GLY D 30 11.29 11.11 42.90
N ALA D 31 11.39 11.11 41.57
CA ALA D 31 12.38 11.93 40.88
C ALA D 31 11.68 12.54 39.67
N ILE D 32 12.47 13.03 38.72
CA ILE D 32 12.07 14.01 37.73
C ILE D 32 11.02 13.40 36.82
N ASN D 33 9.80 13.94 36.89
CA ASN D 33 8.70 13.49 36.06
C ASN D 33 8.45 14.39 34.85
N SER D 34 9.04 15.58 34.82
CA SER D 34 9.02 16.45 33.63
C SER D 34 10.46 16.67 33.21
N PRO D 35 10.99 15.83 32.34
CA PRO D 35 12.37 16.01 31.90
C PRO D 35 12.47 17.15 30.91
N VAL D 36 13.65 17.74 30.87
CA VAL D 36 13.95 18.73 29.85
C VAL D 36 14.41 17.99 28.61
N ILE D 37 14.23 18.57 27.43
CA ILE D 37 14.83 17.98 26.24
C ILE D 37 16.33 18.15 26.32
N LYS D 38 17.06 17.11 25.96
CA LYS D 38 18.50 17.14 26.06
C LYS D 38 19.09 16.24 25.00
N ASP D 39 20.35 16.49 24.71
CA ASP D 39 21.03 15.82 23.62
C ASP D 39 21.28 14.36 23.98
N PRO D 40 20.94 13.41 23.11
CA PRO D 40 20.88 12.00 23.54
C PRO D 40 22.22 11.34 23.77
N ILE D 41 23.33 12.01 23.51
CA ILE D 41 24.65 11.44 23.68
C ILE D 41 25.46 12.17 24.75
N THR D 42 25.37 13.50 24.82
CA THR D 42 26.09 14.22 25.85
C THR D 42 25.27 14.48 27.10
N ASN D 43 23.94 14.30 27.01
CA ASN D 43 22.99 14.58 28.09
C ASN D 43 23.10 16.01 28.60
N LEU D 44 23.29 16.93 27.68
CA LEU D 44 23.30 18.39 27.74
C LEU D 44 22.01 18.92 27.16
N PRO D 45 21.43 19.94 27.80
CA PRO D 45 20.14 20.47 27.34
C PRO D 45 20.27 21.15 25.99
N ILE D 46 19.26 20.96 25.16
CA ILE D 46 19.23 21.61 23.86
C ILE D 46 18.05 22.57 23.87
N ILE D 47 18.20 23.66 23.13
CA ILE D 47 17.03 24.43 22.75
C ILE D 47 16.70 23.99 21.34
N PRO D 48 15.64 23.21 21.14
CA PRO D 48 15.31 22.77 19.80
C PRO D 48 14.76 23.92 18.98
N GLY D 49 15.09 23.92 17.69
CA GLY D 49 14.73 25.02 16.82
C GLY D 49 13.25 25.15 16.57
N SER D 50 12.49 24.08 16.83
CA SER D 50 11.05 24.15 16.73
C SER D 50 10.43 25.02 17.80
N SER D 51 11.01 25.03 19.00
CA SER D 51 10.51 25.87 20.08
C SER D 51 10.94 27.31 19.95
N LEU D 52 12.02 27.58 19.23
CA LEU D 52 12.35 28.94 18.84
C LEU D 52 11.42 29.41 17.74
N LYS D 53 11.17 28.54 16.76
CA LYS D 53 10.41 28.91 15.58
C LYS D 53 8.95 29.13 15.90
N GLY D 54 8.35 28.26 16.69
CA GLY D 54 6.96 28.42 17.02
C GLY D 54 6.71 29.42 18.11
N LYS D 55 7.74 29.97 18.71
CA LYS D 55 7.53 31.15 19.52
C LYS D 55 7.68 32.41 18.69
N MET D 56 8.66 32.47 17.79
CA MET D 56 8.78 33.64 16.92
C MET D 56 7.64 33.73 15.91
N ARG D 57 7.13 32.60 15.45
CA ARG D 57 6.07 32.58 14.45
C ARG D 57 4.77 33.09 15.03
N THR D 58 4.54 32.87 16.33
CA THR D 58 3.31 33.31 16.98
C THR D 58 3.43 34.66 17.65
N LEU D 59 4.63 35.05 18.10
CA LEU D 59 4.79 36.37 18.69
C LEU D 59 4.79 37.45 17.62
N LEU D 60 5.35 37.16 16.46
CA LEU D 60 5.25 38.10 15.36
C LEU D 60 3.88 38.06 14.70
N ALA D 61 3.12 36.97 14.90
CA ALA D 61 1.77 36.90 14.36
C ALA D 61 0.85 37.90 15.03
N LYS D 62 1.09 38.22 16.29
CA LYS D 62 0.32 39.21 17.01
C LYS D 62 0.84 40.62 16.77
N VAL D 63 1.78 40.79 15.84
CA VAL D 63 2.34 42.09 15.52
C VAL D 63 2.15 42.43 14.04
N TYR D 64 2.48 41.49 13.16
CA TYR D 64 2.51 41.78 11.73
C TYR D 64 1.30 41.28 10.97
N ASN D 65 0.55 40.31 11.49
CA ASN D 65 -0.71 39.97 10.87
C ASN D 65 -1.72 41.06 11.20
N GLU D 66 -2.26 41.71 10.17
CA GLU D 66 -3.37 42.62 10.39
C GLU D 66 -4.62 41.83 10.76
N LYS D 67 -5.07 40.96 9.87
CA LYS D 67 -6.17 40.07 10.15
C LYS D 67 -5.66 38.93 11.02
N VAL D 68 -6.36 38.65 12.11
CA VAL D 68 -5.95 37.62 13.07
C VAL D 68 -5.99 36.26 12.41
N ALA D 69 -4.96 35.45 12.67
CA ALA D 69 -4.61 34.34 11.79
C ALA D 69 -5.65 33.24 11.80
N GLU D 70 -6.07 32.78 12.99
CA GLU D 70 -7.07 31.75 13.28
C GLU D 70 -6.61 30.35 12.86
N LYS D 71 -5.46 30.24 12.21
CA LYS D 71 -4.88 29.03 11.64
C LYS D 71 -3.49 29.43 11.18
N PRO D 72 -2.52 28.53 11.19
CA PRO D 72 -1.28 28.80 10.47
C PRO D 72 -1.55 28.81 8.97
N SER D 73 -0.59 29.37 8.23
CA SER D 73 -0.71 29.68 6.80
C SER D 73 -1.89 30.60 6.52
N ASP D 74 -2.20 31.47 7.47
CA ASP D 74 -2.99 32.68 7.23
C ASP D 74 -2.16 33.91 7.55
N ASP D 75 -0.85 33.75 7.61
CA ASP D 75 0.03 34.84 7.99
C ASP D 75 0.16 35.84 6.85
N SER D 76 0.63 37.05 7.19
CA SER D 76 0.43 38.22 6.35
C SER D 76 1.57 38.46 5.37
N ASP D 77 2.22 37.41 4.89
CA ASP D 77 3.16 37.38 3.76
C ASP D 77 4.49 38.05 4.06
N ILE D 78 4.61 38.69 5.22
CA ILE D 78 5.89 39.03 5.80
C ILE D 78 6.36 37.91 6.72
N LEU D 79 5.41 37.18 7.31
CA LEU D 79 5.68 35.97 8.07
C LEU D 79 5.58 34.72 7.23
N SER D 80 4.76 34.74 6.20
CA SER D 80 4.60 33.58 5.34
C SER D 80 5.83 33.31 4.51
N ARG D 81 6.65 34.31 4.24
CA ARG D 81 7.83 34.06 3.44
C ARG D 81 9.07 33.86 4.28
N LEU D 82 9.11 34.38 5.50
CA LEU D 82 10.22 34.12 6.40
C LEU D 82 10.06 32.84 7.20
N PHE D 83 8.89 32.27 7.23
CA PHE D 83 8.74 31.00 7.92
C PHE D 83 8.26 29.90 6.99
N GLY D 84 7.31 30.20 6.12
CA GLY D 84 6.84 29.22 5.17
C GLY D 84 5.41 28.86 5.42
N ASN D 85 4.57 28.93 4.40
CA ASN D 85 3.24 28.35 4.56
C ASN D 85 3.30 26.89 4.16
N SER D 86 2.18 26.24 4.33
CA SER D 86 1.94 24.97 3.68
C SER D 86 1.06 25.13 2.45
N LYS D 87 0.37 26.26 2.32
CA LYS D 87 -0.71 26.37 1.36
C LYS D 87 -0.49 27.41 0.27
N ASP D 88 0.32 28.45 0.49
CA ASP D 88 0.67 29.32 -0.62
C ASP D 88 1.62 28.61 -1.57
N LYS D 89 1.37 28.78 -2.86
CA LYS D 89 2.09 28.05 -3.90
C LYS D 89 3.55 28.49 -4.00
N ARG D 90 3.83 29.76 -3.70
CA ARG D 90 5.18 30.28 -3.78
C ARG D 90 5.86 30.34 -2.43
N PHE D 91 5.14 30.11 -1.34
CA PHE D 91 5.66 30.21 0.01
C PHE D 91 5.58 28.86 0.73
N LYS D 92 5.89 27.78 0.03
CA LYS D 92 5.96 26.49 0.68
C LYS D 92 7.19 26.41 1.57
N MET D 93 8.37 26.50 0.98
CA MET D 93 9.56 26.74 1.77
C MET D 93 9.58 28.18 2.26
N GLY D 94 10.39 28.44 3.27
CA GLY D 94 10.33 29.77 3.85
C GLY D 94 11.63 30.43 4.25
N ARG D 95 12.74 30.13 3.58
CA ARG D 95 14.01 30.86 3.60
C ARG D 95 14.64 31.12 4.97
N LEU D 96 14.12 30.54 6.05
CA LEU D 96 14.81 30.54 7.33
C LEU D 96 14.98 29.12 7.85
N ILE D 97 16.18 28.84 8.36
CA ILE D 97 16.54 27.57 8.92
C ILE D 97 16.90 27.82 10.37
N PHE D 98 15.99 27.55 11.29
CA PHE D 98 16.27 27.76 12.71
C PHE D 98 16.91 26.50 13.27
N ARG D 99 18.23 26.43 13.23
CA ARG D 99 18.98 25.29 13.75
C ARG D 99 18.81 25.15 15.26
N ASP D 100 19.06 23.95 15.76
CA ASP D 100 18.99 23.71 17.20
C ASP D 100 20.18 24.35 17.91
N ALA D 101 20.04 24.51 19.22
CA ALA D 101 20.98 25.25 20.03
C ALA D 101 21.50 24.35 21.14
N PHE D 102 22.81 24.22 21.24
CA PHE D 102 23.43 23.33 22.21
C PHE D 102 24.23 24.14 23.20
N LEU D 103 24.34 23.63 24.42
CA LEU D 103 24.87 24.39 25.55
C LEU D 103 26.36 24.63 25.34
N SER D 104 26.70 25.88 25.07
CA SER D 104 28.07 26.23 24.73
C SER D 104 28.98 26.17 25.95
N ASN D 105 28.70 27.00 26.95
CA ASN D 105 29.65 27.26 28.03
C ASN D 105 29.56 26.22 29.16
N ALA D 106 29.77 24.96 28.80
CA ALA D 106 29.77 23.92 29.82
C ALA D 106 30.98 24.02 30.73
N ASP D 107 32.12 24.47 30.20
CA ASP D 107 33.29 24.69 31.03
C ASP D 107 33.20 25.93 31.90
N GLU D 108 32.49 26.95 31.43
CA GLU D 108 32.24 28.13 32.27
C GLU D 108 31.29 27.79 33.41
N LEU D 109 30.31 26.93 33.16
CA LEU D 109 29.47 26.46 34.25
C LEU D 109 30.23 25.52 35.16
N ASP D 110 31.20 24.78 34.63
CA ASP D 110 32.03 23.96 35.51
C ASP D 110 33.05 24.78 36.29
N SER D 111 33.34 26.01 35.86
CA SER D 111 34.15 26.90 36.69
C SER D 111 33.37 27.36 37.92
N LEU D 112 32.07 27.62 37.75
CA LEU D 112 31.19 27.85 38.88
C LEU D 112 30.88 26.53 39.58
N GLY D 113 30.27 26.63 40.75
CA GLY D 113 30.03 25.45 41.55
C GLY D 113 28.80 24.67 41.15
N VAL D 114 28.81 24.13 39.93
CA VAL D 114 27.65 23.43 39.39
C VAL D 114 27.78 21.95 39.69
N ARG D 115 26.80 21.41 40.41
CA ARG D 115 26.76 19.98 40.66
C ARG D 115 26.40 19.24 39.39
N SER D 116 25.33 19.66 38.72
CA SER D 116 24.85 19.03 37.50
C SER D 116 24.24 20.09 36.59
N TYR D 117 24.29 19.83 35.29
CA TYR D 117 23.99 20.84 34.28
C TYR D 117 22.52 21.25 34.24
N THR D 118 21.61 20.45 34.80
CA THR D 118 20.22 20.82 34.93
C THR D 118 19.85 20.76 36.41
N GLU D 119 19.13 21.77 36.88
CA GLU D 119 18.64 21.68 38.24
C GLU D 119 17.26 21.04 38.26
N VAL D 120 16.86 20.59 39.43
CA VAL D 120 15.56 20.00 39.67
C VAL D 120 14.83 20.92 40.62
N LYS D 121 13.57 21.21 40.31
CA LYS D 121 12.81 22.18 41.07
C LYS D 121 11.53 21.54 41.56
N PHE D 122 11.27 21.65 42.86
CA PHE D 122 10.11 21.01 43.47
C PHE D 122 8.99 22.03 43.57
N GLU D 123 7.79 21.68 43.11
CA GLU D 123 6.74 22.65 42.83
C GLU D 123 5.32 22.20 43.17
N ASN D 124 5.01 21.89 44.43
CA ASN D 124 3.67 21.37 44.73
C ASN D 124 2.54 22.36 44.43
N THR D 125 1.35 21.81 44.27
CA THR D 125 0.15 22.57 43.96
C THR D 125 -0.71 22.59 45.20
N ILE D 126 -0.78 23.74 45.86
CA ILE D 126 -1.58 23.85 47.07
C ILE D 126 -3.05 23.89 46.68
N ASP D 127 -3.77 22.88 47.14
CA ASP D 127 -5.22 22.83 47.02
C ASP D 127 -5.81 23.95 47.87
N ARG D 128 -6.46 24.94 47.23
CA ARG D 128 -6.90 26.16 47.91
C ARG D 128 -8.04 25.93 48.89
N ILE D 129 -8.55 24.73 48.99
CA ILE D 129 -9.34 24.28 50.12
C ILE D 129 -8.71 22.96 50.52
N THR D 130 -8.75 22.65 51.81
CA THR D 130 -8.11 21.52 52.51
C THR D 130 -6.58 21.58 52.56
N ALA D 131 -5.95 22.56 51.91
CA ALA D 131 -4.52 22.91 52.02
C ALA D 131 -3.55 21.79 51.63
N GLU D 132 -4.03 20.74 50.98
CA GLU D 132 -3.15 19.62 50.65
C GLU D 132 -2.37 19.90 49.38
N ALA D 133 -1.34 19.11 49.15
CA ALA D 133 -0.33 19.45 48.15
C ALA D 133 -0.28 18.38 47.06
N ASN D 134 0.63 18.59 46.11
CA ASN D 134 0.76 17.75 44.94
C ASN D 134 2.12 17.99 44.30
N PRO D 135 3.18 17.38 44.80
CA PRO D 135 4.53 17.76 44.36
C PRO D 135 4.86 17.27 42.96
N ARG D 136 5.39 18.19 42.16
CA ARG D 136 6.01 17.86 40.89
C ARG D 136 7.47 18.25 40.97
N GLN D 137 8.32 17.53 40.24
CA GLN D 137 9.76 17.73 40.34
C GLN D 137 10.26 17.96 38.93
N ILE D 138 10.21 19.18 38.49
CA ILE D 138 10.41 19.45 37.07
C ILE D 138 11.80 20.02 36.87
N GLU D 139 12.40 19.64 35.75
CA GLU D 139 13.81 19.83 35.50
C GLU D 139 13.98 21.04 34.61
N ARG D 140 15.00 21.85 34.89
CA ARG D 140 15.23 22.98 34.01
C ARG D 140 16.72 23.26 33.90
N ALA D 141 17.13 23.70 32.72
CA ALA D 141 18.51 24.08 32.49
C ALA D 141 18.84 25.34 33.27
N ILE D 142 20.09 25.41 33.74
CA ILE D 142 20.45 26.34 34.80
C ILE D 142 20.72 27.73 34.29
N ARG D 143 20.87 28.67 35.22
CA ARG D 143 20.54 30.08 34.98
C ARG D 143 21.51 30.75 34.03
N ASN D 144 22.81 30.60 34.22
CA ASN D 144 23.76 31.28 33.34
C ASN D 144 24.25 30.42 32.20
N SER D 145 23.39 29.56 31.67
CA SER D 145 23.75 28.76 30.51
C SER D 145 23.57 29.58 29.25
N THR D 146 24.50 29.43 28.31
CA THR D 146 24.32 30.04 27.01
C THR D 146 24.23 28.94 25.97
N PHE D 147 23.62 29.27 24.84
CA PHE D 147 23.33 28.30 23.80
C PHE D 147 23.72 28.93 22.47
N ASP D 148 24.45 28.20 21.65
CA ASP D 148 24.86 28.72 20.35
C ASP D 148 23.68 28.66 19.40
N PHE D 149 23.33 29.80 18.84
CA PHE D 149 22.09 29.97 18.10
C PHE D 149 22.40 30.25 16.65
N GLU D 150 22.34 29.22 15.81
CA GLU D 150 22.53 29.39 14.38
C GLU D 150 21.20 29.78 13.73
N LEU D 151 21.28 30.55 12.65
CA LEU D 151 20.09 31.00 11.94
C LEU D 151 20.49 31.31 10.51
N ILE D 152 20.01 30.53 9.56
CA ILE D 152 20.52 30.58 8.19
C ILE D 152 19.40 31.05 7.26
N TYR D 153 19.69 32.08 6.46
CA TYR D 153 18.72 32.79 5.65
C TYR D 153 19.11 32.69 4.18
N GLU D 154 18.12 32.59 3.30
CA GLU D 154 18.34 32.45 1.87
C GLU D 154 18.03 33.75 1.14
N ILE D 155 18.80 34.02 0.10
CA ILE D 155 18.64 35.21 -0.74
C ILE D 155 18.67 34.72 -2.18
N THR D 156 17.50 34.51 -2.77
CA THR D 156 17.42 34.10 -4.16
C THR D 156 17.03 35.30 -5.03
N ASP D 157 16.72 35.02 -6.30
CA ASP D 157 16.26 36.06 -7.22
C ASP D 157 14.75 36.28 -7.10
N GLU D 158 14.29 36.45 -5.87
CA GLU D 158 12.97 36.96 -5.57
C GLU D 158 13.08 38.08 -4.54
N ASN D 159 14.28 38.34 -4.04
CA ASN D 159 14.53 39.36 -3.03
C ASN D 159 15.03 40.62 -3.74
N GLU D 160 14.10 41.33 -4.36
CA GLU D 160 14.44 42.61 -4.98
C GLU D 160 14.75 43.65 -3.93
N ASN D 161 13.87 43.82 -2.96
CA ASN D 161 14.16 44.63 -1.77
C ASN D 161 13.59 44.01 -0.52
N GLN D 162 13.42 42.69 -0.51
CA GLN D 162 12.90 41.98 0.64
C GLN D 162 13.98 41.55 1.62
N VAL D 163 15.23 41.91 1.38
CA VAL D 163 16.31 41.46 2.25
C VAL D 163 16.32 42.26 3.55
N GLU D 164 16.55 43.57 3.44
CA GLU D 164 16.65 44.43 4.61
C GLU D 164 15.31 44.72 5.25
N GLU D 165 14.21 44.38 4.58
CA GLU D 165 12.91 44.49 5.24
C GLU D 165 12.72 43.35 6.23
N ASP D 166 13.24 42.17 5.91
CA ASP D 166 13.08 41.00 6.77
C ASP D 166 14.02 41.00 7.96
N PHE D 167 14.82 42.04 8.13
CA PHE D 167 15.76 42.13 9.23
C PHE D 167 15.37 43.19 10.24
N LYS D 168 14.37 44.00 9.92
CA LYS D 168 13.52 44.65 10.89
C LYS D 168 12.39 43.73 11.33
N VAL D 169 12.46 42.45 10.96
CA VAL D 169 11.49 41.44 11.34
C VAL D 169 12.13 40.35 12.20
N ILE D 170 13.31 39.87 11.78
CA ILE D 170 14.00 38.83 12.54
C ILE D 170 14.52 39.38 13.85
N ARG D 171 15.19 40.53 13.83
CA ARG D 171 15.61 41.14 15.08
C ARG D 171 14.43 41.67 15.89
N ASP D 172 13.32 41.99 15.23
CA ASP D 172 12.09 42.31 15.93
C ASP D 172 11.58 41.11 16.71
N GLY D 173 11.59 39.93 16.09
CA GLY D 173 11.21 38.72 16.78
C GLY D 173 12.16 38.32 17.88
N LEU D 174 13.45 38.61 17.71
CA LEU D 174 14.39 38.30 18.77
C LEU D 174 14.26 39.24 19.95
N LYS D 175 13.94 40.51 19.71
CA LYS D 175 13.71 41.39 20.85
C LYS D 175 12.31 41.22 21.42
N LEU D 176 11.43 40.50 20.74
CA LEU D 176 10.20 40.02 21.36
C LEU D 176 10.37 38.70 22.10
N LEU D 177 11.40 37.91 21.78
CA LEU D 177 11.71 36.75 22.62
C LEU D 177 12.23 37.15 23.97
N GLU D 178 12.84 38.32 24.10
CA GLU D 178 13.33 38.76 25.39
C GLU D 178 12.22 39.32 26.26
N LEU D 179 11.01 39.44 25.73
CA LEU D 179 9.83 39.82 26.49
C LEU D 179 8.89 38.65 26.68
N ASP D 180 9.25 37.46 26.22
CA ASP D 180 8.41 36.27 26.36
C ASP D 180 9.34 35.12 26.74
N TYR D 181 8.87 33.86 26.63
CA TYR D 181 9.48 32.85 27.48
C TYR D 181 9.88 31.50 26.90
N LEU D 182 9.95 31.33 25.58
CA LEU D 182 10.45 30.08 24.94
C LEU D 182 9.78 28.78 25.41
N GLY D 183 8.61 28.81 25.99
CA GLY D 183 7.99 27.60 26.45
C GLY D 183 8.55 27.12 27.78
N GLY D 184 7.72 26.38 28.49
CA GLY D 184 8.03 26.03 29.86
C GLY D 184 6.86 26.33 30.74
N SER D 185 7.02 27.29 31.63
CA SER D 185 5.87 27.86 32.30
C SER D 185 5.68 29.31 31.95
N GLY D 186 6.72 30.12 32.08
CA GLY D 186 6.62 31.50 31.65
C GLY D 186 5.92 32.38 32.64
N SER D 187 4.69 32.00 32.98
CA SER D 187 3.94 32.57 34.08
C SER D 187 4.48 32.18 35.44
N ARG D 188 5.55 31.39 35.49
CA ARG D 188 6.21 30.98 36.72
C ARG D 188 7.71 31.18 36.61
N GLY D 189 8.12 32.16 35.81
CA GLY D 189 9.53 32.37 35.53
C GLY D 189 9.93 31.73 34.21
N TYR D 190 10.95 30.88 34.26
CA TYR D 190 11.26 29.82 33.31
C TYR D 190 11.48 30.25 31.87
N GLY D 191 11.58 31.53 31.56
CA GLY D 191 11.76 31.77 30.16
C GLY D 191 12.65 32.86 29.64
N LYS D 192 13.16 33.70 30.53
CA LYS D 192 13.73 34.96 30.10
C LYS D 192 15.09 34.73 29.46
N VAL D 193 15.26 35.20 28.24
CA VAL D 193 16.50 34.97 27.51
C VAL D 193 17.08 36.31 27.09
N ALA D 194 18.38 36.29 26.87
CA ALA D 194 19.09 37.40 26.26
C ALA D 194 19.77 36.90 25.01
N PHE D 195 19.87 37.76 24.01
CA PHE D 195 20.53 37.43 22.75
C PHE D 195 21.80 38.26 22.63
N GLU D 196 22.93 37.58 22.71
CA GLU D 196 24.22 38.23 22.84
C GLU D 196 25.05 37.97 21.60
N ASN D 197 25.85 38.96 21.22
CA ASN D 197 26.77 38.90 20.07
C ASN D 197 26.03 38.57 18.78
N LEU D 198 25.04 39.40 18.45
CA LEU D 198 24.35 39.28 17.17
C LEU D 198 25.33 39.62 16.06
N LYS D 199 25.70 38.62 15.28
CA LYS D 199 26.80 38.71 14.32
C LYS D 199 26.33 38.05 13.03
N ALA D 200 25.91 38.86 12.07
CA ALA D 200 25.48 38.35 10.78
C ALA D 200 26.67 38.21 9.83
N THR D 201 26.66 37.15 9.05
CA THR D 201 27.71 36.92 8.06
C THR D 201 27.15 36.04 6.95
N THR D 202 27.84 36.04 5.82
CA THR D 202 27.44 35.25 4.67
C THR D 202 28.25 33.96 4.67
N VAL D 203 27.56 32.82 4.69
CA VAL D 203 28.27 31.56 4.56
C VAL D 203 28.33 31.07 3.12
N PHE D 204 27.54 31.65 2.22
CA PHE D 204 27.60 31.24 0.83
C PHE D 204 27.21 32.41 -0.04
N GLY D 205 27.91 32.58 -1.15
CA GLY D 205 27.58 33.61 -2.10
C GLY D 205 28.22 34.93 -1.74
N ASN D 206 27.73 35.97 -2.41
CA ASN D 206 28.19 37.33 -2.20
C ASN D 206 27.05 38.18 -1.68
N TYR D 207 27.21 38.69 -0.46
CA TYR D 207 26.31 39.72 0.03
C TYR D 207 27.09 40.60 0.99
N ASP D 208 26.75 41.88 1.00
CA ASP D 208 27.45 42.87 1.81
C ASP D 208 26.69 43.03 3.13
N VAL D 209 27.26 42.54 4.20
CA VAL D 209 26.63 42.60 5.51
C VAL D 209 27.18 43.74 6.35
N LYS D 210 27.81 44.73 5.71
CA LYS D 210 28.15 45.95 6.44
C LYS D 210 26.90 46.70 6.85
N THR D 211 25.95 46.84 5.93
CA THR D 211 24.69 47.49 6.21
C THR D 211 23.73 46.63 7.00
N LEU D 212 24.02 45.34 7.16
CA LEU D 212 23.22 44.48 8.02
C LEU D 212 23.75 44.40 9.44
N ASN D 213 25.06 44.46 9.62
CA ASN D 213 25.63 44.42 10.97
C ASN D 213 25.51 45.74 11.72
N GLU D 214 24.72 46.70 11.23
CA GLU D 214 24.44 47.91 11.97
C GLU D 214 23.06 47.96 12.60
N LEU D 215 22.06 47.32 11.99
CA LEU D 215 20.74 47.23 12.61
C LEU D 215 20.59 46.00 13.47
N LEU D 216 21.63 45.18 13.61
CA LEU D 216 21.63 44.17 14.66
C LEU D 216 21.87 44.84 16.01
N THR D 217 22.57 45.96 16.02
CA THR D 217 22.93 46.71 17.22
C THR D 217 22.04 47.92 17.40
N ALA D 218 20.76 47.78 17.07
CA ALA D 218 19.79 48.87 17.17
C ALA D 218 19.51 49.25 18.62
N THR E 2 40.34 5.97 -22.19
CA THR E 2 39.88 4.76 -21.50
C THR E 2 38.81 5.15 -20.47
N PHE E 3 38.11 4.14 -19.96
CA PHE E 3 37.02 4.32 -19.04
C PHE E 3 37.54 4.27 -17.61
N ALA E 4 37.19 5.27 -16.80
CA ALA E 4 37.67 5.34 -15.43
C ALA E 4 36.52 5.59 -14.47
N LYS E 5 36.77 5.35 -13.19
CA LYS E 5 35.81 5.65 -12.14
C LYS E 5 36.51 6.20 -10.91
N ILE E 6 35.83 7.09 -10.20
CA ILE E 6 36.37 7.75 -9.01
C ILE E 6 35.38 7.55 -7.87
N LYS E 7 35.88 7.11 -6.72
CA LYS E 7 35.09 6.87 -5.53
C LYS E 7 35.33 7.97 -4.50
N PHE E 8 34.26 8.45 -3.86
CA PHE E 8 34.33 9.57 -2.91
C PHE E 8 34.01 9.11 -1.50
N SER E 9 35.03 8.64 -0.79
CA SER E 9 34.87 8.36 0.63
C SER E 9 34.66 9.68 1.38
N ALA E 10 33.63 9.72 2.22
CA ALA E 10 33.42 10.82 3.16
C ALA E 10 32.55 10.30 4.28
N GLN E 11 32.68 10.93 5.44
CA GLN E 11 31.88 10.61 6.61
C GLN E 11 30.84 11.71 6.74
N ILE E 12 29.56 11.33 6.70
CA ILE E 12 28.50 12.31 6.94
C ILE E 12 28.27 12.35 8.45
N ARG E 13 28.91 13.29 9.12
CA ARG E 13 28.71 13.46 10.55
C ARG E 13 27.54 14.38 10.81
N LEU E 14 26.62 13.95 11.64
CA LEU E 14 25.42 14.72 11.91
C LEU E 14 25.68 15.77 13.00
N GLU E 15 24.87 16.82 12.96
CA GLU E 15 24.64 17.75 14.04
C GLU E 15 23.18 18.11 13.96
N THR E 16 22.54 18.33 15.11
CA THR E 16 21.09 18.58 15.21
C THR E 16 20.30 17.49 14.49
N GLY E 17 20.39 16.28 15.04
CA GLY E 17 20.08 15.02 14.39
C GLY E 17 18.96 14.88 13.38
N LEU E 18 19.25 14.10 12.33
CA LEU E 18 18.55 14.09 11.06
C LEU E 18 17.28 13.24 11.07
N HIS E 19 16.31 13.66 10.26
CA HIS E 19 15.06 12.95 10.05
C HIS E 19 14.86 12.73 8.57
N ILE E 20 14.86 11.48 8.13
CA ILE E 20 14.46 11.15 6.76
C ILE E 20 13.32 10.16 6.86
N GLY E 21 12.15 10.57 6.40
CA GLY E 21 10.94 9.87 6.78
C GLY E 21 10.78 8.57 6.03
N GLY E 22 10.19 7.60 6.70
CA GLY E 22 9.86 6.35 6.08
C GLY E 22 8.39 6.29 5.78
N SER E 23 7.70 5.32 6.37
CA SER E 23 6.30 5.10 6.08
C SER E 23 5.43 6.14 6.78
N ASP E 24 4.45 6.65 6.05
CA ASP E 24 3.35 7.38 6.67
C ASP E 24 2.20 6.45 7.04
N ALA E 25 2.48 5.14 7.15
CA ALA E 25 1.47 4.15 7.46
C ALA E 25 0.91 4.38 8.85
N PHE E 26 -0.29 3.85 9.08
CA PHE E 26 -1.07 4.17 10.27
C PHE E 26 -0.38 3.56 11.49
N ALA E 27 0.16 4.42 12.34
CA ALA E 27 0.98 3.99 13.45
C ALA E 27 0.12 3.38 14.55
N ALA E 28 0.78 2.84 15.56
CA ALA E 28 0.09 2.44 16.77
C ALA E 28 -0.34 3.69 17.55
N ILE E 29 -1.01 3.46 18.67
CA ILE E 29 -1.80 4.54 19.25
C ILE E 29 -0.93 5.55 19.99
N GLY E 30 -0.01 5.10 20.81
CA GLY E 30 0.87 6.06 21.45
C GLY E 30 2.29 6.00 20.93
N ALA E 31 2.48 5.40 19.78
CA ALA E 31 3.82 5.10 19.28
C ALA E 31 4.43 6.34 18.63
N ILE E 32 5.59 6.14 17.99
CA ILE E 32 6.21 7.19 17.20
C ILE E 32 5.31 7.51 16.02
N ASN E 33 5.15 8.80 15.73
CA ASN E 33 4.27 9.17 14.64
C ASN E 33 4.99 9.20 13.30
N SER E 34 6.11 9.90 13.20
CA SER E 34 6.88 9.90 11.97
C SER E 34 8.21 9.19 12.18
N PRO E 35 8.35 7.94 11.77
CA PRO E 35 9.62 7.25 11.95
C PRO E 35 10.62 7.59 10.87
N VAL E 36 11.89 7.55 11.25
CA VAL E 36 12.95 7.71 10.28
C VAL E 36 13.03 6.45 9.41
N ILE E 37 13.63 6.60 8.23
CA ILE E 37 13.89 5.44 7.39
C ILE E 37 14.94 4.57 8.05
N LYS E 38 14.72 3.26 8.05
CA LYS E 38 15.61 2.33 8.74
C LYS E 38 15.89 1.10 7.89
N ASP E 39 17.07 0.54 8.12
CA ASP E 39 17.53 -0.69 7.48
C ASP E 39 16.66 -1.86 7.92
N PRO E 40 16.26 -2.77 7.02
CA PRO E 40 15.48 -3.93 7.47
C PRO E 40 16.26 -4.97 8.26
N ILE E 41 17.54 -5.18 7.96
CA ILE E 41 18.30 -6.21 8.66
C ILE E 41 18.71 -5.74 10.05
N THR E 42 19.46 -4.66 10.12
CA THR E 42 20.09 -4.25 11.37
C THR E 42 19.26 -3.25 12.17
N ASN E 43 18.23 -2.66 11.55
CA ASN E 43 17.35 -1.66 12.15
C ASN E 43 18.11 -0.43 12.64
N LEU E 44 19.17 -0.07 11.95
CA LEU E 44 19.85 1.18 12.19
C LEU E 44 19.18 2.28 11.40
N PRO E 45 19.52 3.55 11.65
CA PRO E 45 19.18 4.60 10.70
C PRO E 45 19.96 4.45 9.40
N ILE E 46 19.49 5.16 8.38
CA ILE E 46 20.04 5.11 7.04
C ILE E 46 19.77 6.46 6.39
N ILE E 47 20.71 6.94 5.59
CA ILE E 47 20.44 7.97 4.61
C ILE E 47 20.39 7.32 3.25
N PRO E 48 19.26 7.30 2.56
CA PRO E 48 19.23 6.78 1.20
C PRO E 48 19.98 7.71 0.26
N GLY E 49 20.50 7.14 -0.82
CA GLY E 49 21.21 7.94 -1.79
C GLY E 49 20.30 8.83 -2.60
N SER E 50 19.02 8.53 -2.62
CA SER E 50 18.05 9.37 -3.32
C SER E 50 17.82 10.69 -2.63
N SER E 51 17.90 10.76 -1.31
CA SER E 51 17.80 12.03 -0.62
C SER E 51 19.04 12.89 -0.84
N LEU E 52 20.22 12.27 -0.71
CA LEU E 52 21.48 12.93 -1.03
C LEU E 52 21.54 13.40 -2.48
N LYS E 53 20.89 12.67 -3.38
CA LYS E 53 20.91 13.10 -4.77
C LYS E 53 19.92 14.21 -5.01
N GLY E 54 18.70 14.07 -4.51
CA GLY E 54 17.65 15.03 -4.82
C GLY E 54 17.84 16.37 -4.13
N LYS E 55 18.27 16.36 -2.87
CA LYS E 55 18.53 17.61 -2.17
C LYS E 55 19.71 18.36 -2.77
N MET E 56 20.80 17.65 -3.08
CA MET E 56 21.93 18.28 -3.74
C MET E 56 21.60 18.72 -5.15
N ARG E 57 20.69 18.02 -5.84
CA ARG E 57 20.20 18.46 -7.14
C ARG E 57 19.45 19.78 -7.04
N THR E 58 18.53 19.90 -6.09
CA THR E 58 17.80 21.15 -5.91
C THR E 58 18.65 22.27 -5.32
N LEU E 59 19.73 21.94 -4.61
CA LEU E 59 20.60 23.01 -4.12
C LEU E 59 21.49 23.53 -5.23
N LEU E 60 22.06 22.64 -6.03
CA LEU E 60 22.85 23.06 -7.18
C LEU E 60 22.00 23.62 -8.30
N ALA E 61 20.70 23.38 -8.28
CA ALA E 61 19.82 24.04 -9.22
C ALA E 61 19.60 25.50 -8.89
N LYS E 62 20.02 25.94 -7.71
CA LYS E 62 19.95 27.33 -7.32
C LYS E 62 21.24 28.07 -7.58
N VAL E 63 22.29 27.36 -7.95
CA VAL E 63 23.60 27.94 -8.19
C VAL E 63 24.00 27.83 -9.65
N TYR E 64 23.78 26.66 -10.26
CA TYR E 64 24.27 26.36 -11.60
C TYR E 64 23.16 26.31 -12.64
N ASN E 65 22.15 27.17 -12.51
CA ASN E 65 21.17 27.35 -13.56
C ASN E 65 21.10 28.82 -13.93
N GLU E 66 21.27 29.12 -15.21
CA GLU E 66 21.01 30.46 -15.70
C GLU E 66 19.53 30.80 -15.55
N LYS E 67 18.70 30.09 -16.29
CA LYS E 67 17.26 30.25 -16.23
C LYS E 67 16.71 29.36 -15.11
N VAL E 68 15.68 29.85 -14.44
CA VAL E 68 15.06 29.08 -13.35
C VAL E 68 14.38 27.85 -13.95
N ALA E 69 14.76 26.67 -13.46
CA ALA E 69 14.21 25.43 -13.96
C ALA E 69 12.78 25.26 -13.50
N GLU E 70 11.88 24.96 -14.44
CA GLU E 70 10.49 24.66 -14.12
C GLU E 70 10.31 23.22 -13.71
N LYS E 71 11.30 22.37 -13.96
CA LYS E 71 11.23 20.92 -13.80
C LYS E 71 12.66 20.39 -13.87
N PRO E 72 12.92 19.16 -13.37
CA PRO E 72 14.29 18.63 -13.43
C PRO E 72 14.80 18.37 -14.85
N SER E 73 13.91 18.19 -15.82
CA SER E 73 14.33 18.08 -17.21
C SER E 73 14.74 19.42 -17.80
N ASP E 74 14.36 20.52 -17.16
CA ASP E 74 14.71 21.86 -17.58
C ASP E 74 15.99 22.34 -16.92
N ASP E 75 16.75 21.43 -16.32
CA ASP E 75 17.99 21.79 -15.66
C ASP E 75 19.07 22.09 -16.69
N SER E 76 20.20 22.58 -16.20
CA SER E 76 21.25 23.03 -17.09
C SER E 76 22.05 21.87 -17.65
N ASP E 77 22.92 22.19 -18.59
CA ASP E 77 23.85 21.22 -19.15
C ASP E 77 25.03 20.95 -18.23
N ILE E 78 25.28 21.84 -17.27
CA ILE E 78 26.29 21.58 -16.26
C ILE E 78 25.77 20.57 -15.24
N LEU E 79 24.45 20.51 -15.03
CA LEU E 79 23.86 19.63 -14.04
C LEU E 79 23.26 18.37 -14.64
N SER E 80 22.84 18.40 -15.90
CA SER E 80 22.29 17.20 -16.51
C SER E 80 23.36 16.15 -16.73
N ARG E 81 24.60 16.56 -16.90
CA ARG E 81 25.65 15.59 -17.10
C ARG E 81 26.08 14.97 -15.80
N LEU E 82 25.76 15.59 -14.67
CA LEU E 82 26.11 15.05 -13.37
C LEU E 82 24.96 14.36 -12.68
N PHE E 83 23.73 14.66 -13.03
CA PHE E 83 22.61 14.03 -12.36
C PHE E 83 21.65 13.34 -13.30
N GLY E 84 21.97 13.28 -14.58
CA GLY E 84 21.13 12.59 -15.53
C GLY E 84 19.97 13.46 -15.99
N ASN E 85 19.40 13.08 -17.12
CA ASN E 85 18.35 13.88 -17.73
C ASN E 85 17.44 12.96 -18.51
N SER E 86 16.15 13.02 -18.23
CA SER E 86 15.19 12.17 -18.92
C SER E 86 14.90 12.61 -20.35
N LYS E 87 15.40 13.77 -20.78
CA LYS E 87 15.01 14.30 -22.08
C LYS E 87 16.16 14.52 -23.03
N ASP E 88 17.37 14.80 -22.55
CA ASP E 88 18.52 14.86 -23.45
C ASP E 88 18.88 13.47 -23.96
N LYS E 89 19.32 13.42 -25.22
CA LYS E 89 19.71 12.16 -25.82
C LYS E 89 21.08 11.72 -25.32
N ARG E 90 21.90 12.67 -24.90
CA ARG E 90 23.28 12.40 -24.51
C ARG E 90 23.52 12.48 -23.02
N PHE E 91 22.58 13.07 -22.25
CA PHE E 91 22.74 13.26 -20.82
C PHE E 91 21.79 12.39 -20.03
N LYS E 92 21.35 11.29 -20.61
CA LYS E 92 20.57 10.28 -19.91
C LYS E 92 21.56 9.35 -19.24
N MET E 93 21.33 9.04 -17.95
CA MET E 93 22.27 8.31 -17.08
C MET E 93 23.60 9.07 -16.97
N GLY E 94 23.53 10.18 -16.24
CA GLY E 94 24.62 11.12 -16.10
C GLY E 94 25.65 10.98 -14.99
N ARG E 95 26.62 10.07 -15.11
CA ARG E 95 27.94 10.19 -14.47
C ARG E 95 28.03 10.18 -12.95
N LEU E 96 26.93 10.05 -12.22
CA LEU E 96 27.04 9.92 -10.77
C LEU E 96 26.12 8.82 -10.25
N ILE E 97 26.65 8.05 -9.30
CA ILE E 97 25.93 6.98 -8.66
C ILE E 97 25.98 7.27 -7.17
N PHE E 98 24.93 7.86 -6.62
CA PHE E 98 24.92 8.08 -5.19
C PHE E 98 24.59 6.75 -4.54
N ARG E 99 25.23 6.45 -3.44
CA ARG E 99 24.95 5.24 -2.68
C ARG E 99 24.32 5.63 -1.35
N ASP E 100 23.91 4.64 -0.59
CA ASP E 100 23.28 4.89 0.69
C ASP E 100 24.37 5.08 1.75
N ALA E 101 23.95 5.12 3.01
CA ALA E 101 24.89 5.30 4.11
C ALA E 101 24.30 4.60 5.31
N PHE E 102 25.14 3.95 6.11
CA PHE E 102 24.63 2.84 6.93
C PHE E 102 25.16 2.84 8.36
N LEU E 103 25.39 4.02 8.95
CA LEU E 103 25.70 4.21 10.37
C LEU E 103 26.99 3.47 10.74
N SER E 104 28.08 4.04 10.24
CA SER E 104 29.41 3.43 10.35
C SER E 104 29.82 3.19 11.79
N ASN E 105 29.62 4.18 12.66
CA ASN E 105 30.09 4.07 14.03
C ASN E 105 28.95 3.66 14.97
N ALA E 106 28.53 2.41 14.83
CA ALA E 106 27.71 1.85 15.89
C ALA E 106 28.54 1.39 17.09
N ASP E 107 29.87 1.40 16.97
CA ASP E 107 30.75 1.09 18.08
C ASP E 107 31.29 2.33 18.79
N GLU E 108 31.48 3.45 18.09
CA GLU E 108 31.83 4.69 18.76
C GLU E 108 30.67 5.22 19.58
N LEU E 109 29.45 5.15 19.03
CA LEU E 109 28.28 5.59 19.75
C LEU E 109 27.96 4.68 20.92
N ASP E 110 28.28 3.40 20.83
CA ASP E 110 28.03 2.49 21.94
C ASP E 110 29.16 2.53 22.96
N SER E 111 30.33 3.07 22.60
CA SER E 111 31.35 3.35 23.60
C SER E 111 30.89 4.48 24.52
N LEU E 112 30.21 5.48 23.97
CA LEU E 112 29.50 6.44 24.78
C LEU E 112 28.18 5.83 25.25
N GLY E 113 27.48 6.53 26.14
CA GLY E 113 26.33 5.93 26.78
C GLY E 113 25.03 6.02 26.02
N VAL E 114 25.09 5.84 24.71
CA VAL E 114 23.90 5.93 23.87
C VAL E 114 23.15 4.61 23.94
N ARG E 115 21.86 4.69 24.26
CA ARG E 115 21.06 3.47 24.36
C ARG E 115 20.56 3.01 23.00
N SER E 116 19.96 3.91 22.23
CA SER E 116 19.46 3.59 20.90
C SER E 116 19.94 4.64 19.91
N TYR E 117 20.10 4.23 18.66
CA TYR E 117 20.69 5.11 17.66
C TYR E 117 19.71 6.08 17.05
N THR E 118 18.47 6.09 17.51
CA THR E 118 17.51 7.15 17.24
C THR E 118 17.05 7.73 18.57
N GLU E 119 16.80 9.03 18.59
CA GLU E 119 16.00 9.60 19.66
C GLU E 119 14.61 9.86 19.12
N VAL E 120 13.67 10.07 20.04
CA VAL E 120 12.31 10.42 19.72
C VAL E 120 12.03 11.73 20.43
N LYS E 121 11.82 12.81 19.67
CA LYS E 121 11.54 14.07 20.33
C LYS E 121 10.04 14.31 20.35
N PHE E 122 9.52 14.50 21.55
CA PHE E 122 8.12 14.84 21.68
C PHE E 122 8.00 16.31 21.38
N GLU E 123 6.84 16.69 20.85
CA GLU E 123 6.74 17.96 20.18
C GLU E 123 5.26 18.26 20.04
N ASN E 124 4.89 19.51 19.83
CA ASN E 124 3.48 19.82 19.64
C ASN E 124 3.32 21.05 18.77
N THR E 125 2.09 21.29 18.37
CA THR E 125 1.69 22.54 17.76
C THR E 125 0.61 23.18 18.61
N ILE E 126 0.60 24.51 18.61
CA ILE E 126 -0.35 25.30 19.38
C ILE E 126 -1.17 26.11 18.40
N ASP E 127 -2.49 25.99 18.51
CA ASP E 127 -3.37 26.72 17.62
C ASP E 127 -3.36 28.21 17.94
N ARG E 128 -3.69 29.04 16.94
CA ARG E 128 -3.58 30.49 17.13
C ARG E 128 -4.72 31.02 17.97
N ILE E 129 -5.96 30.83 17.51
CA ILE E 129 -7.11 30.86 18.39
C ILE E 129 -7.09 29.57 19.20
N THR E 130 -7.67 29.62 20.41
CA THR E 130 -7.97 28.53 21.35
C THR E 130 -6.71 28.02 22.06
N ALA E 131 -5.54 28.31 21.51
CA ALA E 131 -4.21 27.86 21.99
C ALA E 131 -4.21 26.41 22.47
N GLU E 132 -4.80 25.54 21.67
CA GLU E 132 -4.98 24.16 22.06
C GLU E 132 -3.85 23.33 21.45
N ALA E 133 -3.28 22.46 22.27
CA ALA E 133 -2.07 21.77 21.91
C ALA E 133 -2.38 20.48 21.16
N ASN E 134 -1.46 20.09 20.28
CA ASN E 134 -1.57 18.84 19.54
C ASN E 134 -0.18 18.25 19.43
N PRO E 135 0.09 17.15 20.15
CA PRO E 135 1.45 16.60 20.16
C PRO E 135 1.71 15.65 19.02
N ARG E 136 2.98 15.61 18.63
CA ARG E 136 3.55 14.61 17.75
C ARG E 136 4.79 14.04 18.41
N GLN E 137 5.17 12.86 17.96
CA GLN E 137 6.37 12.16 18.41
C GLN E 137 7.10 11.79 17.14
N ILE E 138 8.15 12.51 16.79
CA ILE E 138 8.87 12.19 15.57
C ILE E 138 10.27 11.72 15.92
N GLU E 139 10.75 10.77 15.12
CA GLU E 139 11.97 10.04 15.37
C GLU E 139 13.09 10.64 14.54
N ARG E 140 14.29 10.67 15.11
CA ARG E 140 15.41 11.23 14.39
C ARG E 140 16.70 10.58 14.82
N ALA E 141 17.53 10.27 13.83
CA ALA E 141 18.85 9.70 14.07
C ALA E 141 19.69 10.68 14.86
N ILE E 142 20.37 10.17 15.90
CA ILE E 142 20.94 11.01 16.96
C ILE E 142 22.11 11.81 16.45
N ARG E 143 22.59 12.73 17.30
CA ARG E 143 23.38 13.85 16.82
C ARG E 143 24.78 13.42 16.39
N ASN E 144 25.47 12.57 17.14
CA ASN E 144 26.89 12.37 16.82
C ASN E 144 27.11 11.13 15.95
N SER E 145 26.18 10.84 15.05
CA SER E 145 26.37 9.74 14.11
C SER E 145 27.37 10.11 13.03
N THR E 146 27.94 9.09 12.41
CA THR E 146 28.59 9.24 11.11
C THR E 146 28.00 8.23 10.15
N PHE E 147 28.14 8.53 8.87
CA PHE E 147 27.53 7.79 7.78
C PHE E 147 28.56 7.65 6.68
N ASP E 148 28.70 6.45 6.12
CA ASP E 148 29.68 6.22 5.06
C ASP E 148 29.09 6.65 3.73
N PHE E 149 29.55 7.78 3.24
CA PHE E 149 29.06 8.37 2.00
C PHE E 149 29.99 7.99 0.86
N GLU E 150 29.42 7.65 -0.29
CA GLU E 150 30.28 7.42 -1.44
C GLU E 150 29.57 7.75 -2.74
N LEU E 151 30.33 8.29 -3.68
CA LEU E 151 29.88 8.51 -5.04
C LEU E 151 30.76 7.69 -5.97
N ILE E 152 30.22 7.29 -7.10
CA ILE E 152 31.01 6.64 -8.13
C ILE E 152 30.87 7.52 -9.38
N TYR E 153 31.80 8.44 -9.54
CA TYR E 153 31.83 9.32 -10.70
C TYR E 153 32.52 8.59 -11.84
N GLU E 154 31.84 8.38 -12.97
CA GLU E 154 32.48 7.69 -14.08
C GLU E 154 32.97 8.68 -15.13
N ILE E 155 34.09 8.32 -15.75
CA ILE E 155 34.71 9.10 -16.81
C ILE E 155 34.69 8.24 -18.06
N THR E 156 33.89 8.65 -19.05
CA THR E 156 33.59 7.83 -20.22
C THR E 156 34.19 8.41 -21.48
N ASP E 157 35.17 9.30 -21.35
CA ASP E 157 35.91 9.98 -22.42
C ASP E 157 35.03 10.85 -23.32
N GLU E 158 33.76 11.06 -22.95
CA GLU E 158 32.90 12.01 -23.63
C GLU E 158 33.06 13.41 -23.06
N ASN E 159 33.80 13.56 -21.97
CA ASN E 159 34.05 14.86 -21.39
C ASN E 159 35.45 15.38 -21.71
N GLU E 160 36.50 14.66 -21.28
CA GLU E 160 37.92 14.83 -21.60
C GLU E 160 38.55 16.10 -21.03
N ASN E 161 37.75 17.09 -20.64
CA ASN E 161 38.21 18.23 -19.89
C ASN E 161 37.18 18.70 -18.87
N GLN E 162 36.00 18.11 -18.86
CA GLN E 162 34.94 18.45 -17.94
C GLN E 162 35.06 17.73 -16.62
N VAL E 163 36.18 17.04 -16.39
CA VAL E 163 36.33 16.26 -15.17
C VAL E 163 36.51 17.20 -13.98
N GLU E 164 37.54 18.05 -14.04
CA GLU E 164 37.78 18.99 -12.94
C GLU E 164 36.79 20.13 -12.91
N GLU E 165 36.02 20.34 -13.97
CA GLU E 165 34.89 21.25 -13.88
C GLU E 165 33.78 20.64 -13.02
N ASP E 166 33.68 19.31 -12.99
CA ASP E 166 32.64 18.66 -12.22
C ASP E 166 32.92 18.63 -10.72
N PHE E 167 34.18 18.69 -10.30
CA PHE E 167 34.42 18.67 -8.87
C PHE E 167 34.23 20.05 -8.25
N LYS E 168 34.36 21.11 -9.04
CA LYS E 168 33.89 22.42 -8.64
C LYS E 168 32.38 22.50 -8.51
N VAL E 169 31.65 21.51 -9.00
CA VAL E 169 30.22 21.39 -8.76
C VAL E 169 29.91 20.44 -7.62
N ILE E 170 30.66 19.33 -7.52
CA ILE E 170 30.44 18.34 -6.47
C ILE E 170 30.81 18.90 -5.10
N ARG E 171 32.01 19.46 -4.97
CA ARG E 171 32.43 20.06 -3.71
C ARG E 171 31.56 21.25 -3.34
N ASP E 172 31.09 22.01 -4.34
CA ASP E 172 30.14 23.08 -4.10
C ASP E 172 28.81 22.53 -3.60
N GLY E 173 28.37 21.38 -4.11
CA GLY E 173 27.13 20.79 -3.66
C GLY E 173 27.20 20.24 -2.25
N LEU E 174 28.34 19.66 -1.88
CA LEU E 174 28.52 19.23 -0.50
C LEU E 174 28.61 20.43 0.44
N LYS E 175 29.28 21.50 0.00
CA LYS E 175 29.35 22.72 0.80
C LYS E 175 27.98 23.37 0.96
N LEU E 176 27.11 23.22 -0.03
CA LEU E 176 25.73 23.67 0.13
C LEU E 176 24.91 22.77 1.04
N LEU E 177 25.09 21.45 0.93
CA LEU E 177 24.43 20.50 1.83
C LEU E 177 24.77 20.74 3.28
N GLU E 178 26.00 21.21 3.55
CA GLU E 178 26.35 21.62 4.90
C GLU E 178 25.51 22.80 5.36
N LEU E 179 25.40 23.82 4.51
CA LEU E 179 24.74 25.05 4.90
C LEU E 179 23.23 24.93 4.86
N ASP E 180 22.69 24.11 3.96
CA ASP E 180 21.29 23.75 3.97
C ASP E 180 21.14 22.54 4.90
N TYR E 181 20.01 21.86 4.88
CA TYR E 181 19.79 20.91 5.96
C TYR E 181 19.87 19.44 5.60
N LEU E 182 19.43 19.00 4.42
CA LEU E 182 19.41 17.58 4.01
C LEU E 182 18.52 16.75 4.94
N GLY E 183 17.21 16.92 4.74
CA GLY E 183 16.29 15.87 5.10
C GLY E 183 15.29 16.21 6.18
N GLY E 184 14.01 16.01 5.89
CA GLY E 184 12.96 16.21 6.88
C GLY E 184 12.80 17.66 7.28
N SER E 185 12.32 17.84 8.51
CA SER E 185 11.88 19.16 8.98
C SER E 185 13.06 20.06 9.27
N GLY E 186 13.74 20.54 8.24
CA GLY E 186 14.97 21.26 8.49
C GLY E 186 14.80 22.71 8.86
N SER E 187 13.66 23.31 8.53
CA SER E 187 13.40 24.66 8.98
C SER E 187 13.12 24.72 10.47
N ARG E 188 12.74 23.60 11.08
CA ARG E 188 12.79 23.42 12.52
C ARG E 188 14.13 22.87 13.00
N GLY E 189 15.16 22.96 12.17
CA GLY E 189 16.51 22.65 12.60
C GLY E 189 16.89 21.21 12.73
N TYR E 190 16.65 20.41 11.70
CA TYR E 190 17.12 19.04 11.68
C TYR E 190 18.15 18.94 10.58
N GLY E 191 18.62 17.73 10.34
CA GLY E 191 19.57 17.52 9.28
C GLY E 191 20.95 17.96 9.67
N LYS E 192 21.40 19.10 9.11
CA LYS E 192 22.67 19.77 9.40
C LYS E 192 23.85 18.80 9.37
N VAL E 193 24.13 18.37 8.20
CA VAL E 193 25.19 17.39 8.02
C VAL E 193 26.51 18.11 7.78
N ALA E 194 27.59 17.50 8.22
CA ALA E 194 28.94 17.94 7.92
C ALA E 194 29.65 16.81 7.20
N PHE E 195 30.50 17.15 6.26
CA PHE E 195 31.21 16.18 5.45
C PHE E 195 32.67 16.15 5.87
N GLU E 196 33.15 14.98 6.23
CA GLU E 196 34.48 14.82 6.78
C GLU E 196 35.25 13.82 5.92
N ASN E 197 36.58 13.97 5.92
CA ASN E 197 37.51 13.03 5.27
C ASN E 197 37.24 12.89 3.77
N LEU E 198 37.20 14.01 3.07
CA LEU E 198 36.94 13.99 1.64
C LEU E 198 38.12 13.37 0.90
N LYS E 199 37.87 12.23 0.26
CA LYS E 199 38.97 11.43 -0.30
C LYS E 199 38.49 10.81 -1.59
N ALA E 200 39.15 11.15 -2.69
CA ALA E 200 38.86 10.59 -3.99
C ALA E 200 39.87 9.50 -4.31
N THR E 201 39.39 8.31 -4.62
CA THR E 201 40.23 7.22 -5.06
C THR E 201 39.70 6.67 -6.38
N THR E 202 40.60 6.21 -7.23
CA THR E 202 40.24 5.67 -8.53
C THR E 202 40.15 4.16 -8.40
N VAL E 203 38.92 3.65 -8.45
CA VAL E 203 38.69 2.24 -8.23
C VAL E 203 38.67 1.42 -9.51
N PHE E 204 38.68 2.08 -10.67
CA PHE E 204 38.73 1.36 -11.93
C PHE E 204 39.34 2.28 -12.96
N GLY E 205 40.19 1.71 -13.81
CA GLY E 205 40.79 2.47 -14.87
C GLY E 205 42.10 3.09 -14.42
N ASN E 206 42.48 4.16 -15.12
CA ASN E 206 43.74 4.83 -14.86
C ASN E 206 43.47 6.33 -14.89
N TYR E 207 43.39 6.93 -13.70
CA TYR E 207 43.20 8.36 -13.58
C TYR E 207 43.90 8.79 -12.30
N ASP E 208 44.58 9.92 -12.34
CA ASP E 208 45.33 10.43 -11.20
C ASP E 208 44.50 11.47 -10.47
N VAL E 209 44.41 11.30 -9.14
CA VAL E 209 43.56 12.12 -8.30
C VAL E 209 44.35 12.95 -7.31
N LYS E 210 45.67 13.05 -7.48
CA LYS E 210 46.47 13.82 -6.53
C LYS E 210 46.30 15.31 -6.75
N THR E 211 45.91 15.73 -7.95
CA THR E 211 45.53 17.11 -8.21
C THR E 211 44.07 17.37 -7.88
N LEU E 212 43.40 16.41 -7.27
CA LEU E 212 41.97 16.46 -7.01
C LEU E 212 41.67 16.49 -5.53
N ASN E 213 42.47 15.78 -4.72
CA ASN E 213 42.35 15.84 -3.28
C ASN E 213 42.73 17.22 -2.75
N GLU E 214 43.64 17.93 -3.41
CA GLU E 214 43.94 19.29 -2.99
C GLU E 214 42.83 20.26 -3.36
N LEU E 215 42.03 19.94 -4.39
CA LEU E 215 40.77 20.66 -4.58
C LEU E 215 39.79 20.32 -3.47
N LEU E 216 39.79 19.07 -3.02
CA LEU E 216 38.94 18.68 -1.90
C LEU E 216 39.48 19.13 -0.56
N THR E 217 40.76 19.53 -0.50
CA THR E 217 41.44 20.02 0.70
C THR E 217 41.37 19.06 1.90
N THR F 2 38.85 -29.91 -28.37
CA THR F 2 38.29 -30.41 -27.11
C THR F 2 37.08 -29.57 -26.71
N PHE F 3 36.37 -30.00 -25.66
CA PHE F 3 35.10 -29.35 -25.31
C PHE F 3 34.88 -29.42 -23.81
N ALA F 4 34.55 -28.28 -23.20
CA ALA F 4 34.27 -28.21 -21.78
C ALA F 4 33.28 -27.09 -21.52
N LYS F 5 32.74 -27.06 -20.30
CA LYS F 5 31.79 -26.02 -19.90
C LYS F 5 32.09 -25.62 -18.45
N ILE F 6 32.91 -24.63 -18.26
CA ILE F 6 33.26 -24.28 -16.87
C ILE F 6 32.28 -23.22 -16.38
N LYS F 7 31.81 -23.35 -15.14
CA LYS F 7 30.88 -22.38 -14.61
C LYS F 7 31.51 -21.56 -13.50
N PHE F 8 31.05 -20.32 -13.40
CA PHE F 8 31.53 -19.37 -12.39
C PHE F 8 30.47 -19.28 -11.31
N SER F 9 30.60 -20.12 -10.29
CA SER F 9 29.70 -20.03 -9.15
C SER F 9 30.09 -18.83 -8.29
N ALA F 10 29.07 -18.12 -7.83
CA ALA F 10 29.27 -16.99 -6.93
C ALA F 10 28.03 -16.89 -6.08
N GLN F 11 28.21 -16.38 -4.86
CA GLN F 11 27.12 -15.78 -4.14
C GLN F 11 27.16 -14.28 -4.43
N ILE F 12 26.08 -13.77 -4.95
CA ILE F 12 25.97 -12.33 -5.10
C ILE F 12 25.59 -11.76 -3.73
N ARG F 13 25.90 -10.50 -3.47
CA ARG F 13 25.45 -9.94 -2.21
C ARG F 13 24.99 -8.52 -2.43
N LEU F 14 23.85 -8.19 -1.86
CA LEU F 14 23.22 -6.90 -2.04
C LEU F 14 23.66 -5.99 -0.90
N GLU F 15 24.61 -5.10 -1.18
CA GLU F 15 25.00 -4.16 -0.13
C GLU F 15 24.13 -2.92 -0.07
N THR F 16 23.35 -2.63 -1.10
CA THR F 16 22.13 -1.84 -0.93
C THR F 16 21.01 -2.67 -1.55
N GLY F 17 19.82 -2.11 -1.70
CA GLY F 17 18.71 -2.85 -2.23
C GLY F 17 18.80 -3.10 -3.71
N LEU F 18 17.82 -3.83 -4.21
CA LEU F 18 17.61 -4.02 -5.64
C LEU F 18 16.21 -3.62 -6.02
N HIS F 19 16.08 -2.87 -7.09
CA HIS F 19 14.78 -2.72 -7.73
C HIS F 19 14.93 -3.10 -9.19
N ILE F 20 14.78 -4.38 -9.48
CA ILE F 20 14.59 -4.88 -10.84
C ILE F 20 13.09 -4.99 -11.06
N GLY F 21 12.55 -4.10 -11.88
CA GLY F 21 11.11 -4.01 -12.02
C GLY F 21 10.54 -5.09 -12.90
N GLY F 22 9.22 -5.20 -12.88
CA GLY F 22 8.56 -6.21 -13.68
C GLY F 22 7.48 -5.62 -14.56
N SER F 23 6.31 -6.22 -14.53
CA SER F 23 5.15 -5.67 -15.23
C SER F 23 4.34 -4.83 -14.25
N ASP F 24 3.86 -3.70 -14.75
CA ASP F 24 3.10 -2.74 -13.96
C ASP F 24 1.63 -3.13 -13.95
N ALA F 25 1.19 -3.76 -12.86
CA ALA F 25 -0.15 -4.34 -12.83
C ALA F 25 -1.22 -3.29 -12.53
N PHE F 26 -1.21 -2.71 -11.33
CA PHE F 26 -2.27 -1.80 -10.95
C PHE F 26 -1.86 -0.98 -9.73
N ALA F 27 -2.29 0.29 -9.71
CA ALA F 27 -1.85 1.26 -8.71
C ALA F 27 -2.36 0.90 -7.32
N ALA F 28 -3.69 0.75 -7.16
CA ALA F 28 -4.35 0.25 -5.94
C ALA F 28 -4.03 1.07 -4.70
N ILE F 29 -4.65 2.26 -4.56
CA ILE F 29 -4.12 3.50 -3.99
C ILE F 29 -3.02 3.36 -2.93
N GLY F 30 -3.23 2.51 -1.93
CA GLY F 30 -2.20 2.38 -0.92
C GLY F 30 -1.04 1.49 -1.29
N ALA F 31 -1.18 0.67 -2.33
CA ALA F 31 -0.22 -0.40 -2.58
C ALA F 31 1.05 0.14 -3.23
N ILE F 32 1.91 -0.78 -3.66
CA ILE F 32 3.25 -0.43 -4.12
C ILE F 32 3.18 0.04 -5.56
N ASN F 33 3.82 1.17 -5.84
CA ASN F 33 3.80 1.71 -7.19
C ASN F 33 4.70 0.90 -8.10
N SER F 34 5.93 0.65 -7.68
CA SER F 34 6.90 -0.10 -8.48
C SER F 34 7.29 -1.36 -7.73
N PRO F 35 6.70 -2.50 -8.05
CA PRO F 35 7.07 -3.74 -7.37
C PRO F 35 8.25 -4.43 -8.05
N VAL F 36 9.09 -5.04 -7.21
CA VAL F 36 10.23 -5.78 -7.71
C VAL F 36 9.74 -7.05 -8.39
N ILE F 37 10.53 -7.54 -9.35
CA ILE F 37 10.19 -8.80 -9.98
C ILE F 37 10.35 -9.94 -8.99
N LYS F 38 9.44 -10.89 -9.01
CA LYS F 38 9.49 -12.01 -8.08
C LYS F 38 9.34 -13.31 -8.85
N ASP F 39 9.57 -14.40 -8.14
CA ASP F 39 9.44 -15.73 -8.70
C ASP F 39 7.99 -16.16 -8.48
N PRO F 40 7.19 -16.33 -9.54
CA PRO F 40 5.73 -16.48 -9.34
C PRO F 40 5.30 -17.80 -8.70
N ILE F 41 6.19 -18.75 -8.48
CA ILE F 41 5.85 -19.95 -7.70
C ILE F 41 6.06 -19.70 -6.20
N THR F 42 7.21 -19.15 -5.83
CA THR F 42 7.57 -19.01 -4.42
C THR F 42 7.40 -17.59 -3.90
N ASN F 43 6.97 -16.65 -4.74
CA ASN F 43 6.67 -15.26 -4.37
C ASN F 43 7.89 -14.55 -3.79
N LEU F 44 9.06 -14.90 -4.31
CA LEU F 44 10.35 -14.59 -3.76
C LEU F 44 11.16 -13.77 -4.75
N PRO F 45 11.96 -12.80 -4.30
CA PRO F 45 12.64 -11.89 -5.24
C PRO F 45 13.74 -12.57 -6.03
N ILE F 46 13.71 -12.36 -7.35
CA ILE F 46 14.61 -12.98 -8.29
C ILE F 46 15.45 -11.87 -8.93
N ILE F 47 16.64 -12.22 -9.39
CA ILE F 47 17.32 -11.45 -10.43
C ILE F 47 17.19 -12.24 -11.73
N PRO F 48 16.50 -11.72 -12.73
CA PRO F 48 16.51 -12.39 -14.03
C PRO F 48 17.88 -12.29 -14.66
N GLY F 49 18.29 -13.35 -15.34
CA GLY F 49 19.63 -13.43 -15.88
C GLY F 49 19.88 -12.47 -17.02
N SER F 50 18.82 -12.03 -17.70
CA SER F 50 18.98 -11.02 -18.74
C SER F 50 19.38 -9.68 -18.17
N SER F 51 19.03 -9.37 -16.93
CA SER F 51 19.47 -8.12 -16.33
C SER F 51 20.95 -8.15 -16.00
N LEU F 52 21.42 -9.25 -15.42
CA LEU F 52 22.84 -9.51 -15.24
C LEU F 52 23.60 -9.43 -16.56
N LYS F 53 23.04 -10.07 -17.60
CA LYS F 53 23.69 -10.18 -18.89
C LYS F 53 23.77 -8.85 -19.60
N GLY F 54 22.69 -8.11 -19.64
CA GLY F 54 22.70 -6.81 -20.25
C GLY F 54 23.51 -5.78 -19.49
N LYS F 55 23.49 -5.81 -18.16
CA LYS F 55 24.27 -4.83 -17.42
C LYS F 55 25.77 -5.11 -17.52
N MET F 56 26.15 -6.39 -17.49
CA MET F 56 27.55 -6.75 -17.72
C MET F 56 27.98 -6.40 -19.13
N ARG F 57 27.10 -6.56 -20.11
CA ARG F 57 27.46 -6.21 -21.47
C ARG F 57 27.59 -4.71 -21.66
N THR F 58 26.71 -3.93 -21.03
CA THR F 58 26.79 -2.49 -21.17
C THR F 58 27.89 -1.86 -20.32
N LEU F 59 28.47 -2.61 -19.39
CA LEU F 59 29.70 -2.13 -18.77
C LEU F 59 30.94 -2.50 -19.57
N LEU F 60 31.04 -3.77 -19.99
CA LEU F 60 32.18 -4.21 -20.78
C LEU F 60 32.25 -3.53 -22.14
N ALA F 61 31.10 -3.11 -22.67
CA ALA F 61 31.12 -2.38 -23.94
C ALA F 61 31.59 -0.95 -23.73
N LYS F 62 31.44 -0.42 -22.52
CA LYS F 62 32.06 0.87 -22.23
C LYS F 62 33.56 0.72 -22.11
N VAL F 63 34.03 -0.44 -21.62
CA VAL F 63 35.46 -0.61 -21.48
C VAL F 63 36.12 -0.88 -22.83
N TYR F 64 35.47 -1.66 -23.70
CA TYR F 64 36.10 -2.18 -24.92
C TYR F 64 35.43 -1.56 -26.15
N ASN F 65 35.90 -0.39 -26.55
CA ASN F 65 35.36 0.29 -27.73
C ASN F 65 36.44 0.42 -28.78
N GLU F 66 36.01 0.49 -30.05
CA GLU F 66 36.92 0.88 -31.12
C GLU F 66 36.90 2.39 -31.29
N SER F 76 32.39 -5.11 -29.01
CA SER F 76 33.20 -5.03 -30.21
C SER F 76 33.36 -6.41 -30.83
N ASP F 77 34.61 -6.82 -31.01
CA ASP F 77 34.92 -8.16 -31.49
C ASP F 77 34.95 -9.17 -30.35
N ILE F 78 35.23 -8.70 -29.13
CA ILE F 78 35.33 -9.58 -27.97
C ILE F 78 34.04 -9.59 -27.15
N LEU F 79 33.24 -8.54 -27.20
CA LEU F 79 31.91 -8.59 -26.61
C LEU F 79 30.99 -9.48 -27.42
N SER F 80 31.18 -9.50 -28.73
CA SER F 80 30.32 -10.22 -29.64
C SER F 80 30.45 -11.72 -29.48
N ARG F 81 31.65 -12.22 -29.19
CA ARG F 81 31.83 -13.64 -29.01
C ARG F 81 31.48 -14.10 -27.61
N LEU F 82 31.37 -13.20 -26.66
CA LEU F 82 31.06 -13.54 -25.29
C LEU F 82 29.63 -13.26 -24.93
N PHE F 83 28.89 -12.56 -25.77
CA PHE F 83 27.48 -12.34 -25.50
C PHE F 83 26.57 -12.62 -26.67
N GLY F 84 27.09 -12.71 -27.87
CA GLY F 84 26.26 -13.04 -29.02
C GLY F 84 26.05 -11.84 -29.92
N ASN F 85 25.61 -12.14 -31.13
CA ASN F 85 25.36 -11.13 -32.14
C ASN F 85 24.39 -11.75 -33.15
N SER F 86 23.32 -11.03 -33.47
CA SER F 86 22.34 -11.56 -34.41
C SER F 86 22.94 -11.67 -35.80
N LYS F 87 23.75 -10.70 -36.19
CA LYS F 87 24.50 -10.72 -37.42
C LYS F 87 25.81 -11.47 -37.19
N ASP F 88 26.67 -11.51 -38.22
CA ASP F 88 28.03 -12.04 -38.14
C ASP F 88 28.10 -13.50 -37.70
N LYS F 89 27.82 -14.42 -38.62
CA LYS F 89 27.55 -15.85 -38.43
C LYS F 89 28.44 -16.61 -37.43
N ARG F 90 29.65 -16.12 -37.16
CA ARG F 90 30.51 -16.78 -36.20
C ARG F 90 30.01 -16.61 -34.78
N PHE F 91 29.33 -15.50 -34.50
CA PHE F 91 29.12 -15.01 -33.16
C PHE F 91 27.65 -14.98 -32.77
N LYS F 92 26.93 -16.04 -33.10
CA LYS F 92 25.59 -16.26 -32.59
C LYS F 92 25.69 -17.25 -31.44
N MET F 93 24.92 -17.01 -30.38
CA MET F 93 24.98 -17.75 -29.11
C MET F 93 26.41 -17.77 -28.58
N GLY F 94 26.87 -16.59 -28.20
CA GLY F 94 28.27 -16.43 -27.89
C GLY F 94 28.70 -16.88 -26.50
N ARG F 95 28.84 -18.19 -26.31
CA ARG F 95 29.74 -18.77 -25.32
C ARG F 95 29.41 -18.52 -23.84
N LEU F 96 28.40 -17.70 -23.53
CA LEU F 96 28.05 -17.43 -22.15
C LEU F 96 26.55 -17.58 -21.95
N ILE F 97 26.18 -18.32 -20.91
CA ILE F 97 24.81 -18.72 -20.67
C ILE F 97 24.52 -18.34 -19.23
N PHE F 98 23.83 -17.22 -19.03
CA PHE F 98 23.66 -16.71 -17.68
C PHE F 98 22.43 -17.41 -17.09
N ARG F 99 22.05 -17.04 -15.87
CA ARG F 99 21.00 -17.78 -15.18
C ARG F 99 20.38 -16.87 -14.13
N ASP F 100 19.11 -17.13 -13.81
CA ASP F 100 18.42 -16.40 -12.76
C ASP F 100 19.05 -16.66 -11.39
N ALA F 101 18.74 -15.79 -10.44
CA ALA F 101 19.45 -15.72 -9.18
C ALA F 101 18.44 -15.85 -8.03
N PHE F 102 18.47 -16.97 -7.31
CA PHE F 102 17.28 -17.54 -6.70
C PHE F 102 17.18 -17.33 -5.19
N LEU F 103 17.96 -16.41 -4.59
CA LEU F 103 17.86 -16.04 -3.17
C LEU F 103 18.11 -17.26 -2.26
N SER F 104 19.39 -17.62 -2.22
CA SER F 104 19.83 -18.80 -1.49
C SER F 104 19.53 -18.72 0.00
N ASN F 105 19.70 -17.56 0.63
CA ASN F 105 19.51 -17.46 2.08
C ASN F 105 18.10 -16.99 2.44
N ALA F 106 17.10 -17.73 1.98
CA ALA F 106 15.75 -17.51 2.47
C ALA F 106 15.63 -17.99 3.90
N ASP F 107 16.33 -19.05 4.26
CA ASP F 107 16.26 -19.65 5.57
C ASP F 107 17.14 -18.92 6.58
N GLU F 108 17.95 -17.96 6.15
CA GLU F 108 18.87 -17.27 7.02
C GLU F 108 18.46 -15.84 7.35
N LEU F 109 17.83 -15.13 6.41
CA LEU F 109 17.43 -13.76 6.66
C LEU F 109 16.34 -13.68 7.73
N ASP F 110 15.42 -14.63 7.75
CA ASP F 110 14.46 -14.70 8.85
C ASP F 110 15.11 -15.05 10.18
N SER F 111 16.30 -15.68 10.15
CA SER F 111 17.04 -15.85 11.39
C SER F 111 17.65 -14.53 11.86
N LEU F 112 17.95 -13.61 10.93
CA LEU F 112 18.41 -12.29 11.33
C LEU F 112 17.27 -11.43 11.83
N GLY F 113 16.04 -11.83 11.58
CA GLY F 113 14.88 -11.19 12.16
C GLY F 113 14.28 -10.21 11.19
N VAL F 114 13.28 -10.67 10.43
CA VAL F 114 12.70 -9.89 9.35
C VAL F 114 11.39 -10.58 8.98
N ARG F 115 10.45 -9.82 8.42
CA ARG F 115 9.14 -10.38 8.14
C ARG F 115 8.97 -10.69 6.66
N SER F 116 9.69 -9.96 5.80
CA SER F 116 9.65 -10.18 4.37
C SER F 116 11.05 -10.05 3.82
N TYR F 117 11.22 -10.48 2.57
CA TYR F 117 12.50 -10.37 1.90
C TYR F 117 12.58 -9.13 1.02
N THR F 118 11.50 -8.38 0.92
CA THR F 118 11.43 -7.13 0.17
C THR F 118 10.94 -6.03 1.08
N GLU F 119 11.72 -4.97 1.19
CA GLU F 119 11.29 -3.75 1.86
C GLU F 119 10.52 -2.86 0.88
N VAL F 120 9.74 -1.95 1.45
CA VAL F 120 9.02 -0.95 0.67
C VAL F 120 9.57 0.41 1.06
N LYS F 121 10.33 1.00 0.16
CA LYS F 121 10.96 2.29 0.39
C LYS F 121 10.01 3.38 -0.07
N PHE F 122 9.68 4.32 0.82
CA PHE F 122 8.81 5.41 0.41
C PHE F 122 9.69 6.54 -0.07
N GLU F 123 9.16 7.32 -1.00
CA GLU F 123 10.03 8.20 -1.76
C GLU F 123 9.13 9.29 -2.30
N ASN F 124 9.69 10.42 -2.72
CA ASN F 124 8.83 11.40 -3.39
C ASN F 124 9.59 12.24 -4.39
N THR F 125 8.84 13.13 -5.03
CA THR F 125 9.30 14.01 -6.09
C THR F 125 8.77 15.39 -5.81
N ILE F 126 9.65 16.37 -5.75
CA ILE F 126 9.29 17.71 -5.32
C ILE F 126 9.43 18.66 -6.49
N ASP F 127 8.35 19.37 -6.80
CA ASP F 127 8.34 20.33 -7.90
C ASP F 127 9.27 21.48 -7.60
N ARG F 128 9.88 22.04 -8.65
CA ARG F 128 10.87 23.09 -8.44
C ARG F 128 10.22 24.43 -8.12
N ILE F 129 9.02 24.68 -8.63
CA ILE F 129 8.36 25.96 -8.46
C ILE F 129 7.22 25.87 -7.46
N THR F 130 6.33 24.90 -7.64
CA THR F 130 5.19 24.71 -6.75
C THR F 130 5.64 24.17 -5.39
N ALA F 131 6.76 23.45 -5.36
CA ALA F 131 7.35 22.83 -4.16
C ALA F 131 6.38 21.87 -3.49
N GLU F 132 5.66 21.09 -4.30
CA GLU F 132 4.68 20.14 -3.81
C GLU F 132 5.16 18.73 -4.10
N ALA F 133 5.03 17.85 -3.11
CA ALA F 133 5.60 16.53 -3.20
C ALA F 133 4.74 15.60 -4.05
N ASN F 134 5.27 14.41 -4.33
CA ASN F 134 4.62 13.43 -5.19
C ASN F 134 5.10 12.07 -4.75
N PRO F 135 4.41 11.43 -3.83
CA PRO F 135 4.98 10.26 -3.17
C PRO F 135 4.99 9.01 -4.04
N ARG F 136 5.69 8.01 -3.53
CA ARG F 136 6.02 6.77 -4.22
C ARG F 136 6.26 5.68 -3.20
N GLN F 137 5.94 4.46 -3.57
CA GLN F 137 6.39 3.29 -2.82
C GLN F 137 7.10 2.39 -3.79
N ILE F 138 8.41 2.21 -3.59
CA ILE F 138 9.26 1.41 -4.45
C ILE F 138 9.62 0.15 -3.68
N GLU F 139 9.32 -1.01 -4.23
CA GLU F 139 9.62 -2.25 -3.53
C GLU F 139 11.05 -2.67 -3.85
N ARG F 140 11.94 -2.59 -2.87
CA ARG F 140 13.31 -3.02 -3.04
C ARG F 140 13.50 -4.37 -2.37
N ALA F 141 14.43 -5.15 -2.88
CA ALA F 141 14.91 -6.28 -2.10
C ALA F 141 15.75 -5.75 -0.96
N ILE F 142 15.81 -6.50 0.13
CA ILE F 142 16.46 -5.97 1.33
C ILE F 142 17.97 -6.09 1.19
N ARG F 143 18.71 -5.45 2.08
CA ARG F 143 20.15 -5.53 2.07
C ARG F 143 20.57 -6.93 2.51
N ASN F 144 21.79 -7.32 2.13
CA ASN F 144 22.47 -8.61 2.23
C ASN F 144 21.58 -9.83 2.02
N SER F 145 20.68 -9.74 1.05
CA SER F 145 20.16 -10.94 0.43
C SER F 145 21.26 -11.50 -0.45
N THR F 146 21.52 -12.80 -0.35
CA THR F 146 22.54 -13.42 -1.18
C THR F 146 21.88 -14.35 -2.18
N PHE F 147 22.20 -14.17 -3.45
CA PHE F 147 21.53 -14.88 -4.52
C PHE F 147 22.51 -15.84 -5.18
N ASP F 148 21.96 -16.92 -5.75
CA ASP F 148 22.78 -17.85 -6.51
C ASP F 148 23.28 -17.21 -7.79
N PHE F 149 24.33 -17.81 -8.36
CA PHE F 149 24.90 -17.27 -9.58
C PHE F 149 25.72 -18.37 -10.22
N GLU F 150 25.47 -18.65 -11.49
CA GLU F 150 26.44 -19.38 -12.27
C GLU F 150 26.37 -18.90 -13.71
N LEU F 151 27.49 -19.07 -14.40
CA LEU F 151 27.72 -18.44 -15.68
C LEU F 151 28.56 -19.42 -16.51
N ILE F 152 27.89 -20.23 -17.32
CA ILE F 152 28.55 -21.24 -18.13
C ILE F 152 29.37 -20.59 -19.22
N TYR F 153 30.68 -20.84 -19.23
CA TYR F 153 31.53 -20.51 -20.36
C TYR F 153 31.90 -21.82 -21.05
N GLU F 154 31.63 -21.90 -22.34
CA GLU F 154 31.82 -23.12 -23.11
C GLU F 154 33.16 -23.03 -23.84
N ILE F 155 34.12 -23.86 -23.43
CA ILE F 155 35.39 -23.96 -24.14
C ILE F 155 35.16 -24.98 -25.24
N THR F 156 34.75 -24.48 -26.41
CA THR F 156 34.51 -25.33 -27.55
C THR F 156 35.82 -25.61 -28.27
N ASP F 157 35.72 -26.19 -29.46
CA ASP F 157 36.91 -26.69 -30.14
C ASP F 157 37.74 -25.55 -30.73
N GLU F 158 37.07 -24.53 -31.29
CA GLU F 158 37.78 -23.56 -32.11
C GLU F 158 38.55 -22.55 -31.26
N ASN F 159 38.00 -22.16 -30.12
CA ASN F 159 38.45 -21.01 -29.37
C ASN F 159 39.55 -21.32 -28.36
N GLU F 160 40.37 -22.34 -28.61
CA GLU F 160 41.20 -22.90 -27.55
C GLU F 160 42.35 -21.96 -27.18
N ASN F 161 42.87 -21.20 -28.16
CA ASN F 161 43.99 -20.32 -27.87
C ASN F 161 43.55 -19.05 -27.15
N GLN F 162 42.26 -18.74 -27.20
CA GLN F 162 41.73 -17.48 -26.69
C GLN F 162 40.81 -17.65 -25.49
N VAL F 163 41.02 -18.68 -24.66
CA VAL F 163 40.15 -18.86 -23.50
C VAL F 163 40.54 -17.88 -22.41
N GLU F 164 41.83 -17.66 -22.23
CA GLU F 164 42.29 -16.85 -21.11
C GLU F 164 42.09 -15.36 -21.36
N GLU F 165 42.04 -14.95 -22.62
CA GLU F 165 41.66 -13.57 -22.90
C GLU F 165 40.16 -13.40 -22.98
N ASP F 166 39.40 -14.47 -22.74
CA ASP F 166 37.98 -14.40 -22.42
C ASP F 166 37.72 -14.71 -20.96
N PHE F 167 38.77 -14.84 -20.16
CA PHE F 167 38.64 -14.92 -18.71
C PHE F 167 39.04 -13.62 -18.03
N LYS F 168 39.92 -12.85 -18.65
CA LYS F 168 40.23 -11.50 -18.19
C LYS F 168 39.18 -10.50 -18.62
N VAL F 169 38.09 -10.95 -19.24
CA VAL F 169 36.97 -10.11 -19.60
C VAL F 169 35.72 -10.47 -18.82
N ILE F 170 35.50 -11.76 -18.59
CA ILE F 170 34.45 -12.20 -17.68
C ILE F 170 34.73 -11.69 -16.27
N ARG F 171 35.97 -11.83 -15.81
CA ARG F 171 36.31 -11.37 -14.47
C ARG F 171 36.31 -9.87 -14.37
N ASP F 172 36.78 -9.18 -15.41
CA ASP F 172 36.77 -7.72 -15.42
C ASP F 172 35.37 -7.16 -15.54
N GLY F 173 34.40 -7.96 -15.99
CA GLY F 173 33.02 -7.54 -16.00
C GLY F 173 32.29 -7.76 -14.71
N LEU F 174 32.97 -8.29 -13.69
CA LEU F 174 32.39 -8.48 -12.37
C LEU F 174 32.84 -7.42 -11.39
N LYS F 175 34.09 -6.95 -11.51
CA LYS F 175 34.51 -5.76 -10.80
C LYS F 175 33.68 -4.55 -11.17
N LEU F 176 33.26 -4.46 -12.43
CA LEU F 176 32.40 -3.37 -12.87
C LEU F 176 31.02 -3.44 -12.25
N LEU F 177 30.41 -4.63 -12.16
CA LEU F 177 29.15 -4.77 -11.44
C LEU F 177 29.30 -4.50 -9.96
N GLU F 178 30.48 -4.76 -9.39
CA GLU F 178 30.73 -4.29 -8.04
C GLU F 178 30.88 -2.79 -7.95
N LEU F 179 31.29 -2.13 -9.04
CA LEU F 179 31.51 -0.70 -9.04
C LEU F 179 30.46 0.08 -9.80
N ASP F 180 29.52 -0.59 -10.46
CA ASP F 180 28.34 0.06 -11.01
C ASP F 180 27.15 -0.55 -10.25
N TYR F 181 25.92 -0.29 -10.70
CA TYR F 181 24.85 -0.58 -9.76
C TYR F 181 24.17 -1.93 -9.93
N LEU F 182 23.97 -2.44 -11.15
CA LEU F 182 23.27 -3.71 -11.40
C LEU F 182 21.85 -3.69 -10.82
N GLY F 183 21.00 -2.96 -11.51
CA GLY F 183 19.59 -2.98 -11.19
C GLY F 183 18.89 -1.88 -11.92
N GLY F 184 17.77 -1.45 -11.36
CA GLY F 184 17.04 -0.32 -11.88
C GLY F 184 17.11 0.81 -10.88
N SER F 185 17.05 2.04 -11.39
CA SER F 185 17.03 3.28 -10.60
C SER F 185 18.21 3.38 -9.66
N GLY F 186 19.36 2.95 -10.14
CA GLY F 186 20.56 2.81 -9.35
C GLY F 186 21.41 4.04 -9.26
N SER F 187 21.00 5.15 -9.85
CA SER F 187 21.70 6.40 -9.63
C SER F 187 21.36 7.01 -8.28
N ARG F 188 20.40 6.44 -7.56
CA ARG F 188 19.89 6.92 -6.29
C ARG F 188 20.07 5.87 -5.20
N GLY F 189 21.23 5.23 -5.17
CA GLY F 189 21.38 4.07 -4.31
C GLY F 189 21.05 2.82 -5.09
N TYR F 190 20.38 1.89 -4.42
CA TYR F 190 19.70 0.73 -5.01
C TYR F 190 20.63 -0.18 -5.82
N GLY F 191 21.92 -0.15 -5.56
CA GLY F 191 22.82 -0.98 -6.32
C GLY F 191 23.79 -1.71 -5.42
N LYS F 192 25.09 -1.50 -5.68
CA LYS F 192 26.21 -1.91 -4.82
C LYS F 192 26.12 -3.41 -4.50
N VAL F 193 26.35 -4.16 -5.55
CA VAL F 193 26.18 -5.61 -5.53
C VAL F 193 27.57 -6.21 -5.64
N ALA F 194 28.01 -6.90 -4.61
CA ALA F 194 29.36 -7.43 -4.53
C ALA F 194 29.34 -8.94 -4.64
N PHE F 195 30.17 -9.46 -5.53
CA PHE F 195 30.29 -10.90 -5.74
C PHE F 195 31.25 -11.48 -4.72
N GLU F 196 30.99 -12.72 -4.31
CA GLU F 196 31.83 -13.36 -3.32
C GLU F 196 31.78 -14.87 -3.53
N ASN F 197 32.86 -15.53 -3.11
CA ASN F 197 33.14 -16.94 -3.39
C ASN F 197 33.10 -17.22 -4.88
N LEU F 198 33.77 -16.36 -5.65
CA LEU F 198 33.73 -16.40 -7.10
C LEU F 198 34.67 -17.50 -7.58
N LYS F 199 34.16 -18.72 -7.61
CA LYS F 199 34.97 -19.87 -8.00
C LYS F 199 34.55 -20.37 -9.37
N ALA F 200 35.49 -20.96 -10.09
CA ALA F 200 35.26 -21.45 -11.43
C ALA F 200 35.49 -22.94 -11.43
N THR F 201 34.42 -23.71 -11.39
CA THR F 201 34.55 -25.14 -11.48
C THR F 201 34.28 -25.60 -12.90
N THR F 202 34.57 -26.85 -13.18
CA THR F 202 34.27 -27.41 -14.49
C THR F 202 33.23 -28.51 -14.36
N VAL F 203 32.22 -28.44 -15.22
CA VAL F 203 31.15 -29.42 -15.28
C VAL F 203 30.96 -29.81 -16.75
N PHE F 204 30.92 -31.11 -17.00
CA PHE F 204 30.96 -31.69 -18.35
C PHE F 204 32.17 -31.17 -19.14
N GLY F 205 33.33 -31.66 -18.76
CA GLY F 205 34.49 -31.40 -19.58
C GLY F 205 35.73 -31.97 -18.95
N ASN F 206 36.82 -31.88 -19.69
CA ASN F 206 38.14 -32.24 -19.19
C ASN F 206 38.99 -30.99 -19.33
N TYR F 207 38.90 -30.12 -18.34
CA TYR F 207 39.61 -28.85 -18.35
C TYR F 207 40.09 -28.58 -16.93
N ASP F 208 41.32 -28.10 -16.80
CA ASP F 208 41.90 -27.88 -15.48
C ASP F 208 41.79 -26.40 -15.09
N VAL F 209 41.07 -26.15 -14.01
CA VAL F 209 40.77 -24.79 -13.58
C VAL F 209 41.60 -24.38 -12.36
N LYS F 210 42.73 -25.04 -12.13
CA LYS F 210 43.64 -24.63 -11.07
C LYS F 210 44.60 -23.55 -11.52
N THR F 211 44.47 -23.07 -12.76
CA THR F 211 45.23 -21.93 -13.25
C THR F 211 44.36 -20.69 -13.38
N LEU F 212 43.09 -20.79 -13.01
CA LEU F 212 42.12 -19.71 -13.10
C LEU F 212 41.62 -19.24 -11.75
N ASN F 213 41.40 -20.17 -10.81
CA ASN F 213 40.84 -19.85 -9.50
C ASN F 213 41.77 -19.00 -8.63
N GLU F 214 43.02 -18.82 -9.02
CA GLU F 214 43.90 -17.87 -8.38
C GLU F 214 43.84 -16.50 -9.04
N LEU F 215 43.51 -16.46 -10.33
CA LEU F 215 43.26 -15.19 -10.99
C LEU F 215 41.92 -14.58 -10.57
N LEU F 216 41.01 -15.39 -10.03
CA LEU F 216 39.72 -14.87 -9.59
C LEU F 216 39.82 -14.31 -8.18
N THR F 217 40.41 -15.06 -7.26
CA THR F 217 40.56 -14.59 -5.89
C THR F 217 41.94 -13.96 -5.70
N THR G 2 12.47 -46.07 -26.68
CA THR G 2 11.76 -47.19 -26.07
C THR G 2 12.27 -47.40 -24.65
N TYR G 3 13.58 -47.23 -24.48
CA TYR G 3 14.26 -47.40 -23.20
C TYR G 3 14.16 -46.15 -22.34
N LYS G 4 15.06 -46.06 -21.35
CA LYS G 4 14.89 -45.28 -20.14
C LYS G 4 14.63 -43.81 -20.39
N LEU G 5 13.84 -43.20 -19.49
CA LEU G 5 13.28 -41.88 -19.71
C LEU G 5 13.97 -40.84 -18.84
N TYR G 6 14.12 -39.63 -19.39
CA TYR G 6 15.15 -38.71 -18.93
C TYR G 6 14.52 -37.50 -18.26
N ILE G 7 14.19 -37.64 -16.97
CA ILE G 7 13.58 -36.56 -16.19
C ILE G 7 14.50 -35.35 -16.18
N MET G 8 13.95 -34.17 -16.44
CA MET G 8 14.75 -32.97 -16.57
C MET G 8 14.04 -31.82 -15.87
N THR G 9 14.61 -31.36 -14.76
CA THR G 9 13.93 -30.40 -13.89
C THR G 9 14.35 -28.98 -14.29
N PHE G 10 13.42 -28.24 -14.90
CA PHE G 10 13.85 -27.00 -15.55
C PHE G 10 13.89 -25.82 -14.60
N GLN G 11 12.76 -25.55 -13.93
CA GLN G 11 12.47 -24.44 -13.03
C GLN G 11 12.39 -23.08 -13.73
N ASN G 12 12.69 -23.02 -15.05
CA ASN G 12 12.60 -21.81 -15.85
C ASN G 12 12.77 -22.15 -17.33
N ALA G 13 11.85 -21.72 -18.20
CA ALA G 13 11.93 -22.09 -19.60
C ALA G 13 11.21 -21.08 -20.47
N HIS G 14 11.45 -21.17 -21.77
CA HIS G 14 10.62 -20.53 -22.78
C HIS G 14 10.43 -21.50 -23.94
N PHE G 15 9.19 -21.75 -24.32
CA PHE G 15 8.87 -22.83 -25.23
C PHE G 15 8.02 -22.37 -26.41
N GLY G 16 8.41 -21.28 -27.04
CA GLY G 16 8.02 -21.08 -28.43
C GLY G 16 6.62 -20.61 -28.73
N SER G 17 5.77 -21.54 -29.19
CA SER G 17 4.40 -21.29 -29.67
C SER G 17 4.36 -20.34 -30.86
N GLY G 18 5.45 -20.24 -31.61
CA GLY G 18 5.47 -19.45 -32.81
C GLY G 18 5.83 -17.98 -32.63
N THR G 19 5.92 -17.49 -31.40
CA THR G 19 6.28 -16.10 -31.14
C THR G 19 7.24 -16.07 -29.96
N LEU G 20 7.44 -14.86 -29.42
CA LEU G 20 8.22 -14.65 -28.21
C LEU G 20 7.36 -14.19 -27.05
N ASP G 21 6.14 -13.74 -27.32
CA ASP G 21 5.16 -13.36 -26.31
C ASP G 21 4.44 -14.56 -25.72
N SER G 22 4.73 -15.75 -26.21
CA SER G 22 3.96 -16.95 -25.90
C SER G 22 4.91 -18.09 -25.55
N SER G 23 4.37 -19.10 -24.90
CA SER G 23 5.19 -20.21 -24.42
C SER G 23 4.35 -21.44 -24.19
N LYS G 24 4.81 -22.58 -24.70
CA LYS G 24 4.17 -23.86 -24.45
C LYS G 24 4.51 -24.35 -23.05
N LEU G 25 3.95 -25.49 -22.68
CA LEU G 25 4.35 -26.20 -21.49
C LEU G 25 5.43 -27.24 -21.78
N THR G 26 5.31 -27.95 -22.89
CA THR G 26 6.24 -29.00 -23.28
C THR G 26 6.88 -28.63 -24.62
N PHE G 27 7.97 -29.30 -24.98
CA PHE G 27 8.83 -28.71 -26.00
C PHE G 27 9.01 -29.51 -27.28
N SER G 28 8.10 -30.42 -27.66
CA SER G 28 7.96 -30.79 -29.08
C SER G 28 9.18 -31.40 -29.78
N ALA G 29 9.43 -32.69 -29.62
CA ALA G 29 10.71 -33.37 -29.78
C ALA G 29 11.57 -33.09 -31.01
N ASP G 30 11.07 -32.38 -32.03
CA ASP G 30 12.05 -31.90 -33.00
C ASP G 30 12.89 -30.75 -32.46
N ARG G 31 12.42 -30.08 -31.41
CA ARG G 31 13.28 -29.13 -30.70
C ARG G 31 14.39 -29.83 -29.94
N ILE G 32 14.10 -30.92 -29.23
CA ILE G 32 15.16 -31.62 -28.52
C ILE G 32 16.11 -32.30 -29.49
N PHE G 33 15.64 -32.66 -30.68
CA PHE G 33 16.54 -33.24 -31.67
C PHE G 33 17.43 -32.16 -32.27
N SER G 34 16.88 -30.99 -32.54
CA SER G 34 17.69 -29.88 -32.99
C SER G 34 18.67 -29.41 -31.91
N ALA G 35 18.31 -29.57 -30.65
CA ALA G 35 19.24 -29.27 -29.56
C ALA G 35 20.38 -30.28 -29.52
N LEU G 36 20.07 -31.56 -29.72
CA LEU G 36 21.11 -32.57 -29.74
C LEU G 36 22.03 -32.41 -30.95
N VAL G 37 21.48 -31.97 -32.08
CA VAL G 37 22.31 -31.74 -33.26
C VAL G 37 23.17 -30.50 -33.08
N LEU G 38 22.61 -29.43 -32.55
CA LEU G 38 23.39 -28.24 -32.28
C LEU G 38 24.35 -28.39 -31.11
N GLU G 39 24.19 -29.42 -30.30
CA GLU G 39 25.15 -29.75 -29.27
C GLU G 39 26.25 -30.66 -29.78
N ALA G 40 25.92 -31.62 -30.63
CA ALA G 40 26.88 -32.50 -31.25
C ALA G 40 27.65 -31.84 -32.38
N LEU G 41 27.20 -30.68 -32.85
CA LEU G 41 28.00 -29.92 -33.81
C LEU G 41 29.17 -29.25 -33.10
N LYS G 42 28.94 -28.79 -31.86
CA LYS G 42 30.00 -28.18 -31.08
C LYS G 42 31.06 -29.19 -30.68
N MET G 43 30.67 -30.44 -30.45
CA MET G 43 31.59 -31.47 -30.05
C MET G 43 32.34 -32.09 -31.22
N GLY G 44 31.90 -31.84 -32.44
CA GLY G 44 32.41 -32.60 -33.56
C GLY G 44 31.91 -34.03 -33.54
N LYS G 45 30.70 -34.26 -33.05
CA LYS G 45 30.14 -35.58 -32.90
C LYS G 45 28.93 -35.77 -33.81
N LEU G 46 28.76 -34.87 -34.78
CA LEU G 46 27.53 -34.81 -35.58
C LEU G 46 27.41 -36.00 -36.53
N ASP G 47 28.53 -36.50 -37.04
CA ASP G 47 28.49 -37.57 -38.03
C ASP G 47 28.01 -38.88 -37.42
N ALA G 48 28.61 -39.27 -36.29
CA ALA G 48 28.17 -40.46 -35.58
C ALA G 48 26.78 -40.29 -35.00
N PHE G 49 26.41 -39.06 -34.64
CA PHE G 49 25.06 -38.84 -34.11
C PHE G 49 24.01 -38.96 -35.19
N LEU G 50 24.26 -38.44 -36.40
CA LEU G 50 23.29 -38.64 -37.48
C LEU G 50 23.26 -40.09 -37.95
N ALA G 51 24.41 -40.78 -37.87
CA ALA G 51 24.42 -42.22 -38.15
C ALA G 51 23.57 -42.99 -37.15
N GLU G 52 23.63 -42.59 -35.89
CA GLU G 52 22.74 -43.16 -34.88
C GLU G 52 21.30 -42.70 -35.10
N ALA G 53 21.12 -41.49 -35.62
CA ALA G 53 19.82 -40.85 -35.74
C ALA G 53 19.07 -41.24 -37.00
N ASN G 54 19.67 -42.01 -37.89
CA ASN G 54 18.94 -42.55 -39.03
C ASN G 54 18.82 -44.06 -38.94
N GLN G 55 18.57 -44.56 -37.73
CA GLN G 55 18.38 -45.98 -37.49
C GLN G 55 17.04 -46.24 -36.82
N ASP G 56 16.59 -47.48 -36.89
CA ASP G 56 15.41 -47.97 -36.17
C ASP G 56 15.71 -48.22 -34.70
N LYS G 57 16.97 -48.05 -34.28
CA LYS G 57 17.37 -48.38 -32.92
C LYS G 57 16.79 -47.39 -31.92
N PHE G 58 16.88 -46.10 -32.20
CA PHE G 58 16.60 -45.08 -31.21
C PHE G 58 15.20 -44.52 -31.43
N THR G 59 14.72 -43.80 -30.43
CA THR G 59 13.54 -42.96 -30.56
C THR G 59 13.81 -41.63 -29.88
N LEU G 60 12.87 -40.71 -30.07
CA LEU G 60 12.67 -39.57 -29.19
C LEU G 60 11.18 -39.41 -28.95
N THR G 61 10.87 -38.59 -27.96
CA THR G 61 9.51 -38.40 -27.50
C THR G 61 9.47 -37.05 -26.80
N ASP G 62 8.49 -36.23 -27.17
CA ASP G 62 8.43 -34.88 -26.65
C ASP G 62 8.09 -34.88 -25.16
N ALA G 63 8.27 -33.73 -24.55
CA ALA G 63 8.19 -33.62 -23.11
C ALA G 63 6.77 -33.80 -22.63
N PHE G 64 6.63 -34.24 -21.39
CA PHE G 64 5.36 -34.29 -20.68
C PHE G 64 5.65 -33.95 -19.23
N PRO G 65 4.70 -33.40 -18.50
CA PRO G 65 4.93 -33.10 -17.09
C PRO G 65 5.18 -34.36 -16.27
N PHE G 66 5.97 -34.21 -15.23
CA PHE G 66 6.41 -35.34 -14.41
C PHE G 66 6.24 -34.92 -12.95
N GLN G 67 5.08 -35.23 -12.38
CA GLN G 67 4.86 -35.10 -10.95
C GLN G 67 4.85 -36.50 -10.37
N PHE G 68 6.02 -36.93 -9.88
CA PHE G 68 6.20 -38.20 -9.15
C PHE G 68 5.79 -39.41 -9.98
N GLY G 69 5.90 -39.29 -11.30
CA GLY G 69 5.36 -40.26 -12.21
C GLY G 69 5.11 -39.65 -13.57
N PRO G 70 5.28 -40.46 -14.62
CA PRO G 70 5.18 -39.94 -15.98
C PRO G 70 3.75 -39.64 -16.38
N PHE G 71 3.59 -38.59 -17.19
CA PHE G 71 2.27 -38.22 -17.70
C PHE G 71 2.23 -38.43 -19.21
N LEU G 72 1.03 -38.51 -19.74
CA LEU G 72 0.71 -38.81 -21.13
C LEU G 72 -0.14 -37.68 -21.69
N PRO G 73 -0.21 -37.51 -23.01
CA PRO G 73 -1.11 -36.51 -23.57
C PRO G 73 -2.57 -36.90 -23.39
N LYS G 74 -3.43 -35.94 -23.63
CA LYS G 74 -4.84 -36.26 -23.72
C LYS G 74 -5.05 -36.97 -25.05
N PRO G 75 -5.63 -38.19 -25.06
CA PRO G 75 -5.90 -38.86 -26.33
C PRO G 75 -6.92 -38.09 -27.13
N ILE G 76 -6.48 -37.54 -28.26
CA ILE G 76 -7.33 -36.62 -29.01
C ILE G 76 -8.44 -37.39 -29.68
N GLY G 77 -9.67 -36.96 -29.44
CA GLY G 77 -10.84 -37.66 -29.93
C GLY G 77 -11.45 -38.61 -28.93
N TYR G 78 -10.80 -38.83 -27.79
CA TYR G 78 -11.28 -39.71 -26.76
C TYR G 78 -11.57 -38.91 -25.50
N PRO G 79 -12.58 -39.28 -24.69
CA PRO G 79 -13.50 -40.40 -24.86
C PRO G 79 -14.64 -40.11 -25.83
N LYS G 80 -14.90 -41.07 -26.72
CA LYS G 80 -16.06 -40.98 -27.58
C LYS G 80 -17.32 -41.14 -26.74
N HIS G 81 -18.43 -40.56 -27.21
CA HIS G 81 -19.63 -40.57 -26.40
C HIS G 81 -20.25 -41.96 -26.38
N ASP G 82 -20.99 -42.24 -25.32
CA ASP G 82 -21.48 -43.57 -25.05
C ASP G 82 -22.66 -43.52 -24.06
N GLN G 86 -24.25 -40.35 -22.03
CA GLN G 86 -24.74 -39.62 -20.86
C GLN G 86 -25.09 -38.19 -21.25
N SER G 87 -26.11 -38.03 -22.08
CA SER G 87 -26.46 -36.75 -22.68
C SER G 87 -27.57 -36.05 -21.88
N VAL G 88 -27.26 -35.69 -20.64
CA VAL G 88 -28.21 -35.04 -19.75
C VAL G 88 -27.54 -33.87 -19.03
N ASP G 89 -28.38 -33.00 -18.46
CA ASP G 89 -27.98 -31.89 -17.59
C ASP G 89 -27.03 -30.92 -18.31
N VAL G 90 -27.63 -30.19 -19.26
CA VAL G 90 -26.90 -29.31 -20.17
C VAL G 90 -26.13 -28.21 -19.44
N LYS G 91 -26.64 -27.76 -18.29
CA LYS G 91 -26.09 -26.61 -17.57
C LYS G 91 -24.66 -26.85 -17.09
N GLU G 92 -24.36 -28.08 -16.68
CA GLU G 92 -23.03 -28.40 -16.20
C GLU G 92 -22.16 -29.10 -17.23
N VAL G 93 -22.75 -29.87 -18.14
CA VAL G 93 -21.93 -30.50 -19.16
C VAL G 93 -21.51 -29.51 -20.24
N ARG G 94 -22.19 -28.36 -20.33
CA ARG G 94 -21.74 -27.29 -21.20
C ARG G 94 -20.68 -26.45 -20.51
N ARG G 95 -20.70 -26.41 -19.17
CA ARG G 95 -19.68 -25.70 -18.42
C ARG G 95 -18.41 -26.51 -18.31
N GLN G 96 -18.54 -27.84 -18.30
CA GLN G 96 -17.38 -28.71 -18.14
C GLN G 96 -16.50 -28.74 -19.38
N ALA G 97 -17.09 -28.58 -20.57
CA ALA G 97 -16.31 -28.61 -21.80
C ALA G 97 -15.44 -27.37 -21.98
N LYS G 98 -15.69 -26.30 -21.22
CA LYS G 98 -14.74 -25.21 -21.17
C LYS G 98 -13.55 -25.56 -20.29
N LEU G 99 -13.76 -26.39 -19.28
CA LEU G 99 -12.68 -26.82 -18.38
C LEU G 99 -11.99 -28.08 -18.87
N SER G 100 -12.73 -29.02 -19.45
CA SER G 100 -12.12 -30.24 -19.95
C SER G 100 -11.38 -30.04 -21.27
N LYS G 101 -11.42 -28.83 -21.83
CA LYS G 101 -10.52 -28.48 -22.92
C LYS G 101 -9.12 -28.23 -22.41
N LYS G 102 -9.00 -27.52 -21.30
CA LYS G 102 -7.69 -27.15 -20.75
C LYS G 102 -7.26 -28.17 -19.68
N LEU G 103 -7.12 -29.41 -20.12
CA LEU G 103 -6.49 -30.45 -19.31
C LEU G 103 -5.19 -30.95 -19.92
N GLN G 104 -5.26 -31.52 -21.11
CA GLN G 104 -4.20 -31.88 -22.05
C GLN G 104 -3.08 -32.79 -21.53
N PHE G 105 -3.11 -33.21 -20.25
CA PHE G 105 -2.12 -34.13 -19.72
C PHE G 105 -2.73 -34.99 -18.63
N LEU G 106 -2.45 -36.28 -18.69
CA LEU G 106 -3.05 -37.28 -17.82
C LEU G 106 -1.96 -38.11 -17.17
N ALA G 107 -2.21 -38.57 -15.94
CA ALA G 107 -1.25 -39.49 -15.33
C ALA G 107 -1.43 -40.89 -15.92
N LEU G 108 -0.41 -41.74 -15.72
CA LEU G 108 -0.57 -43.13 -16.14
C LEU G 108 -1.48 -43.93 -15.23
N GLU G 109 -1.69 -43.48 -13.99
CA GLU G 109 -2.54 -44.21 -13.06
C GLU G 109 -4.00 -44.16 -13.46
N ASN G 110 -4.37 -43.28 -14.38
CA ASN G 110 -5.77 -43.11 -14.74
C ASN G 110 -5.99 -42.86 -16.22
N VAL G 111 -4.99 -43.12 -17.07
CA VAL G 111 -5.12 -42.86 -18.50
C VAL G 111 -6.11 -43.82 -19.15
N ASP G 112 -6.36 -44.98 -18.55
CA ASP G 112 -7.41 -45.86 -19.01
C ASP G 112 -8.73 -45.61 -18.29
N ASP G 113 -8.72 -44.83 -17.22
CA ASP G 113 -9.95 -44.27 -16.70
C ASP G 113 -10.42 -43.09 -17.53
N TYR G 114 -9.54 -42.53 -18.37
CA TYR G 114 -9.94 -41.44 -19.23
C TYR G 114 -10.68 -41.93 -20.46
N LEU G 115 -10.23 -43.04 -21.05
CA LEU G 115 -10.90 -43.60 -22.22
C LEU G 115 -12.27 -44.17 -21.89
N ASN G 116 -12.57 -44.42 -20.62
CA ASN G 116 -13.89 -44.81 -20.18
C ASN G 116 -14.72 -43.64 -19.72
N GLY G 117 -14.12 -42.46 -19.58
CA GLY G 117 -14.84 -41.26 -19.21
C GLY G 117 -14.66 -40.87 -17.77
N GLU G 118 -13.80 -39.90 -17.49
CA GLU G 118 -13.64 -39.39 -16.14
C GLU G 118 -13.36 -37.90 -16.25
N LEU G 119 -13.66 -37.17 -15.18
CA LEU G 119 -13.73 -35.71 -15.28
C LEU G 119 -12.35 -35.07 -15.26
N PHE G 120 -11.49 -35.47 -14.32
CA PHE G 120 -10.06 -35.15 -14.29
C PHE G 120 -9.78 -33.65 -14.24
N GLU G 121 -10.11 -33.08 -13.08
CA GLU G 121 -9.73 -31.71 -12.75
C GLU G 121 -8.24 -31.50 -12.98
N ASN G 122 -7.93 -30.46 -13.75
CA ASN G 122 -6.56 -30.20 -14.16
C ASN G 122 -5.75 -29.71 -12.98
N GLU G 123 -4.71 -30.45 -12.64
CA GLU G 123 -3.74 -30.03 -11.65
C GLU G 123 -2.99 -28.81 -12.16
N GLU G 124 -2.43 -28.05 -11.23
CA GLU G 124 -1.73 -26.82 -11.58
C GLU G 124 -0.25 -27.01 -11.34
N HIS G 125 0.47 -27.30 -12.42
CA HIS G 125 1.91 -27.13 -12.47
C HIS G 125 2.25 -26.12 -13.54
N ALA G 126 3.31 -25.36 -13.29
CA ALA G 126 3.99 -24.52 -14.28
C ALA G 126 3.07 -23.43 -14.86
N VAL G 127 2.82 -22.42 -14.02
CA VAL G 127 2.20 -21.19 -14.50
C VAL G 127 3.04 -20.56 -15.60
N ILE G 128 2.41 -20.28 -16.74
CA ILE G 128 3.08 -19.68 -17.88
C ILE G 128 2.93 -18.17 -17.73
N ASP G 129 3.96 -17.53 -17.21
CA ASP G 129 3.88 -16.13 -16.83
C ASP G 129 4.24 -15.27 -18.04
N THR G 130 4.41 -13.97 -17.84
CA THR G 130 4.95 -13.08 -18.86
C THR G 130 5.58 -11.88 -18.17
N VAL G 131 6.64 -11.36 -18.77
CA VAL G 131 7.35 -10.19 -18.26
C VAL G 131 7.75 -9.30 -19.42
N THR G 132 7.56 -8.00 -19.24
CA THR G 132 8.06 -7.05 -20.21
C THR G 132 9.53 -6.74 -19.91
N LYS G 133 10.31 -6.63 -20.96
CA LYS G 133 11.74 -6.43 -20.89
C LYS G 133 12.07 -5.22 -21.74
N ASN G 134 13.34 -4.82 -21.76
CA ASN G 134 13.69 -3.67 -22.57
C ASN G 134 15.12 -3.75 -23.06
N GLN G 135 15.50 -2.73 -23.82
CA GLN G 135 16.88 -2.41 -24.14
C GLN G 135 17.00 -0.92 -23.93
N PRO G 136 17.70 -0.46 -22.89
CA PRO G 136 17.66 0.96 -22.54
C PRO G 136 18.26 1.86 -23.60
N HIS G 137 17.66 3.05 -23.71
CA HIS G 137 18.10 4.19 -24.50
C HIS G 137 18.00 3.93 -26.00
N LYS G 138 17.20 2.96 -26.44
CA LYS G 138 17.11 2.60 -27.85
C LYS G 138 15.71 2.91 -28.38
N ASP G 139 15.49 2.56 -29.65
CA ASP G 139 14.35 3.12 -30.37
C ASP G 139 13.05 2.40 -30.05
N ASP G 140 12.89 1.16 -30.49
CA ASP G 140 11.74 0.35 -30.08
C ASP G 140 12.26 -0.80 -29.25
N ASN G 141 11.95 -0.77 -27.97
CA ASN G 141 12.66 -1.59 -27.02
C ASN G 141 11.73 -2.15 -25.97
N LEU G 142 10.57 -2.65 -26.36
CA LEU G 142 9.71 -3.30 -25.38
C LEU G 142 9.22 -4.60 -25.98
N TYR G 143 10.01 -5.64 -25.80
CA TYR G 143 9.59 -6.99 -26.08
C TYR G 143 9.13 -7.63 -24.79
N GLN G 144 8.43 -8.74 -24.92
CA GLN G 144 7.74 -9.34 -23.79
C GLN G 144 7.95 -10.84 -23.88
N VAL G 145 8.61 -11.41 -22.90
CA VAL G 145 9.00 -12.81 -22.93
C VAL G 145 8.05 -13.57 -22.02
N ALA G 146 7.47 -14.65 -22.53
CA ALA G 146 6.55 -15.45 -21.75
C ALA G 146 7.32 -16.56 -21.05
N THR G 147 7.53 -16.40 -19.75
CA THR G 147 8.24 -17.38 -18.95
C THR G 147 7.35 -18.59 -18.71
N THR G 148 7.94 -19.79 -18.79
CA THR G 148 7.30 -20.99 -18.29
C THR G 148 8.00 -21.37 -16.99
N ARG G 149 7.30 -21.25 -15.89
CA ARG G 149 7.90 -21.30 -14.56
C ARG G 149 7.35 -22.52 -13.84
N PHE G 150 8.13 -23.61 -13.83
CA PHE G 150 7.67 -24.89 -13.32
C PHE G 150 7.53 -24.89 -11.80
N SER G 151 6.64 -25.74 -11.31
CA SER G 151 6.15 -25.65 -9.93
C SER G 151 6.97 -26.49 -8.95
N ASN G 152 8.30 -26.37 -9.02
CA ASN G 152 9.27 -26.92 -8.07
C ASN G 152 9.28 -28.45 -7.92
N ASP G 153 8.43 -29.16 -8.65
CA ASP G 153 8.45 -30.61 -8.59
C ASP G 153 8.19 -31.27 -9.94
N THR G 154 8.02 -30.50 -11.00
CA THR G 154 7.58 -30.99 -12.29
C THR G 154 8.75 -30.97 -13.27
N SER G 155 8.93 -32.08 -13.99
CA SER G 155 10.02 -32.20 -14.93
C SER G 155 9.48 -32.67 -16.27
N LEU G 156 10.35 -33.03 -17.23
CA LEU G 156 9.79 -33.08 -18.57
C LEU G 156 9.98 -34.39 -19.33
N TYR G 157 11.11 -35.08 -19.16
CA TYR G 157 11.30 -36.48 -19.55
C TYR G 157 11.07 -36.82 -21.04
N VAL G 158 12.05 -36.54 -21.89
CA VAL G 158 12.05 -37.23 -23.17
C VAL G 158 12.26 -38.74 -22.93
N ILE G 159 11.75 -39.55 -23.85
CA ILE G 159 11.90 -41.01 -23.79
C ILE G 159 12.74 -41.43 -24.98
N ALA G 160 13.87 -42.09 -24.73
CA ALA G 160 14.81 -42.37 -25.80
C ALA G 160 15.50 -43.69 -25.53
N ASN G 161 16.32 -44.12 -26.49
CA ASN G 161 17.22 -45.24 -26.32
C ASN G 161 18.45 -44.75 -25.58
N GLU G 162 18.75 -45.37 -24.45
CA GLU G 162 19.86 -44.94 -23.61
C GLU G 162 21.18 -45.36 -24.25
N SER G 163 21.84 -44.42 -24.91
CA SER G 163 23.15 -44.65 -25.50
C SER G 163 24.07 -43.52 -25.10
N ASP G 164 25.32 -43.86 -24.78
CA ASP G 164 26.27 -42.90 -24.23
C ASP G 164 26.64 -41.82 -25.25
N LEU G 165 26.57 -42.14 -26.54
CA LEU G 165 26.74 -41.14 -27.60
C LEU G 165 25.68 -40.06 -27.50
N LEU G 166 24.49 -40.43 -27.04
CA LEU G 166 23.42 -39.50 -26.73
C LEU G 166 23.43 -39.04 -25.28
N ASN G 167 23.91 -39.85 -24.35
CA ASN G 167 23.89 -39.44 -22.95
C ASN G 167 24.92 -38.35 -22.65
N GLU G 168 26.03 -38.30 -23.39
CA GLU G 168 26.92 -37.15 -23.27
C GLU G 168 26.25 -35.86 -23.74
N LEU G 169 25.51 -35.94 -24.84
CA LEU G 169 24.78 -34.79 -25.36
C LEU G 169 23.69 -34.33 -24.39
N MET G 170 23.02 -35.28 -23.77
CA MET G 170 21.99 -34.95 -22.79
C MET G 170 22.58 -34.40 -21.50
N SER G 171 23.78 -34.86 -21.11
CA SER G 171 24.44 -34.31 -19.94
C SER G 171 25.03 -32.93 -20.19
N SER G 172 25.36 -32.61 -21.44
CA SER G 172 25.77 -31.27 -21.80
C SER G 172 24.61 -30.32 -22.01
N LEU G 173 23.43 -30.82 -22.40
CA LEU G 173 22.26 -29.97 -22.43
C LEU G 173 21.78 -29.54 -21.06
N GLN G 174 22.28 -30.17 -19.98
CA GLN G 174 22.11 -29.62 -18.64
C GLN G 174 22.63 -28.20 -18.57
N TYR G 175 23.74 -27.92 -19.22
CA TYR G 175 24.42 -26.67 -19.03
C TYR G 175 24.35 -25.75 -20.24
N SER G 176 23.96 -26.26 -21.40
CA SER G 176 23.77 -25.37 -22.54
C SER G 176 22.36 -24.79 -22.61
N GLY G 177 21.41 -25.37 -21.92
CA GLY G 177 20.05 -24.88 -21.94
C GLY G 177 19.21 -25.57 -23.01
N LEU G 178 17.90 -25.43 -22.87
CA LEU G 178 16.96 -26.06 -23.78
C LEU G 178 15.68 -25.23 -23.76
N GLY G 179 15.53 -24.34 -24.74
CA GLY G 179 14.35 -23.51 -24.77
C GLY G 179 14.60 -22.25 -25.60
N GLY G 180 13.80 -21.24 -25.32
CA GLY G 180 13.78 -20.05 -26.13
C GLY G 180 14.97 -19.14 -25.98
N LYS G 181 15.08 -18.40 -24.89
CA LYS G 181 16.23 -17.53 -24.67
C LYS G 181 17.17 -18.22 -23.70
N ARG G 182 17.99 -19.11 -24.25
CA ARG G 182 18.88 -19.91 -23.42
C ARG G 182 19.99 -19.07 -22.84
N SER G 183 20.45 -18.07 -23.59
CA SER G 183 21.57 -17.27 -23.13
C SER G 183 21.21 -16.32 -22.01
N SER G 184 19.93 -15.96 -21.89
CA SER G 184 19.49 -15.04 -20.86
C SER G 184 18.93 -15.73 -19.64
N GLY G 185 18.99 -17.05 -19.57
CA GLY G 185 18.69 -17.72 -18.33
C GLY G 185 17.65 -18.81 -18.40
N PHE G 186 16.97 -18.91 -19.53
CA PHE G 186 15.83 -19.81 -19.64
C PHE G 186 16.28 -21.19 -20.11
N GLY G 187 15.50 -22.19 -19.77
CA GLY G 187 15.64 -23.52 -20.34
C GLY G 187 16.68 -24.41 -19.72
N ARG G 188 17.59 -23.85 -18.92
CA ARG G 188 18.66 -24.63 -18.33
C ARG G 188 18.13 -25.48 -17.19
N PHE G 189 18.55 -26.75 -17.16
CA PHE G 189 17.95 -27.72 -16.25
C PHE G 189 19.01 -28.60 -15.60
N GLU G 190 18.51 -29.63 -14.92
CA GLU G 190 19.30 -30.70 -14.34
C GLU G 190 18.67 -32.01 -14.77
N LEU G 191 19.49 -32.89 -15.36
CA LEU G 191 19.02 -34.16 -15.89
C LEU G 191 19.08 -35.26 -14.82
N ASP G 192 18.21 -36.25 -14.98
CA ASP G 192 18.13 -37.39 -14.07
C ASP G 192 17.50 -38.53 -14.87
N ILE G 193 18.32 -39.50 -15.25
CA ILE G 193 17.84 -40.59 -16.09
C ILE G 193 17.22 -41.66 -15.21
N GLN G 194 15.95 -41.97 -15.43
CA GLN G 194 15.28 -42.97 -14.63
C GLN G 194 14.72 -44.07 -15.53
N ASN G 195 14.30 -45.15 -14.89
CA ASN G 195 13.77 -46.31 -15.58
C ASN G 195 12.30 -46.07 -15.91
N ILE G 196 11.64 -47.09 -16.46
CA ILE G 196 10.26 -46.96 -16.92
C ILE G 196 9.37 -47.89 -16.10
N PRO G 197 8.20 -47.45 -15.66
CA PRO G 197 7.22 -48.37 -15.08
C PRO G 197 6.77 -49.42 -16.08
N LEU G 198 6.37 -50.57 -15.55
CA LEU G 198 6.01 -51.71 -16.40
C LEU G 198 4.67 -51.55 -17.09
N GLU G 199 3.89 -50.54 -16.75
CA GLU G 199 2.64 -50.25 -17.44
C GLU G 199 2.81 -49.17 -18.50
N LEU G 200 4.04 -48.72 -18.74
CA LEU G 200 4.34 -47.76 -19.79
C LEU G 200 5.16 -48.38 -20.90
N SER G 201 6.28 -49.05 -20.56
CA SER G 201 7.10 -49.68 -21.58
C SER G 201 6.45 -50.92 -22.16
N ASP G 202 5.43 -51.46 -21.50
CA ASP G 202 4.62 -52.51 -22.12
C ASP G 202 3.82 -51.97 -23.29
N ARG G 203 3.49 -50.68 -23.27
CA ARG G 203 2.64 -50.08 -24.27
C ARG G 203 3.40 -49.27 -25.31
N LEU G 204 4.68 -48.98 -25.09
CA LEU G 204 5.46 -48.21 -26.06
C LEU G 204 5.80 -49.09 -27.24
N THR G 205 4.87 -49.17 -28.19
CA THR G 205 5.11 -49.88 -29.42
C THR G 205 5.55 -48.93 -30.52
N LYS G 206 5.98 -49.51 -31.63
CA LYS G 206 6.24 -48.76 -32.85
C LYS G 206 5.70 -49.44 -34.10
N ASN G 207 5.30 -50.71 -34.02
CA ASN G 207 4.88 -51.45 -35.21
C ASN G 207 3.59 -52.24 -35.00
N HIS G 208 2.82 -51.95 -33.97
CA HIS G 208 1.62 -52.73 -33.67
C HIS G 208 0.43 -52.15 -34.40
N SER G 209 -0.10 -52.90 -35.36
CA SER G 209 -1.27 -52.47 -36.11
C SER G 209 -2.51 -52.56 -35.23
N ASP G 210 -2.77 -51.51 -34.46
CA ASP G 210 -3.83 -51.52 -33.46
C ASP G 210 -4.21 -50.07 -33.19
N LYS G 211 -5.27 -49.88 -32.39
CA LYS G 211 -5.67 -48.56 -31.92
C LYS G 211 -4.54 -47.98 -31.08
N VAL G 212 -3.91 -46.92 -31.59
CA VAL G 212 -2.62 -46.50 -31.08
C VAL G 212 -2.67 -44.99 -30.90
N MET G 213 -1.68 -44.46 -30.21
CA MET G 213 -1.64 -43.07 -29.81
C MET G 213 -0.22 -42.54 -29.96
N SER G 214 -0.06 -41.52 -30.79
CA SER G 214 1.27 -41.00 -31.05
C SER G 214 1.78 -40.22 -29.86
N LEU G 215 3.08 -40.32 -29.58
CA LEU G 215 3.70 -39.61 -28.48
C LEU G 215 4.83 -38.71 -28.94
N THR G 216 4.83 -38.30 -30.19
CA THR G 216 5.63 -37.14 -30.59
C THR G 216 4.95 -36.49 -31.79
N THR G 217 5.38 -35.28 -32.10
CA THR G 217 4.90 -34.61 -33.31
C THR G 217 5.49 -35.35 -34.50
N ALA G 218 4.65 -36.17 -35.14
CA ALA G 218 5.05 -37.10 -36.16
C ALA G 218 4.61 -36.64 -37.54
N LEU G 219 5.24 -37.21 -38.55
CA LEU G 219 4.84 -36.95 -39.92
C LEU G 219 5.04 -38.23 -40.71
N PRO G 220 3.96 -38.84 -41.19
CA PRO G 220 4.08 -40.15 -41.83
C PRO G 220 4.80 -40.10 -43.17
N VAL G 221 5.35 -41.25 -43.55
CA VAL G 221 5.82 -41.45 -44.92
C VAL G 221 4.60 -41.70 -45.79
N ASP G 222 4.65 -41.18 -47.03
CA ASP G 222 3.48 -40.94 -47.86
C ASP G 222 2.68 -42.19 -48.20
N ALA G 223 3.28 -43.37 -48.12
CA ALA G 223 2.50 -44.60 -48.28
C ALA G 223 1.60 -44.84 -47.08
N ASP G 224 2.04 -44.41 -45.90
CA ASP G 224 1.25 -44.56 -44.68
C ASP G 224 0.46 -43.31 -44.33
N LEU G 225 0.67 -42.21 -45.04
CA LEU G 225 0.03 -40.94 -44.75
C LEU G 225 -1.38 -40.87 -45.33
N GLU G 226 -1.73 -41.78 -46.23
CA GLU G 226 -3.07 -41.80 -46.81
C GLU G 226 -4.13 -42.08 -45.75
N GLU G 227 -4.05 -43.26 -45.13
CA GLU G 227 -5.01 -43.65 -44.12
C GLU G 227 -4.47 -43.48 -42.71
N ALA G 228 -3.48 -42.60 -42.54
CA ALA G 228 -3.22 -42.03 -41.23
C ALA G 228 -4.28 -41.03 -40.84
N MET G 229 -4.99 -40.46 -41.82
CA MET G 229 -6.00 -39.46 -41.57
C MET G 229 -7.41 -40.00 -41.63
N GLU G 230 -7.60 -41.22 -42.14
CA GLU G 230 -8.94 -41.76 -42.25
C GLU G 230 -9.53 -42.16 -40.92
N ASP G 231 -8.68 -42.41 -39.92
CA ASP G 231 -9.14 -42.63 -38.56
C ASP G 231 -8.43 -41.72 -37.56
N GLY G 232 -7.37 -41.03 -37.96
CA GLY G 232 -6.61 -40.24 -37.02
C GLY G 232 -7.37 -38.99 -36.57
N HIS G 233 -7.17 -38.64 -35.31
CA HIS G 233 -7.79 -37.48 -34.68
C HIS G 233 -6.65 -36.63 -34.15
N TYR G 234 -6.35 -35.51 -34.80
CA TYR G 234 -5.04 -34.90 -34.65
C TYR G 234 -5.11 -33.39 -34.59
N LEU G 235 -3.94 -32.78 -34.56
CA LEU G 235 -3.73 -31.34 -34.66
C LEU G 235 -2.68 -31.17 -35.74
N LEU G 236 -2.15 -29.98 -36.00
CA LEU G 236 -1.11 -29.87 -37.02
C LEU G 236 0.14 -29.07 -36.62
N THR G 237 0.00 -28.14 -35.70
CA THR G 237 1.07 -27.59 -34.87
C THR G 237 2.09 -26.69 -35.60
N LYS G 238 2.19 -26.79 -36.93
CA LYS G 238 2.97 -25.90 -37.81
C LYS G 238 4.40 -25.67 -37.30
N SER G 239 5.21 -26.70 -37.37
CA SER G 239 6.58 -26.52 -36.93
C SER G 239 7.37 -25.68 -37.92
N SER G 240 7.39 -24.38 -37.70
CA SER G 240 8.13 -23.44 -38.51
C SER G 240 9.18 -22.74 -37.66
N GLY G 241 9.85 -21.76 -38.24
CA GLY G 241 10.84 -21.01 -37.50
C GLY G 241 12.00 -20.64 -38.40
N PHE G 242 13.00 -19.94 -37.87
CA PHE G 242 14.20 -19.72 -38.64
C PHE G 242 15.17 -20.85 -38.36
N ALA G 243 15.92 -21.25 -39.38
CA ALA G 243 16.91 -22.30 -39.22
C ALA G 243 18.16 -21.72 -38.59
N PHE G 244 18.52 -22.22 -37.42
CA PHE G 244 19.72 -21.73 -36.74
C PHE G 244 20.96 -22.26 -37.41
N SER G 245 21.96 -21.40 -37.56
CA SER G 245 23.14 -21.74 -38.33
C SER G 245 24.29 -20.80 -38.03
N HIS G 246 25.50 -21.32 -38.16
CA HIS G 246 26.71 -20.53 -38.08
C HIS G 246 27.38 -20.36 -39.44
N ALA G 247 26.58 -20.41 -40.51
CA ALA G 247 27.12 -20.31 -41.85
C ALA G 247 26.22 -19.48 -42.76
N THR G 248 25.54 -18.47 -42.22
CA THR G 248 24.65 -17.62 -43.01
C THR G 248 25.11 -16.18 -43.10
N ASN G 249 25.31 -15.53 -41.93
CA ASN G 249 25.32 -14.07 -41.75
C ASN G 249 23.97 -13.46 -42.18
N GLU G 250 22.92 -14.27 -42.11
CA GLU G 250 21.57 -13.91 -42.54
C GLU G 250 20.60 -14.67 -41.65
N ASN G 251 19.32 -14.69 -42.04
CA ASN G 251 18.28 -15.35 -41.26
C ASN G 251 17.25 -15.90 -42.26
N TYR G 252 17.27 -17.20 -42.48
CA TYR G 252 16.35 -17.85 -43.40
C TYR G 252 15.39 -18.76 -42.64
N ARG G 253 14.19 -18.90 -43.18
CA ARG G 253 13.20 -19.71 -42.48
C ARG G 253 13.35 -21.16 -42.86
N LYS G 254 12.77 -22.03 -42.04
CA LYS G 254 12.65 -23.42 -42.39
C LYS G 254 11.47 -23.61 -43.34
N GLN G 255 11.24 -24.85 -43.80
CA GLN G 255 10.25 -25.10 -44.83
C GLN G 255 8.86 -25.42 -44.28
N ASP G 256 8.55 -24.96 -43.07
CA ASP G 256 7.17 -24.74 -42.61
C ASP G 256 6.38 -26.05 -42.58
N LEU G 257 6.92 -27.01 -41.86
CA LEU G 257 6.39 -28.37 -41.84
C LEU G 257 5.13 -28.46 -40.99
N TYR G 258 4.18 -29.26 -41.44
CA TYR G 258 2.99 -29.57 -40.68
C TYR G 258 3.04 -31.01 -40.22
N LYS G 259 2.87 -31.23 -38.92
CA LYS G 259 3.05 -32.54 -38.31
C LYS G 259 1.89 -32.84 -37.39
N PHE G 260 1.50 -34.11 -37.33
CA PHE G 260 0.44 -34.52 -36.42
C PHE G 260 0.93 -34.41 -34.99
N ALA G 261 0.17 -33.73 -34.13
CA ALA G 261 0.66 -33.42 -32.80
C ALA G 261 0.67 -34.65 -31.91
N SER G 262 1.24 -34.48 -30.72
CA SER G 262 1.26 -35.57 -29.77
C SER G 262 -0.12 -35.77 -29.17
N GLY G 263 -0.44 -37.01 -28.87
CA GLY G 263 -1.78 -37.35 -28.46
C GLY G 263 -2.72 -37.64 -29.60
N SER G 264 -2.25 -37.53 -30.84
CA SER G 264 -3.05 -37.91 -31.99
C SER G 264 -3.30 -39.40 -31.96
N THR G 265 -4.54 -39.80 -31.78
CA THR G 265 -4.85 -41.22 -31.76
C THR G 265 -4.97 -41.73 -33.18
N PHE G 266 -4.67 -43.01 -33.37
CA PHE G 266 -4.70 -43.64 -34.67
C PHE G 266 -5.21 -45.06 -34.54
N SER G 267 -5.48 -45.66 -35.68
CA SER G 267 -5.43 -47.10 -35.88
C SER G 267 -4.45 -47.34 -37.01
N LYS G 268 -3.81 -48.52 -37.01
CA LYS G 268 -2.78 -48.91 -37.97
C LYS G 268 -1.61 -47.93 -37.91
N THR G 269 -0.74 -48.09 -36.91
CA THR G 269 0.50 -47.35 -36.73
C THR G 269 1.31 -47.10 -38.01
N PHE G 270 1.99 -45.97 -38.08
CA PHE G 270 2.69 -45.55 -39.29
C PHE G 270 4.18 -45.43 -39.01
N GLU G 271 4.91 -44.92 -40.00
CA GLU G 271 6.36 -44.78 -39.91
C GLU G 271 6.72 -43.36 -40.30
N GLY G 272 7.40 -42.64 -39.39
CA GLY G 272 7.75 -41.26 -39.62
C GLY G 272 9.05 -41.11 -40.37
N GLN G 273 9.54 -39.86 -40.43
CA GLN G 273 10.73 -39.59 -41.23
C GLN G 273 11.40 -38.30 -40.78
N ILE G 274 12.68 -38.19 -41.12
CA ILE G 274 13.47 -37.00 -40.85
C ILE G 274 13.27 -36.07 -42.04
N VAL G 275 12.49 -35.00 -41.84
CA VAL G 275 12.03 -34.16 -42.95
C VAL G 275 12.99 -32.99 -43.09
N ASP G 276 13.85 -33.05 -44.11
CA ASP G 276 14.80 -31.99 -44.39
C ASP G 276 14.04 -30.74 -44.82
N VAL G 277 13.99 -29.75 -43.92
CA VAL G 277 13.24 -28.51 -44.13
C VAL G 277 14.24 -27.40 -44.41
N ARG G 278 15.34 -27.78 -45.03
CA ARG G 278 16.40 -26.86 -45.40
C ARG G 278 15.89 -25.78 -46.34
N PRO G 279 16.34 -24.53 -46.18
CA PRO G 279 16.04 -23.50 -47.18
C PRO G 279 16.66 -23.83 -48.53
N LEU G 280 16.17 -23.16 -49.55
CA LEU G 280 16.75 -23.34 -50.88
C LEU G 280 18.08 -22.63 -50.96
N ASP G 281 19.06 -23.30 -51.59
CA ASP G 281 20.45 -22.87 -51.67
C ASP G 281 21.03 -22.64 -50.27
N PHE G 282 21.10 -23.72 -49.50
CA PHE G 282 21.55 -23.63 -48.13
C PHE G 282 22.56 -24.74 -47.87
N PRO G 283 23.65 -24.47 -47.14
CA PRO G 283 24.80 -25.39 -47.14
C PRO G 283 24.57 -26.73 -46.46
N HIS G 284 23.98 -26.74 -45.28
CA HIS G 284 23.80 -27.93 -44.48
C HIS G 284 22.33 -28.20 -44.28
N ALA G 285 21.99 -29.47 -44.07
CA ALA G 285 20.59 -29.86 -43.90
C ALA G 285 20.04 -29.37 -42.57
N VAL G 286 18.72 -29.21 -42.53
CA VAL G 286 17.98 -28.84 -41.34
C VAL G 286 16.93 -29.92 -41.15
N LEU G 287 17.00 -30.66 -40.04
CA LEU G 287 16.57 -32.05 -40.07
C LEU G 287 15.11 -32.29 -39.66
N ASN G 288 14.62 -31.64 -38.61
CA ASN G 288 13.20 -31.59 -38.20
C ASN G 288 12.63 -33.00 -37.97
N TYR G 289 13.10 -33.61 -36.88
CA TYR G 289 12.73 -34.94 -36.45
C TYR G 289 11.23 -35.19 -36.34
N ALA G 290 10.69 -36.07 -37.20
CA ALA G 290 9.35 -36.60 -37.01
C ALA G 290 9.36 -38.10 -37.27
N LYS G 291 9.71 -38.89 -36.28
CA LYS G 291 9.42 -40.30 -36.37
C LYS G 291 8.93 -40.66 -34.97
N PRO G 292 7.81 -41.33 -34.86
CA PRO G 292 7.14 -41.43 -33.58
C PRO G 292 7.40 -42.66 -32.74
N LEU G 293 7.43 -42.44 -31.43
CA LEU G 293 7.17 -43.49 -30.46
C LEU G 293 5.69 -43.43 -30.14
N PHE G 294 5.04 -44.58 -30.10
CA PHE G 294 3.60 -44.67 -29.98
C PHE G 294 3.18 -45.07 -28.56
N PHE G 295 1.90 -45.38 -28.41
CA PHE G 295 1.32 -45.78 -27.14
C PHE G 295 0.06 -46.58 -27.42
N LYS G 296 0.01 -47.82 -26.95
CA LYS G 296 -1.20 -48.64 -27.10
C LYS G 296 -2.26 -48.19 -26.10
N LEU G 297 -3.49 -48.05 -26.59
CA LEU G 297 -4.60 -47.61 -25.75
C LEU G 297 -5.38 -48.79 -25.18
N GLU G 298 -5.98 -49.60 -26.04
CA GLU G 298 -6.82 -50.72 -25.64
C GLU G 298 -6.07 -52.04 -25.84
N VAL G 299 -4.77 -52.03 -25.59
CA VAL G 299 -3.96 -53.24 -25.66
C VAL G 299 -2.91 -53.23 -24.55
N ASN H 3 1.54 45.93 21.70
CA ASN H 3 2.45 45.39 22.69
C ASN H 3 1.86 45.56 24.07
N ASP H 4 1.00 44.62 24.46
CA ASP H 4 0.31 44.68 25.74
C ASP H 4 1.15 44.08 26.88
N TYR H 5 2.44 43.84 26.64
CA TYR H 5 3.34 43.38 27.70
C TYR H 5 3.62 44.55 28.62
N ARG H 6 2.70 44.75 29.57
CA ARG H 6 2.84 45.78 30.59
C ARG H 6 3.65 45.17 31.72
N THR H 7 4.91 45.57 31.82
CA THR H 7 5.76 45.05 32.87
C THR H 7 5.63 45.89 34.13
N PHE H 8 5.74 45.22 35.27
CA PHE H 8 5.70 45.85 36.59
C PHE H 8 7.04 45.64 37.27
N LYS H 9 7.14 46.10 38.50
CA LYS H 9 8.36 45.91 39.28
C LYS H 9 7.94 45.83 40.74
N LEU H 10 7.81 44.61 41.24
CA LEU H 10 7.43 44.39 42.62
C LEU H 10 8.68 44.42 43.48
N SER H 11 8.57 45.02 44.66
CA SER H 11 9.66 45.01 45.63
C SER H 11 9.12 44.40 46.91
N LEU H 12 9.89 43.46 47.47
CA LEU H 12 9.44 42.59 48.54
C LEU H 12 10.35 42.80 49.74
N LEU H 13 9.79 43.31 50.81
CA LEU H 13 10.50 43.54 52.06
C LEU H 13 10.02 42.53 53.09
N THR H 14 10.94 41.69 53.57
CA THR H 14 10.59 40.61 54.48
C THR H 14 10.55 41.17 55.90
N LEU H 15 9.36 41.22 56.48
CA LEU H 15 9.27 41.55 57.90
C LEU H 15 9.56 40.34 58.77
N ALA H 16 9.07 39.20 58.35
CA ALA H 16 9.16 37.96 59.08
C ALA H 16 10.11 37.03 58.35
N PRO H 17 10.63 35.99 59.00
CA PRO H 17 11.47 35.03 58.29
C PRO H 17 10.66 34.22 57.28
N ILE H 18 11.25 34.01 56.12
CA ILE H 18 10.57 33.38 54.99
C ILE H 18 11.38 32.18 54.56
N HIS H 19 10.75 31.01 54.58
CA HIS H 19 11.36 29.80 54.06
C HIS H 19 10.63 29.39 52.79
N ILE H 20 11.38 28.88 51.82
CA ILE H 20 10.80 28.33 50.60
C ILE H 20 11.60 27.10 50.22
N GLY H 21 10.95 25.95 50.21
CA GLY H 21 11.26 24.97 49.21
C GLY H 21 12.37 23.98 49.51
N ASN H 22 12.83 23.41 48.39
CA ASN H 22 13.89 22.45 48.12
C ASN H 22 13.50 21.03 48.51
N GLY H 23 12.42 20.83 49.25
CA GLY H 23 12.00 19.48 49.57
C GLY H 23 12.84 18.72 50.59
N GLU H 24 14.16 18.70 50.36
CA GLU H 24 15.14 18.00 51.16
C GLU H 24 15.32 18.66 52.53
N LYS H 25 16.03 17.96 53.42
CA LYS H 25 16.31 18.46 54.76
C LYS H 25 17.51 17.74 55.35
N TYR H 26 18.40 18.51 55.97
CA TYR H 26 19.53 17.93 56.68
C TYR H 26 19.05 17.23 57.94
N THR H 27 19.66 16.10 58.23
CA THR H 27 19.27 15.29 59.39
C THR H 27 19.98 15.80 60.65
N SER H 28 19.95 15.00 61.71
CA SER H 28 20.48 15.42 62.99
C SER H 28 22.00 15.43 63.03
N ARG H 29 22.64 14.58 62.24
CA ARG H 29 24.10 14.44 62.26
C ARG H 29 24.73 14.97 60.98
N GLU H 30 24.22 16.07 60.43
CA GLU H 30 24.75 16.57 59.17
C GLU H 30 25.08 18.04 59.26
N PHE H 31 25.57 18.49 60.41
CA PHE H 31 26.08 19.85 60.52
C PHE H 31 27.19 19.89 61.55
N ILE H 32 27.86 21.03 61.61
CA ILE H 32 28.96 21.29 62.54
C ILE H 32 28.76 22.67 63.14
N TYR H 33 28.64 22.74 64.45
CA TYR H 33 28.53 23.98 65.22
C TYR H 33 29.71 24.04 66.17
N GLU H 34 30.79 24.70 65.75
CA GLU H 34 31.95 24.85 66.63
C GLU H 34 32.33 26.29 66.87
N ASN H 35 32.22 27.14 65.87
CA ASN H 35 32.19 28.58 66.08
C ASN H 35 30.74 28.98 66.34
N LYS H 36 30.43 30.26 66.24
CA LYS H 36 29.03 30.68 66.32
C LYS H 36 28.30 30.58 64.99
N LYS H 37 28.81 29.78 64.06
CA LYS H 37 28.17 29.45 62.79
C LYS H 37 27.79 27.97 62.77
N PHE H 38 26.87 27.65 61.87
CA PHE H 38 26.51 26.28 61.53
C PHE H 38 27.14 25.96 60.19
N TYR H 39 27.94 24.90 60.17
CA TYR H 39 28.61 24.46 58.96
C TYR H 39 27.89 23.22 58.43
N PHE H 40 27.33 23.33 57.23
CA PHE H 40 26.64 22.22 56.57
C PHE H 40 27.53 21.72 55.45
N PRO H 41 28.25 20.62 55.65
CA PRO H 41 29.20 20.16 54.62
C PRO H 41 28.48 19.37 53.54
N ASP H 42 29.25 19.02 52.52
CA ASP H 42 28.86 17.94 51.63
C ASP H 42 29.26 16.64 52.30
N MET H 43 28.26 15.90 52.79
CA MET H 43 28.50 14.71 53.58
C MET H 43 29.11 13.58 52.75
N GLY H 44 28.95 13.62 51.43
CA GLY H 44 29.67 12.68 50.57
C GLY H 44 31.16 12.89 50.62
N LYS H 45 31.60 14.15 50.47
CA LYS H 45 33.00 14.47 50.64
C LYS H 45 33.47 14.29 52.07
N PHE H 46 32.56 14.47 53.04
CA PHE H 46 32.90 14.18 54.43
C PHE H 46 33.26 12.72 54.63
N TYR H 47 32.40 11.82 54.14
CA TYR H 47 32.66 10.39 54.27
C TYR H 47 33.86 9.95 53.42
N ASN H 48 34.08 10.58 52.26
CA ASN H 48 35.25 10.30 51.43
C ASN H 48 36.53 10.68 52.14
N LYS H 49 36.59 11.89 52.72
CA LYS H 49 37.82 12.33 53.35
C LYS H 49 38.00 11.70 54.73
N MET H 50 36.93 11.18 55.31
CA MET H 50 37.02 10.52 56.60
C MET H 50 37.33 9.04 56.46
N VAL H 51 37.12 8.43 55.29
CA VAL H 51 37.51 7.02 55.15
C VAL H 51 39.03 6.88 55.05
N GLU H 52 39.75 7.97 54.80
CA GLU H 52 41.21 7.97 54.99
C GLU H 52 41.57 7.85 56.46
N LYS H 53 40.71 8.32 57.35
CA LYS H 53 40.99 8.31 58.78
C LYS H 53 40.74 6.94 59.42
N ARG H 54 40.29 5.96 58.63
CA ARG H 54 40.11 4.56 59.04
C ARG H 54 39.13 4.45 60.21
N LEU H 55 38.08 5.27 60.16
CA LEU H 55 37.20 5.40 61.31
C LEU H 55 35.75 5.41 60.88
N ALA H 56 35.48 4.95 59.64
CA ALA H 56 34.12 4.93 59.11
C ALA H 56 33.24 3.93 59.85
N GLU H 57 33.83 2.89 60.44
CA GLU H 57 33.03 1.98 61.26
C GLU H 57 32.72 2.59 62.61
N LYS H 58 33.63 3.38 63.16
CA LYS H 58 33.31 4.14 64.36
C LYS H 58 32.33 5.26 64.04
N PHE H 59 32.39 5.80 62.82
CA PHE H 59 31.38 6.75 62.35
C PHE H 59 30.01 6.11 62.28
N GLU H 60 29.93 4.91 61.69
CA GLU H 60 28.68 4.16 61.65
C GLU H 60 28.19 3.78 63.04
N ALA H 61 29.11 3.58 63.99
CA ALA H 61 28.72 3.42 65.38
C ALA H 61 28.16 4.71 65.97
N PHE H 62 28.72 5.85 65.57
CA PHE H 62 28.23 7.15 66.04
C PHE H 62 26.85 7.46 65.50
N LEU H 63 26.52 7.00 64.29
CA LEU H 63 25.23 7.36 63.71
C LEU H 63 24.08 6.61 64.36
N ILE H 64 24.31 5.43 64.91
CA ILE H 64 23.24 4.68 65.57
C ILE H 64 23.43 4.74 67.07
N GLN H 65 24.33 5.61 67.52
CA GLN H 65 24.58 5.80 68.94
C GLN H 65 23.40 6.53 69.57
N THR H 66 22.64 5.86 70.42
CA THR H 66 21.48 6.45 71.08
C THR H 66 21.88 7.12 72.40
N ARG H 67 22.84 8.01 72.32
CA ARG H 67 23.43 8.65 73.48
C ARG H 67 22.58 9.84 73.90
N PRO H 68 22.43 10.10 75.20
CA PRO H 68 21.79 11.33 75.67
C PRO H 68 22.76 12.50 75.56
N ASN H 69 22.34 13.64 76.14
CA ASN H 69 23.12 14.88 76.19
C ASN H 69 23.42 15.39 74.78
N ALA H 70 22.40 15.97 74.13
CA ALA H 70 22.32 16.11 72.68
C ALA H 70 23.46 16.91 72.06
N ARG H 71 24.24 17.64 72.86
CA ARG H 71 25.41 18.31 72.30
C ARG H 71 26.51 17.32 71.93
N ASN H 72 26.39 16.08 72.41
CA ASN H 72 27.36 15.05 72.05
C ASN H 72 26.84 14.16 70.93
N ASN H 73 25.63 14.43 70.43
CA ASN H 73 25.09 13.63 69.34
C ASN H 73 25.21 14.29 67.97
N ARG H 74 25.49 15.59 67.89
CA ARG H 74 25.23 16.37 66.68
C ARG H 74 26.44 16.46 65.75
N LEU H 75 27.32 15.47 65.76
CA LEU H 75 28.50 15.32 64.90
C LEU H 75 29.59 16.36 65.20
N ILE H 76 29.39 17.25 66.18
CA ILE H 76 30.48 18.09 66.67
C ILE H 76 31.42 17.27 67.53
N SER H 77 30.85 16.55 68.52
CA SER H 77 31.65 15.81 69.49
C SER H 77 32.36 14.63 68.85
N PHE H 78 31.80 14.10 67.76
CA PHE H 78 32.48 13.06 66.99
C PHE H 78 33.80 13.57 66.44
N LEU H 79 33.84 14.83 66.03
CA LEU H 79 35.05 15.39 65.47
C LEU H 79 35.98 15.96 66.53
N ASN H 80 35.42 16.45 67.63
CA ASN H 80 36.28 16.94 68.71
C ASN H 80 36.91 15.81 69.49
N ASP H 81 36.19 14.71 69.68
CA ASP H 81 36.73 13.58 70.42
C ASP H 81 37.77 12.84 69.60
N ASN H 82 37.45 12.56 68.33
CA ASN H 82 38.32 11.78 67.46
C ASN H 82 39.28 12.66 66.67
N ARG H 83 39.45 13.92 67.09
CA ARG H 83 40.47 14.89 66.63
C ARG H 83 40.50 15.07 65.10
N ILE H 84 39.33 15.05 64.47
CA ILE H 84 39.20 15.52 63.09
C ILE H 84 38.96 17.02 63.18
N ALA H 85 39.88 17.80 62.60
CA ALA H 85 39.86 19.25 62.76
C ALA H 85 40.06 20.02 61.46
N GLU H 86 39.99 19.37 60.31
CA GLU H 86 40.31 20.08 59.07
C GLU H 86 39.09 20.85 58.54
N ARG H 87 37.90 20.23 58.58
CA ARG H 87 36.61 20.74 58.09
C ARG H 87 36.71 21.49 56.75
N SER H 88 37.45 20.89 55.82
CA SER H 88 37.67 21.44 54.49
C SER H 88 36.65 20.91 53.48
N PHE H 89 35.44 20.60 53.93
CA PHE H 89 34.51 19.87 53.09
C PHE H 89 33.69 20.82 52.24
N GLY H 90 32.62 20.30 51.64
CA GLY H 90 31.95 21.03 50.58
C GLY H 90 31.12 22.22 51.05
N GLY H 91 30.01 21.97 51.73
CA GLY H 91 28.81 22.78 51.48
C GLY H 91 28.77 24.27 51.71
N TYR H 92 28.58 24.73 52.95
CA TYR H 92 28.49 26.16 53.26
C TYR H 92 28.38 26.36 54.76
N SER H 93 28.35 27.63 55.15
CA SER H 93 28.22 28.05 56.53
C SER H 93 27.16 29.14 56.62
N ILE H 94 26.38 29.13 57.69
CA ILE H 94 25.51 30.26 57.99
C ILE H 94 25.69 30.66 59.44
N SER H 95 25.61 31.97 59.70
CA SER H 95 25.72 32.45 61.07
C SER H 95 24.46 32.11 61.85
N GLU H 96 24.55 32.23 63.16
CA GLU H 96 23.44 31.83 63.99
C GLU H 96 22.39 32.93 64.09
N THR H 97 21.16 32.50 64.39
CA THR H 97 20.16 33.44 64.88
C THR H 97 20.54 33.95 66.26
N GLY H 98 20.96 33.04 67.13
CA GLY H 98 21.30 33.40 68.50
C GLY H 98 20.15 33.08 69.43
N LEU H 99 19.01 32.72 68.85
CA LEU H 99 17.78 32.55 69.63
C LEU H 99 17.23 31.14 69.45
N GLU H 100 17.98 30.26 68.79
CA GLU H 100 17.56 28.91 68.44
C GLU H 100 17.49 28.06 69.70
N SER H 101 18.59 27.84 70.41
CA SER H 101 18.51 27.11 71.66
C SER H 101 17.94 28.01 72.74
N ASP H 102 16.73 27.67 73.21
CA ASP H 102 16.10 28.43 74.28
C ASP H 102 16.86 28.29 75.58
N LYS H 103 17.50 27.14 75.78
CA LYS H 103 18.27 26.90 76.99
C LYS H 103 19.60 27.62 76.92
N ASN H 104 19.80 28.58 77.81
CA ASN H 104 21.13 29.11 78.14
C ASN H 104 22.06 28.03 78.71
N PRO H 105 21.59 27.02 79.54
CA PRO H 105 22.42 25.82 79.72
C PRO H 105 22.68 25.15 78.38
N ASN H 106 23.89 24.60 78.24
CA ASN H 106 24.75 24.71 77.07
C ASN H 106 24.03 24.58 75.73
N SER H 107 23.55 23.35 75.42
CA SER H 107 22.62 23.03 74.31
C SER H 107 22.96 23.72 72.98
N ALA H 108 24.24 23.93 72.74
CA ALA H 108 24.70 24.82 71.68
C ALA H 108 25.03 23.98 70.46
N GLY H 109 24.32 24.26 69.36
CA GLY H 109 24.31 23.38 68.22
C GLY H 109 23.49 22.13 68.44
N ALA H 110 22.63 22.12 69.46
CA ALA H 110 21.74 20.99 69.71
C ALA H 110 20.44 21.12 68.95
N ILE H 111 20.43 21.91 67.87
CA ILE H 111 19.31 21.88 66.93
C ILE H 111 19.31 20.53 66.24
N ASN H 112 18.16 20.10 65.74
CA ASN H 112 18.11 18.74 65.24
C ASN H 112 17.86 18.63 63.74
N GLU H 113 16.76 19.09 63.18
CA GLU H 113 16.50 18.78 61.77
C GLU H 113 16.09 20.04 61.03
N VAL H 114 17.01 20.53 60.20
CA VAL H 114 16.78 21.78 59.46
C VAL H 114 16.32 21.47 58.05
N ASN H 115 15.38 22.27 57.57
CA ASN H 115 14.90 22.17 56.21
C ASN H 115 15.70 23.11 55.33
N LYS H 116 16.09 22.63 54.17
CA LYS H 116 16.94 23.43 53.31
C LYS H 116 16.12 24.52 52.63
N PHE H 117 16.81 25.50 52.08
CA PHE H 117 16.17 26.55 51.32
C PHE H 117 16.35 26.24 49.83
N ILE H 118 15.47 26.79 49.00
CA ILE H 118 15.56 26.55 47.57
C ILE H 118 16.80 27.23 47.01
N ARG H 119 17.57 26.49 46.22
CA ARG H 119 18.87 26.99 45.75
C ARG H 119 19.04 26.60 44.30
N ASP H 120 19.69 27.47 43.53
CA ASP H 120 20.01 27.10 42.17
C ASP H 120 21.22 26.18 42.16
N ALA H 121 21.55 25.64 40.98
CA ALA H 121 22.66 24.70 40.89
C ALA H 121 24.01 25.36 41.07
N PHE H 122 24.07 26.69 40.97
CA PHE H 122 25.24 27.42 41.38
C PHE H 122 25.45 27.30 42.89
N GLY H 123 24.35 27.34 43.65
CA GLY H 123 24.39 27.14 45.08
C GLY H 123 23.82 28.27 45.91
N ASN H 124 23.38 29.37 45.30
CA ASN H 124 22.94 30.63 45.87
C ASN H 124 21.43 30.64 46.06
N PRO H 125 20.90 31.14 47.17
CA PRO H 125 19.47 31.12 47.37
C PRO H 125 18.74 32.19 46.57
N TYR H 126 17.49 31.89 46.24
CA TYR H 126 16.64 32.83 45.54
C TYR H 126 15.21 32.51 45.92
N ILE H 127 14.29 33.38 45.50
CA ILE H 127 12.87 33.14 45.63
C ILE H 127 12.32 32.78 44.25
N PRO H 128 11.71 31.63 44.09
CA PRO H 128 11.14 31.28 42.79
C PRO H 128 9.86 32.03 42.51
N GLY H 129 9.67 32.36 41.24
CA GLY H 129 8.47 33.08 40.84
C GLY H 129 7.20 32.28 40.96
N SER H 130 7.30 30.95 40.89
CA SER H 130 6.11 30.13 41.06
C SER H 130 5.66 30.12 42.51
N SER H 131 6.56 30.40 43.44
CA SER H 131 6.17 30.52 44.84
C SER H 131 5.58 31.88 45.14
N LEU H 132 6.08 32.94 44.51
CA LEU H 132 5.51 34.27 44.70
C LEU H 132 4.17 34.39 44.00
N LYS H 133 3.95 33.65 42.92
CA LYS H 133 2.67 33.68 42.23
C LYS H 133 1.58 32.99 43.03
N GLY H 134 1.93 31.97 43.81
CA GLY H 134 0.93 31.37 44.67
C GLY H 134 0.53 32.27 45.83
N ALA H 135 1.39 33.20 46.21
CA ALA H 135 1.02 34.21 47.17
C ALA H 135 0.14 35.28 46.54
N ILE H 136 0.42 35.63 45.29
CA ILE H 136 -0.43 36.57 44.57
C ILE H 136 -1.81 35.97 44.33
N ARG H 137 -1.87 34.68 44.02
CA ARG H 137 -3.11 34.08 43.57
C ARG H 137 -4.14 33.95 44.69
N THR H 138 -3.71 33.79 45.94
CA THR H 138 -4.70 33.73 47.01
C THR H 138 -5.25 35.10 47.37
N ILE H 139 -4.42 36.13 47.27
CA ILE H 139 -4.91 37.50 47.42
C ILE H 139 -5.90 37.82 46.32
N LEU H 140 -5.65 37.33 45.12
CA LEU H 140 -6.60 37.54 44.03
C LEU H 140 -7.87 36.70 44.21
N MET H 141 -7.75 35.50 44.79
CA MET H 141 -8.93 34.64 44.92
C MET H 141 -9.85 35.10 46.05
N ASN H 142 -9.29 35.44 47.20
CA ASN H 142 -10.12 35.79 48.35
C ASN H 142 -10.79 37.14 48.19
N THR H 143 -10.13 38.09 47.52
CA THR H 143 -10.67 39.42 47.36
C THR H 143 -11.45 39.58 46.06
N THR H 144 -11.99 38.51 45.53
CA THR H 144 -12.84 38.56 44.34
C THR H 144 -14.06 37.69 44.63
N PRO H 145 -15.24 38.29 44.85
CA PRO H 145 -16.37 37.52 45.41
C PRO H 145 -16.97 36.51 44.46
N LYS H 146 -16.68 36.59 43.16
CA LYS H 146 -17.19 35.59 42.22
C LYS H 146 -16.42 34.28 42.29
N TRP H 147 -15.26 34.26 42.92
CA TRP H 147 -14.39 33.10 42.99
C TRP H 147 -14.47 32.39 44.34
N ASN H 148 -15.58 32.52 45.05
CA ASN H 148 -15.66 31.99 46.40
C ASN H 148 -16.96 31.25 46.70
N ASN H 149 -17.82 31.02 45.72
CA ASN H 149 -19.13 30.50 46.08
C ASN H 149 -19.20 28.97 46.00
N GLU H 150 -19.03 28.41 44.81
CA GLU H 150 -19.19 26.99 44.56
C GLU H 150 -17.86 26.26 44.51
N ASN H 151 -16.79 26.90 44.97
CA ASN H 151 -15.44 26.35 44.87
C ASN H 151 -15.25 25.23 45.88
N ALA H 152 -15.92 24.10 45.66
CA ALA H 152 -16.22 23.22 46.78
C ALA H 152 -16.53 21.80 46.26
N VAL H 153 -17.24 21.04 47.09
CA VAL H 153 -17.28 19.58 47.03
C VAL H 153 -17.98 19.10 45.77
N ASN H 154 -19.19 19.61 45.52
CA ASN H 154 -20.19 19.07 44.57
C ASN H 154 -20.56 17.62 44.88
N ASP H 155 -20.44 17.24 46.16
CA ASP H 155 -20.90 15.95 46.72
C ASP H 155 -20.23 14.77 46.00
N PHE H 156 -18.92 14.69 46.15
CA PHE H 156 -18.12 13.66 45.49
C PHE H 156 -17.44 12.72 46.47
N GLY H 157 -16.62 13.24 47.39
CA GLY H 157 -15.90 12.39 48.32
C GLY H 157 -15.86 12.98 49.71
N ARG H 158 -14.66 13.13 50.27
CA ARG H 158 -14.50 13.57 51.67
C ARG H 158 -14.25 15.07 51.72
N PHE H 159 -15.28 15.82 51.30
CA PHE H 159 -15.27 17.26 51.05
C PHE H 159 -14.04 17.69 50.26
N PRO H 160 -13.67 16.96 49.19
CA PRO H 160 -12.25 16.75 48.89
C PRO H 160 -11.44 17.98 48.46
N LYS H 161 -11.85 18.68 47.42
CA LYS H 161 -10.87 19.52 46.75
C LYS H 161 -11.52 20.72 46.09
N GLU H 162 -10.65 21.65 45.71
CA GLU H 162 -11.01 22.82 44.93
C GLU H 162 -11.57 22.38 43.58
N ASN H 163 -12.47 23.19 43.04
CA ASN H 163 -13.04 22.91 41.73
C ASN H 163 -12.00 23.02 40.64
N LYS H 164 -11.01 23.90 40.81
CA LYS H 164 -9.94 24.24 39.88
C LYS H 164 -10.45 24.81 38.57
N ASN H 165 -11.73 25.15 38.49
CA ASN H 165 -12.36 25.57 37.26
C ASN H 165 -13.28 26.77 37.47
N LEU H 166 -13.29 27.35 38.67
CA LEU H 166 -13.94 28.65 38.85
C LEU H 166 -13.21 29.72 38.07
N ILE H 167 -11.89 29.74 38.17
CA ILE H 167 -11.10 30.66 37.37
C ILE H 167 -11.00 30.00 36.00
N PRO H 168 -11.52 30.65 34.95
CA PRO H 168 -11.67 29.95 33.67
C PRO H 168 -10.33 29.70 33.03
N TRP H 169 -9.90 28.45 33.15
CA TRP H 169 -8.63 27.98 32.62
C TRP H 169 -8.84 26.85 31.63
N GLY H 170 -8.17 26.93 30.49
CA GLY H 170 -7.91 25.79 29.65
C GLY H 170 -7.54 26.21 28.24
N PRO H 171 -7.27 25.24 27.40
CA PRO H 171 -7.33 25.51 25.96
C PRO H 171 -8.77 25.71 25.51
N LYS H 172 -9.69 24.83 25.96
CA LYS H 172 -11.14 24.96 25.73
C LYS H 172 -11.48 24.97 24.24
N LYS H 173 -11.36 23.78 23.64
CA LYS H 173 -11.64 23.51 22.23
C LYS H 173 -12.95 24.11 21.74
N GLY H 174 -12.85 25.03 20.78
CA GLY H 174 -13.97 25.73 20.23
C GLY H 174 -14.18 27.13 20.77
N LYS H 175 -13.51 27.47 21.86
CA LYS H 175 -13.62 28.77 22.51
C LYS H 175 -12.34 29.57 22.24
N GLU H 176 -12.39 30.87 22.50
CA GLU H 176 -11.21 31.73 22.47
C GLU H 176 -10.28 31.40 23.64
N TYR H 177 -9.22 32.16 23.78
CA TYR H 177 -8.18 31.84 24.77
C TYR H 177 -8.12 32.92 25.84
N ASP H 178 -8.73 32.67 27.00
CA ASP H 178 -8.61 33.61 28.12
C ASP H 178 -7.38 33.39 28.98
N ASP H 179 -7.36 32.31 29.79
CA ASP H 179 -6.30 31.96 30.74
C ASP H 179 -5.72 33.11 31.55
N LEU H 180 -6.46 33.62 32.52
CA LEU H 180 -6.09 34.83 33.25
C LEU H 180 -4.70 34.72 33.91
N PHE H 181 -4.37 33.56 34.47
CA PHE H 181 -3.09 33.43 35.16
C PHE H 181 -1.95 32.99 34.24
N ASN H 182 -2.24 32.65 33.00
CA ASN H 182 -1.19 32.65 31.98
C ASN H 182 -0.80 34.08 31.66
N ALA H 183 -1.72 35.00 31.83
CA ALA H 183 -1.51 36.40 31.56
C ALA H 183 -0.89 37.14 32.73
N ILE H 184 -0.54 36.46 33.81
CA ILE H 184 0.11 37.06 34.95
C ILE H 184 1.44 36.34 35.07
N ARG H 185 2.51 36.95 34.57
CA ARG H 185 3.77 36.23 34.38
C ARG H 185 4.76 36.75 35.41
N VAL H 186 5.05 35.90 36.39
CA VAL H 186 5.88 36.24 37.54
C VAL H 186 7.27 35.67 37.33
N SER H 187 8.29 36.48 37.52
CA SER H 187 9.67 36.03 37.32
C SER H 187 10.30 35.61 38.63
N ASP H 188 11.33 34.77 38.52
CA ASP H 188 12.16 34.42 39.65
C ASP H 188 13.00 35.62 40.08
N SER H 189 13.45 35.62 41.32
CA SER H 189 14.19 36.76 41.80
C SER H 189 15.66 36.67 41.40
N LYS H 190 16.37 37.76 41.65
CA LYS H 190 17.81 37.73 41.58
C LYS H 190 18.35 36.84 42.69
N PRO H 191 19.31 35.94 42.39
CA PRO H 191 19.81 35.05 43.43
C PRO H 191 20.66 35.80 44.46
N PHE H 192 20.09 35.98 45.65
CA PHE H 192 20.77 36.75 46.69
C PHE H 192 21.76 35.86 47.43
N ASP H 193 22.30 36.38 48.52
CA ASP H 193 23.52 35.87 49.13
C ASP H 193 23.19 34.97 50.31
N ASN H 194 24.18 34.13 50.68
CA ASN H 194 24.04 33.23 51.81
C ASN H 194 23.96 33.94 53.15
N LYS H 195 24.37 35.21 53.22
CA LYS H 195 24.38 35.96 54.47
C LYS H 195 23.00 36.49 54.86
N SER H 196 21.94 36.04 54.20
CA SER H 196 20.58 36.42 54.54
C SER H 196 19.82 35.30 55.23
N LEU H 197 20.47 34.19 55.54
CA LEU H 197 19.79 33.01 56.05
C LEU H 197 20.18 32.78 57.50
N ILE H 198 19.20 32.44 58.35
CA ILE H 198 19.45 32.35 59.78
C ILE H 198 18.93 31.07 60.43
N LEU H 199 18.00 30.34 59.81
CA LEU H 199 17.36 29.14 60.37
C LEU H 199 16.69 29.44 61.72
N VAL H 200 15.56 30.13 61.62
CA VAL H 200 14.67 30.24 62.76
C VAL H 200 14.06 28.87 63.08
N GLN H 201 13.56 28.73 64.30
CA GLN H 201 13.14 27.38 64.66
C GLN H 201 11.71 27.11 64.22
N LYS H 202 10.75 27.33 65.12
CA LYS H 202 9.30 27.22 64.95
C LYS H 202 8.74 27.43 66.34
N TRP H 203 7.61 28.08 66.49
CA TRP H 203 7.04 28.32 67.80
C TRP H 203 5.53 28.37 67.57
N ASP H 204 4.83 27.32 68.00
CA ASP H 204 3.39 27.30 67.80
C ASP H 204 2.70 27.88 69.01
N TYR H 205 1.92 28.93 68.79
CA TYR H 205 1.30 29.72 69.85
C TYR H 205 -0.21 29.52 69.78
N SER H 206 -0.75 28.90 70.81
CA SER H 206 -2.14 28.46 70.77
C SER H 206 -3.07 29.50 71.35
N ALA H 207 -4.34 29.39 70.96
CA ALA H 207 -5.43 30.08 71.61
C ALA H 207 -6.09 29.13 72.60
N LYS H 208 -6.73 29.70 73.61
CA LYS H 208 -7.40 29.03 74.73
C LYS H 208 -6.45 28.25 75.64
N THR H 209 -5.14 28.28 75.38
CA THR H 209 -4.12 27.79 76.29
C THR H 209 -2.88 28.61 75.99
N ASN H 210 -2.68 29.68 76.76
CA ASN H 210 -1.75 30.74 76.38
C ASN H 210 -0.32 30.28 76.66
N LYS H 211 0.22 29.50 75.71
CA LYS H 211 1.61 29.07 75.74
C LYS H 211 2.17 29.13 74.33
N ALA H 212 3.47 28.90 74.24
CA ALA H 212 4.20 28.98 72.97
C ALA H 212 5.14 27.78 72.85
N LYS H 213 4.59 26.57 72.92
CA LYS H 213 5.39 25.35 72.84
C LYS H 213 6.16 25.27 71.52
N PRO H 214 7.47 25.10 71.56
CA PRO H 214 8.27 25.05 70.32
C PRO H 214 8.33 23.65 69.72
N LEU H 215 8.73 23.60 68.46
CA LEU H 215 8.71 22.40 67.65
C LEU H 215 10.11 22.03 67.14
N PRO H 216 10.37 20.72 66.88
CA PRO H 216 11.66 20.30 66.34
C PRO H 216 11.74 20.39 64.82
N LEU H 217 11.61 21.61 64.29
CA LEU H 217 11.49 21.80 62.84
C LEU H 217 12.11 23.16 62.56
N TYR H 218 13.39 23.22 62.21
CA TYR H 218 14.09 24.48 62.24
C TYR H 218 14.48 24.84 60.81
N ARG H 219 13.54 25.44 60.08
CA ARG H 219 13.74 25.67 58.66
C ARG H 219 14.67 26.85 58.39
N GLU H 220 15.47 26.73 57.33
CA GLU H 220 16.47 27.75 56.96
C GLU H 220 15.79 28.91 56.27
N SER H 221 15.33 29.87 57.05
CA SER H 221 14.57 30.98 56.50
C SER H 221 15.46 32.16 56.16
N ILE H 222 14.88 33.12 55.44
CA ILE H 222 15.54 34.38 55.12
C ILE H 222 15.51 35.28 56.34
N SER H 223 16.55 36.09 56.53
CA SER H 223 16.52 37.11 57.57
C SER H 223 15.47 38.16 57.24
N PRO H 224 14.88 38.78 58.26
CA PRO H 224 14.01 39.93 58.00
C PRO H 224 14.79 41.13 57.49
N LEU H 225 14.04 42.07 56.90
CA LEU H 225 14.56 43.28 56.26
C LEU H 225 15.58 42.96 55.16
N THR H 226 15.16 42.14 54.22
CA THR H 226 15.95 41.83 53.03
C THR H 226 15.14 42.18 51.80
N LYS H 227 15.60 43.17 51.05
CA LYS H 227 14.89 43.65 49.86
C LYS H 227 15.12 42.66 48.73
N ILE H 228 14.03 42.18 48.12
CA ILE H 228 14.08 41.21 47.03
C ILE H 228 13.18 41.70 45.91
N GLU H 229 13.68 41.71 44.68
CA GLU H 229 12.97 42.33 43.57
C GLU H 229 12.34 41.28 42.66
N PHE H 230 11.19 41.64 42.08
CA PHE H 230 10.47 40.75 41.18
C PHE H 230 9.97 41.53 39.98
N GLU H 231 9.86 40.82 38.85
CA GLU H 231 9.31 41.39 37.63
C GLU H 231 8.04 40.64 37.29
N ILE H 232 6.97 41.37 37.00
CA ILE H 232 5.69 40.78 36.64
C ILE H 232 5.22 41.45 35.36
N THR H 233 4.93 40.66 34.33
CA THR H 233 4.37 41.20 33.09
C THR H 233 2.94 40.70 32.95
N THR H 234 2.06 41.59 32.54
CA THR H 234 0.64 41.26 32.37
C THR H 234 0.24 41.51 30.92
N THR H 235 0.00 40.43 30.18
CA THR H 235 -0.27 40.54 28.76
C THR H 235 -1.72 40.79 28.42
N THR H 236 -2.64 40.63 29.37
CA THR H 236 -4.04 40.94 29.17
C THR H 236 -4.34 42.18 30.00
N ASP H 237 -5.16 43.07 29.44
CA ASP H 237 -5.63 44.23 30.18
C ASP H 237 -6.45 43.81 31.40
N GLU H 238 -7.19 42.70 31.30
CA GLU H 238 -7.89 42.13 32.44
C GLU H 238 -6.92 41.68 33.52
N ALA H 239 -5.78 41.12 33.13
CA ALA H 239 -4.74 40.80 34.10
C ALA H 239 -4.06 42.05 34.64
N GLY H 240 -3.86 43.06 33.79
CA GLY H 240 -3.30 44.33 34.20
C GLY H 240 -4.10 45.03 35.27
N ARG H 241 -5.43 44.92 35.22
CA ARG H 241 -6.28 45.51 36.26
C ARG H 241 -6.07 44.86 37.62
N LEU H 242 -6.02 43.52 37.69
CA LEU H 242 -5.81 42.85 38.97
C LEU H 242 -4.41 43.12 39.52
N ILE H 243 -3.39 43.06 38.66
CA ILE H 243 -2.05 43.21 39.20
C ILE H 243 -1.72 44.69 39.45
N GLU H 244 -2.53 45.63 38.94
CA GLU H 244 -2.45 46.98 39.46
C GLU H 244 -3.19 47.12 40.80
N GLU H 245 -4.35 46.47 40.93
CA GLU H 245 -5.17 46.62 42.12
C GLU H 245 -4.76 45.71 43.28
N LEU H 246 -3.61 45.02 43.14
CA LEU H 246 -3.05 44.25 44.26
C LEU H 246 -2.84 45.09 45.52
N GLY H 247 -2.57 46.38 45.40
CA GLY H 247 -2.42 47.22 46.57
C GLY H 247 -3.68 47.31 47.41
N LYS H 248 -4.84 47.47 46.75
CA LYS H 248 -6.09 47.42 47.47
C LYS H 248 -6.40 46.00 47.93
N ARG H 249 -6.11 45.01 47.09
CA ARG H 249 -6.54 43.65 47.39
C ARG H 249 -5.73 43.00 48.52
N ALA H 250 -4.46 43.34 48.67
CA ALA H 250 -3.69 42.78 49.77
C ALA H 250 -4.13 43.37 51.11
N GLN H 251 -4.44 44.67 51.13
CA GLN H 251 -5.03 45.29 52.30
C GLN H 251 -6.38 44.66 52.64
N ALA H 252 -7.20 44.38 51.63
CA ALA H 252 -8.51 43.77 51.86
C ALA H 252 -8.38 42.33 52.36
N PHE H 253 -7.41 41.58 51.83
CA PHE H 253 -7.15 40.23 52.29
C PHE H 253 -6.68 40.20 53.73
N TYR H 254 -5.76 41.09 54.08
CA TYR H 254 -5.28 41.13 55.45
C TYR H 254 -6.34 41.65 56.40
N LYS H 255 -7.25 42.51 55.92
CA LYS H 255 -8.35 42.96 56.75
C LYS H 255 -9.33 41.84 57.03
N ASP H 256 -9.69 41.06 56.00
CA ASP H 256 -10.60 39.94 56.20
C ASP H 256 -9.95 38.78 56.92
N TYR H 257 -8.63 38.69 56.93
CA TYR H 257 -7.91 37.64 57.62
C TYR H 257 -7.57 37.97 59.06
N LYS H 258 -7.35 39.25 59.38
CA LYS H 258 -7.17 39.63 60.78
C LYS H 258 -8.49 39.53 61.53
N ALA H 259 -9.59 39.94 60.91
CA ALA H 259 -10.90 39.84 61.54
C ALA H 259 -11.37 38.40 61.68
N PHE H 260 -10.82 37.49 60.89
CA PHE H 260 -11.17 36.08 60.98
C PHE H 260 -10.24 35.31 61.89
N PHE H 261 -8.95 35.60 61.82
CA PHE H 261 -7.99 34.70 62.45
C PHE H 261 -7.02 35.37 63.41
N LEU H 262 -6.55 36.60 63.10
CA LEU H 262 -5.58 37.21 64.00
C LEU H 262 -6.25 37.75 65.27
N SER H 263 -7.52 38.09 65.19
CA SER H 263 -8.32 38.19 66.40
C SER H 263 -8.56 36.78 66.92
N GLU H 264 -8.71 36.68 68.26
CA GLU H 264 -8.62 35.56 69.22
C GLU H 264 -7.16 35.29 69.59
N PHE H 265 -6.21 36.00 68.99
CA PHE H 265 -4.83 35.97 69.45
C PHE H 265 -4.45 37.32 70.03
N PRO H 266 -3.54 37.34 71.01
CA PRO H 266 -3.11 38.61 71.59
C PRO H 266 -2.30 39.45 70.61
N ASP H 267 -2.51 40.77 70.67
CA ASP H 267 -2.03 41.68 69.65
C ASP H 267 -0.54 41.98 69.78
N ASP H 268 0.07 41.67 70.93
CA ASP H 268 1.50 41.90 71.10
C ASP H 268 2.33 40.99 70.20
N LYS H 269 1.89 39.75 70.01
CA LYS H 269 2.62 38.84 69.13
C LYS H 269 2.34 39.08 67.64
N ILE H 270 1.50 40.06 67.31
CA ILE H 270 1.04 40.27 65.93
C ILE H 270 1.69 41.53 65.39
N GLN H 271 2.33 41.41 64.23
CA GLN H 271 3.07 42.52 63.66
C GLN H 271 2.14 43.51 62.98
N ALA H 272 2.67 44.70 62.70
CA ALA H 272 2.02 45.67 61.84
C ALA H 272 2.65 45.64 60.46
N ASN H 273 1.90 46.14 59.47
CA ASN H 273 2.20 45.87 58.07
C ASN H 273 3.39 46.68 57.60
N LEU H 274 3.27 48.02 57.61
CA LEU H 274 4.23 49.05 57.23
C LEU H 274 4.42 49.19 55.71
N GLN H 275 3.94 48.22 54.91
CA GLN H 275 3.76 48.28 53.45
C GLN H 275 2.60 47.35 53.12
N TYR H 276 2.49 46.92 51.84
CA TYR H 276 1.33 46.07 51.54
C TYR H 276 1.62 44.63 51.96
N PRO H 277 0.69 43.96 52.64
CA PRO H 277 0.99 42.64 53.23
C PRO H 277 0.87 41.47 52.27
N ILE H 278 1.72 40.47 52.50
CA ILE H 278 1.73 39.25 51.70
C ILE H 278 2.28 38.13 52.58
N TYR H 279 1.80 36.91 52.36
CA TYR H 279 2.20 35.77 53.16
C TYR H 279 2.95 34.79 52.27
N LEU H 280 4.25 34.96 52.18
CA LEU H 280 5.05 34.05 51.39
C LEU H 280 5.30 32.79 52.21
N GLY H 281 5.53 31.68 51.52
CA GLY H 281 5.19 30.36 52.01
C GLY H 281 6.00 29.82 53.19
N ALA H 282 5.64 28.58 53.56
CA ALA H 282 6.31 27.75 54.57
C ALA H 282 6.32 28.41 55.95
N GLY H 283 5.14 28.44 56.55
CA GLY H 283 5.10 28.65 57.97
C GLY H 283 4.16 29.76 58.33
N SER H 284 3.33 30.15 57.37
CA SER H 284 2.36 31.20 57.60
C SER H 284 1.03 30.67 58.11
N GLY H 285 0.86 29.36 58.15
CA GLY H 285 -0.40 28.76 58.52
C GLY H 285 -1.21 28.38 57.30
N ALA H 286 -2.21 27.52 57.52
CA ALA H 286 -3.02 27.04 56.40
C ALA H 286 -3.94 28.12 55.88
N TRP H 287 -4.34 29.07 56.72
CA TRP H 287 -5.36 30.03 56.35
C TRP H 287 -4.85 31.11 55.40
N THR H 288 -3.54 31.22 55.23
CA THR H 288 -2.96 32.10 54.22
C THR H 288 -2.74 31.40 52.90
N LYS H 289 -2.85 30.08 52.85
CA LYS H 289 -2.70 29.32 51.62
C LYS H 289 -4.03 28.88 51.04
N THR H 290 -5.13 29.12 51.74
CA THR H 290 -6.41 28.62 51.33
C THR H 290 -7.41 29.76 51.17
N LEU H 291 -8.59 29.39 50.68
CA LEU H 291 -9.77 30.25 50.76
C LEU H 291 -10.28 30.13 52.18
N PHE H 292 -9.90 31.07 53.04
CA PHE H 292 -10.09 30.87 54.47
C PHE H 292 -11.55 30.98 54.89
N LYS H 293 -12.33 31.81 54.21
CA LYS H 293 -13.74 31.93 54.50
C LYS H 293 -14.59 30.90 53.77
N GLN H 294 -13.97 29.90 53.15
CA GLN H 294 -14.68 28.76 52.58
C GLN H 294 -14.19 27.42 53.08
N ALA H 295 -13.23 27.39 54.00
CA ALA H 295 -12.63 26.15 54.47
C ALA H 295 -12.74 26.03 55.98
N ASP H 296 -13.94 26.30 56.51
CA ASP H 296 -14.13 26.35 57.95
C ASP H 296 -14.57 25.03 58.53
N GLY H 297 -15.33 24.24 57.80
CA GLY H 297 -15.66 22.89 58.19
C GLY H 297 -15.00 21.85 57.32
N ILE H 298 -14.08 22.26 56.45
CA ILE H 298 -13.52 21.41 55.41
C ILE H 298 -12.03 21.21 55.60
N LEU H 299 -11.35 22.18 56.22
CA LEU H 299 -9.92 22.07 56.46
C LEU H 299 -9.60 21.14 57.63
N GLN H 300 -10.31 21.30 58.76
CA GLN H 300 -10.00 20.49 59.94
C GLN H 300 -10.47 19.05 59.82
N ARG H 301 -11.31 18.74 58.83
CA ARG H 301 -11.82 17.38 58.67
C ARG H 301 -10.71 16.40 58.33
N ARG H 302 -9.61 16.86 57.74
CA ARG H 302 -8.49 16.01 57.38
C ARG H 302 -7.68 15.51 58.56
N TYR H 303 -8.01 15.87 59.79
CA TYR H 303 -7.14 15.56 60.92
C TYR H 303 -7.95 14.81 61.98
N SER H 304 -7.76 13.50 61.99
CA SER H 304 -8.25 12.54 62.99
C SER H 304 -7.08 11.72 63.51
N ARG H 305 -6.01 12.41 63.86
CA ARG H 305 -4.70 11.81 64.09
C ARG H 305 -4.23 12.24 65.48
N MET H 306 -2.93 12.03 65.74
CA MET H 306 -2.34 12.46 67.01
C MET H 306 -2.20 13.98 67.10
N LYS H 307 -2.21 14.67 65.98
CA LYS H 307 -1.72 16.04 65.89
C LYS H 307 -2.78 16.97 65.31
N THR H 308 -4.03 16.76 65.72
CA THR H 308 -5.19 17.43 65.13
C THR H 308 -5.20 18.92 65.42
N LYS H 309 -5.85 19.66 64.52
CA LYS H 309 -6.18 21.05 64.78
C LYS H 309 -7.16 21.12 65.95
N MET H 310 -6.93 22.10 66.82
CA MET H 310 -7.42 22.05 68.20
C MET H 310 -8.94 22.02 68.27
N VAL H 311 -9.59 23.11 67.87
CA VAL H 311 -11.04 23.10 67.69
C VAL H 311 -11.32 23.53 66.26
N LYS H 312 -10.93 24.75 65.95
CA LYS H 312 -11.10 25.36 64.64
C LYS H 312 -10.18 26.57 64.65
N LYS H 313 -9.72 26.96 63.45
CA LYS H 313 -8.80 28.07 63.25
C LYS H 313 -7.51 27.85 64.03
N GLY H 314 -6.72 26.89 63.54
CA GLY H 314 -5.53 26.35 64.17
C GLY H 314 -4.47 27.26 64.72
N VAL H 315 -3.52 26.63 65.45
CA VAL H 315 -2.48 27.29 66.21
C VAL H 315 -1.68 28.30 65.37
N LEU H 316 -1.35 29.44 65.98
CA LEU H 316 -0.56 30.47 65.30
C LEU H 316 0.89 30.02 65.16
N LYS H 317 1.55 30.48 64.10
CA LYS H 317 2.91 30.05 63.77
C LYS H 317 3.87 31.22 63.92
N LEU H 318 4.43 31.37 65.11
CA LEU H 318 5.44 32.38 65.38
C LEU H 318 6.82 31.73 65.24
N THR H 319 7.86 32.56 65.22
CA THR H 319 9.24 32.08 65.31
C THR H 319 10.04 32.97 66.24
N LYS H 320 11.35 32.75 66.26
CA LYS H 320 12.29 33.60 66.99
C LYS H 320 13.48 33.92 66.09
N ALA H 321 13.48 35.12 65.53
CA ALA H 321 14.60 35.73 64.85
C ALA H 321 14.92 37.01 65.60
N PRO H 322 16.15 37.55 65.52
CA PRO H 322 16.51 38.68 66.39
C PRO H 322 15.84 39.96 65.96
N LEU H 323 15.96 40.96 66.84
CA LEU H 323 15.25 42.22 66.69
C LEU H 323 15.87 43.06 65.58
N LYS H 324 15.01 43.66 64.77
CA LYS H 324 15.43 44.58 63.71
C LYS H 324 14.50 45.78 63.71
N THR H 325 14.99 46.88 63.14
CA THR H 325 14.40 48.23 63.21
C THR H 325 14.04 48.65 64.62
N SER H 334 10.09 49.30 65.37
CA SER H 334 10.59 47.94 65.33
C SER H 334 9.49 47.01 64.85
N LEU H 335 9.87 46.00 64.09
CA LEU H 335 8.91 45.05 63.53
C LEU H 335 8.13 44.23 64.56
N VAL H 336 8.82 43.76 65.60
CA VAL H 336 8.23 42.89 66.62
C VAL H 336 7.08 43.40 67.52
N LYS H 337 7.12 44.66 67.92
CA LYS H 337 6.10 45.31 68.78
C LYS H 337 5.96 44.77 70.23
N ASN H 338 6.53 43.61 70.49
CA ASN H 338 6.54 43.04 71.84
C ASN H 338 7.98 42.71 72.23
N HIS H 339 8.14 41.95 73.30
CA HIS H 339 9.41 41.43 73.72
C HIS H 339 9.56 40.03 73.13
N GLU H 340 10.65 39.34 73.53
CA GLU H 340 10.95 37.91 73.31
C GLU H 340 10.93 37.47 71.84
N SER H 341 10.87 38.41 70.89
CA SER H 341 11.15 38.23 69.47
C SER H 341 10.25 37.18 68.82
N PHE H 342 8.96 37.48 68.77
CA PHE H 342 7.99 36.62 68.10
C PHE H 342 7.56 37.25 66.80
N TYR H 343 8.20 36.83 65.71
CA TYR H 343 7.82 37.21 64.35
C TYR H 343 6.68 36.30 63.90
N GLU H 344 6.30 36.37 62.62
CA GLU H 344 5.13 35.62 62.17
C GLU H 344 5.39 34.61 61.07
N MET H 345 6.64 34.47 60.62
CA MET H 345 7.10 33.39 59.74
C MET H 345 6.35 33.41 58.39
N GLY H 346 6.63 34.44 57.61
CA GLY H 346 6.13 34.49 56.26
C GLY H 346 5.43 35.80 56.00
N LYS H 347 5.24 36.57 57.04
CA LYS H 347 4.61 37.88 56.94
C LYS H 347 5.59 38.83 56.28
N ALA H 348 5.47 38.99 54.96
CA ALA H 348 6.28 39.93 54.21
C ALA H 348 5.40 41.05 53.70
N ASN H 349 6.04 42.00 53.02
CA ASN H 349 5.35 43.12 52.43
C ASN H 349 5.87 43.38 51.04
N PHE H 350 5.11 44.16 50.29
CA PHE H 350 5.52 44.53 48.95
C PHE H 350 5.03 45.93 48.65
N MET H 351 5.64 46.50 47.62
CA MET H 351 5.12 47.68 46.93
C MET H 351 5.41 47.52 45.45
N ILE H 352 4.44 47.92 44.63
CA ILE H 352 4.47 47.69 43.19
C ILE H 352 4.43 49.01 42.45
N LYS H 353 5.07 49.03 41.28
CA LYS H 353 4.97 50.16 40.38
C LYS H 353 5.17 49.70 38.95
N GLU H 354 4.44 50.30 38.04
CA GLU H 354 4.54 49.98 36.63
C GLU H 354 5.80 50.60 36.03
N ILE H 355 6.44 49.88 35.13
CA ILE H 355 7.61 50.39 34.45
C ILE H 355 7.26 50.82 33.04
PG ANP K . -19.32 -19.25 -20.32
O1G ANP K . -20.22 -18.09 -20.10
O2G ANP K . -18.68 -19.70 -18.96
O3G ANP K . -18.19 -18.83 -21.34
PB ANP K . -21.00 -19.99 -22.32
O1B ANP K . -22.25 -20.75 -22.51
O2B ANP K . -21.32 -18.48 -22.15
N3B ANP K . -20.21 -20.53 -20.95
PA ANP K . -19.57 -18.96 -24.38
O1A ANP K . -20.06 -17.68 -23.86
O2A ANP K . -18.04 -19.05 -24.48
O3A ANP K . -20.07 -20.19 -23.55
O5' ANP K . -20.22 -19.18 -25.77
C5' ANP K . -21.63 -19.41 -25.88
C4' ANP K . -21.89 -19.87 -27.29
O4' ANP K . -23.20 -19.45 -27.71
C3' ANP K . -20.90 -19.33 -28.32
O3' ANP K . -20.48 -20.37 -29.21
C2' ANP K . -21.70 -18.25 -29.05
O2' ANP K . -21.29 -18.11 -30.40
C1' ANP K . -23.10 -18.85 -28.98
N9 ANP K . -24.17 -17.88 -29.13
C8 ANP K . -24.07 -16.51 -29.05
N7 ANP K . -25.21 -15.88 -29.21
C5 ANP K . -26.11 -16.90 -29.44
C6 ANP K . -27.50 -16.89 -29.70
N6 ANP K . -28.23 -15.78 -29.77
N1 ANP K . -28.11 -18.08 -29.88
C2 ANP K . -27.38 -19.20 -29.80
N3 ANP K . -26.07 -19.33 -29.56
C4 ANP K . -25.50 -18.14 -29.39
PG ANP L . -12.52 -22.69 -31.49
O1G ANP L . -13.41 -23.87 -31.75
O2G ANP L . -11.07 -23.01 -32.01
O3G ANP L . -12.48 -22.40 -29.94
PB ANP L . -14.75 -21.17 -31.97
O1B ANP L . -15.46 -20.52 -33.11
O2B ANP L . -15.36 -22.57 -31.67
N3B ANP L . -13.13 -21.33 -32.31
PA ANP L . -13.65 -19.40 -30.26
O1A ANP L . -12.89 -20.15 -29.23
O2A ANP L . -12.85 -19.05 -31.51
O3A ANP L . -14.90 -20.25 -30.73
O5' ANP L . -14.27 -18.11 -29.61
C5' ANP L . -15.69 -17.85 -29.60
C4' ANP L . -15.89 -16.46 -29.08
O4' ANP L . -15.07 -15.55 -29.84
C3' ANP L . -17.30 -15.90 -29.21
O3' ANP L . -18.10 -16.32 -28.11
C2' ANP L . -17.05 -14.39 -29.21
O2' ANP L . -17.01 -13.87 -27.88
C1' ANP L . -15.67 -14.27 -29.88
N9 ANP L . -15.73 -13.82 -31.27
C8 ANP L . -16.20 -14.55 -32.33
N7 ANP L . -16.15 -13.89 -33.47
C5 ANP L . -15.62 -12.66 -33.13
C6 ANP L . -15.31 -11.52 -33.89
N6 ANP L . -15.51 -11.42 -35.20
N1 ANP L . -14.79 -10.46 -33.23
C2 ANP L . -14.58 -10.54 -31.92
N3 ANP L . -14.83 -11.56 -31.10
C4 ANP L . -15.36 -12.60 -31.77
MG MG M . -20.00 -16.79 -22.01
MG MG N . -18.79 -15.52 -24.38
ZN ZN O . -0.10 -10.68 -41.84
#